data_6OGE
#
_entry.id   6OGE
#
_cell.length_a   1
_cell.length_b   1
_cell.length_c   1
_cell.angle_alpha   90.00
_cell.angle_beta   90.00
_cell.angle_gamma   90.00
#
_symmetry.space_group_name_H-M   'P 1'
#
loop_
_entity.id
_entity.type
_entity.pdbx_description
1 polymer 'Receptor tyrosine-protein kinase erbB-2'
2 polymer 'Pertuzumab FAB LIGHT CHAIN'
3 polymer 'Pertuzumab FAB HEAVY CHAIN'
4 polymer 'Trastuzumab FAB LIGHT CHAIN'
5 polymer 'Trastuzumab FAB HEAVY CHAIN'
6 branched alpha-D-mannopyranose-(1-3)-beta-D-mannopyranose-(1-4)-2-acetamido-2-deoxy-beta-D-glucopyranose-(1-4)-2-acetamido-2-deoxy-beta-D-glucopyranose
7 non-polymer 2-acetamido-2-deoxy-beta-D-glucopyranose
#
loop_
_entity_poly.entity_id
_entity_poly.type
_entity_poly.pdbx_seq_one_letter_code
_entity_poly.pdbx_strand_id
1 'polypeptide(L)'
;TQVCTGTDMKLRLPASPETHLDMLRHLYQGCQVVQGNLELTYLPTNASLSFLQDIQEVQGYVLIAHNQVRQVPLQRLRIV
RGTQLFEDNYALAVLDNGDPLNNTTPVTGASPGGLRELQLRSLTEILKGGVLIQRNPQLCYQDTILWKDIFHKNNQLALT
LIDTNRSRACHPCSPMCKGSRCWGESSEDCQSLTRTVCAGGCARCKGPLPTDCCHEQCAAGCTGPKHSDCLACLHFNHSG
ICELHCPALVTYNTDTFESMPNPEGRYTFGASCVTACPYNYLSTDVGSCTLVCPLHNQEVTAEDGTQRCEKCSKPCARVC
YGLGMEHLREVRAVTSANIQEFAGCKKIFGSLAFLPESFDGDPASNTAPLQPEQLQVFETLEEITGYLYISAWPDSLPDL
SVFQNLQVIRGRILHNGAYSLTLQGLGISWLGLRSLRELGSGLALIHHNTHLCFVHTVPWDQLFRNPHQALLHTANRPED
ECVGEGLACHQLCARGHCWGPGPTQCVNCSQFLRGQECVEECRVLQGLPREYVNARHCLPCHPECQPQNGSVTCFGPEAD
QCVACAHYKDPPFCVARCPSGVKPDLSYMPIWKFPDEEGACQPCPINCTHSCVDLDDKGCPA
;
A
2 'polypeptide(L)'
;DIQMTQSPSSLSASVGDRVTITCKASQDVSIGVAWYQQKPGKAPKLLIYSASYRYTGVPSRFSGSGSGTDFTLTISSLQP
EDFATYYCQQYYIYPYTFGQGTKVEIKRTVAAPSVFIFPPSDEQLKSGTASVVCLLNNFYPREAKVQWKVDNALQSGNSQ
ESVTEQDSKDSTYSLSSTLTLSKADYEKHKVYACEVTHQGLSSPVTKSFNRGEC
;
B
3 'polypeptide(L)'
;EVQLVESGGGLVQPGGSLRLSCAASGFTFTDYTMDWVRQAPGKGLEWVADVNPNSGGSIYNQRFKGRFTLSVDRSKNTLY
LQMNSLRAEDTAVYYCARNLGPSFYFDYWGQGTLVTVSSASTKGPSVFPLAPSSKSTSGGTAALGCLVKDYFPEPVTVSW
NSGALTSGVHTFPAVLQSSGLYSLSSVVTVPSSSLGTQTYICNVNHKPSNTKVDKKVEPKSC
;
C
4 'polypeptide(L)'
;DIQMTQSPSSLSASVGDRVTITCRASQDVNTAVAWYQQKPGKAPKLLIYSASFLYSGVPSRFSGSRSGTDFTLTISSLQP
EDFATYYCQQHYTTPPTFGQGTKVEIKRTVAAPSVFIFPPSDEQLKSGTASVVCLLNNFYPREAKVQWKVDNALQSGNSQ
ESVTEQDSKDSTYSLSSTLTLSKADYEKHKVYACEVTHQGLSSPVTKSFNRGEC
;
D
5 'polypeptide(L)'
;EVQLVESGGGLVQPGGSLRLSCAASGFNIKDTYIHWVRQAPGKGLEWVARIYPTNGYTRYADSVKGRFTISADTSKNTAY
LQMNSLRAEDTAVYYCSRWGGDGFYAMDYWGQGTLVTVSSASTKGPSVFPLAPSSKSTSGGTAALGCLVKDYFPEPVTVS
WNSGALTSGVHTFPAVLQSSGLYSLSSVVTVPSSSLGTQTYICNVNHKPSNTKVDKKVEP
;
E
#
loop_
_chem_comp.id
_chem_comp.type
_chem_comp.name
_chem_comp.formula
BMA D-saccharide, beta linking beta-D-mannopyranose 'C6 H12 O6'
MAN D-saccharide, alpha linking alpha-D-mannopyranose 'C6 H12 O6'
NAG D-saccharide, beta linking 2-acetamido-2-deoxy-beta-D-glucopyranose 'C8 H15 N O6'
#
# COMPACT_ATOMS: atom_id res chain seq x y z
N THR A 1 1.87 3.94 -32.84
CA THR A 1 2.39 2.82 -32.07
C THR A 1 2.39 1.57 -32.93
N GLN A 2 3.50 0.85 -32.91
CA GLN A 2 3.58 -0.42 -33.61
C GLN A 2 2.80 -1.53 -32.91
N VAL A 3 2.26 -1.29 -31.72
CA VAL A 3 1.58 -2.29 -30.92
C VAL A 3 0.13 -1.88 -30.75
N CYS A 4 -0.79 -2.81 -31.00
CA CYS A 4 -2.21 -2.53 -30.92
C CYS A 4 -2.95 -3.76 -30.43
N THR A 5 -4.27 -3.64 -30.36
CA THR A 5 -5.12 -4.60 -29.68
C THR A 5 -6.00 -5.34 -30.68
N GLY A 6 -6.02 -6.67 -30.57
CA GLY A 6 -6.90 -7.48 -31.39
C GLY A 6 -8.31 -7.53 -30.85
N THR A 7 -9.12 -8.38 -31.49
CA THR A 7 -10.55 -8.46 -31.19
C THR A 7 -10.91 -9.87 -30.74
N ASP A 8 -12.15 -10.01 -30.25
CA ASP A 8 -12.66 -11.31 -29.80
C ASP A 8 -14.14 -11.44 -30.18
N MET A 9 -14.39 -11.90 -31.41
CA MET A 9 -15.76 -12.05 -31.88
C MET A 9 -15.90 -13.32 -32.72
N LYS A 10 -15.47 -14.44 -32.14
CA LYS A 10 -15.30 -15.72 -32.83
C LYS A 10 -16.58 -16.17 -33.51
N LEU A 11 -16.57 -16.10 -34.84
CA LEU A 11 -17.62 -16.57 -35.73
C LEU A 11 -18.98 -15.90 -35.53
N ARG A 12 -19.04 -14.83 -34.73
CA ARG A 12 -20.26 -14.06 -34.66
C ARG A 12 -20.36 -13.17 -35.88
N LEU A 13 -21.58 -12.99 -36.36
CA LEU A 13 -21.82 -12.00 -37.38
C LEU A 13 -21.63 -10.61 -36.77
N PRO A 14 -21.22 -9.63 -37.57
CA PRO A 14 -20.98 -8.29 -37.05
C PRO A 14 -22.26 -7.60 -36.61
N ALA A 15 -22.07 -6.50 -35.88
CA ALA A 15 -23.20 -5.68 -35.48
C ALA A 15 -23.76 -4.92 -36.68
N SER A 16 -22.93 -4.11 -37.33
CA SER A 16 -23.30 -3.39 -38.54
C SER A 16 -22.44 -3.88 -39.68
N PRO A 17 -22.87 -4.92 -40.39
CA PRO A 17 -22.01 -5.55 -41.39
C PRO A 17 -21.83 -4.73 -42.64
N GLU A 18 -22.63 -3.69 -42.84
CA GLU A 18 -22.34 -2.76 -43.93
C GLU A 18 -21.06 -1.99 -43.66
N THR A 19 -20.88 -1.57 -42.42
CA THR A 19 -19.79 -0.71 -42.03
C THR A 19 -18.63 -1.47 -41.42
N HIS A 20 -18.80 -2.77 -41.22
CA HIS A 20 -17.90 -3.55 -40.38
C HIS A 20 -16.49 -3.61 -40.94
N LEU A 21 -16.36 -3.49 -42.26
CA LEU A 21 -15.07 -3.41 -42.93
C LEU A 21 -14.24 -2.27 -42.38
N ASP A 22 -14.78 -1.07 -42.43
CA ASP A 22 -14.01 0.11 -42.09
C ASP A 22 -13.77 0.23 -40.59
N MET A 23 -14.39 -0.63 -39.78
CA MET A 23 -13.92 -0.80 -38.43
C MET A 23 -12.49 -1.30 -38.42
N LEU A 24 -12.17 -2.23 -39.32
CA LEU A 24 -10.85 -2.83 -39.30
C LEU A 24 -9.80 -1.85 -39.81
N ARG A 25 -10.17 -1.04 -40.79
CA ARG A 25 -9.19 -0.18 -41.46
C ARG A 25 -8.71 0.92 -40.54
N HIS A 26 -9.58 1.42 -39.67
CA HIS A 26 -9.11 2.29 -38.60
C HIS A 26 -8.32 1.53 -37.56
N LEU A 27 -8.49 0.21 -37.51
CA LEU A 27 -7.96 -0.50 -36.36
C LEU A 27 -6.57 -1.03 -36.58
N TYR A 28 -6.35 -1.70 -37.72
CA TYR A 28 -5.10 -2.40 -37.98
C TYR A 28 -4.23 -1.64 -38.96
N GLN A 29 -4.22 -0.32 -38.84
CA GLN A 29 -3.45 0.53 -39.74
C GLN A 29 -2.04 0.69 -39.20
N GLY A 30 -1.06 0.12 -39.89
CA GLY A 30 0.33 0.37 -39.57
C GLY A 30 0.82 -0.26 -38.28
N CYS A 31 0.09 -1.23 -37.75
CA CYS A 31 0.45 -1.85 -36.49
C CYS A 31 1.17 -3.17 -36.74
N GLN A 32 2.18 -3.42 -35.94
CA GLN A 32 3.04 -4.58 -36.14
C GLN A 32 2.78 -5.70 -35.15
N VAL A 33 2.38 -5.35 -33.94
CA VAL A 33 2.25 -6.31 -32.85
C VAL A 33 0.81 -6.23 -32.36
N VAL A 34 0.15 -7.38 -32.29
CA VAL A 34 -1.27 -7.42 -31.97
C VAL A 34 -1.45 -7.99 -30.58
N GLN A 35 -2.13 -7.25 -29.71
CA GLN A 35 -2.47 -7.72 -28.38
C GLN A 35 -3.92 -8.19 -28.41
N GLY A 36 -4.12 -9.41 -28.91
CA GLY A 36 -5.45 -9.92 -29.08
C GLY A 36 -5.51 -10.98 -30.15
N ASN A 37 -6.45 -10.87 -31.09
CA ASN A 37 -6.52 -11.85 -32.15
C ASN A 37 -6.85 -11.21 -33.48
N LEU A 38 -6.06 -11.53 -34.49
CA LEU A 38 -6.37 -11.15 -35.85
C LEU A 38 -7.55 -11.98 -36.34
N GLU A 39 -8.71 -11.36 -36.39
CA GLU A 39 -9.95 -12.04 -36.76
C GLU A 39 -10.47 -11.38 -38.02
N LEU A 40 -10.47 -12.10 -39.13
CA LEU A 40 -10.85 -11.55 -40.42
C LEU A 40 -12.11 -12.26 -40.89
N THR A 41 -13.25 -11.63 -40.68
CA THR A 41 -14.54 -12.27 -40.84
C THR A 41 -15.43 -11.51 -41.81
N TYR A 42 -16.08 -12.28 -42.71
CA TYR A 42 -17.17 -11.81 -43.56
C TYR A 42 -16.72 -10.68 -44.48
N LEU A 43 -15.72 -10.97 -45.30
CA LEU A 43 -15.14 -9.89 -46.07
C LEU A 43 -15.37 -10.07 -47.56
N PRO A 44 -16.03 -9.13 -48.22
CA PRO A 44 -16.37 -9.29 -49.62
C PRO A 44 -15.21 -8.89 -50.52
N THR A 45 -15.37 -9.20 -51.80
CA THR A 45 -14.31 -9.05 -52.79
C THR A 45 -13.94 -7.61 -53.07
N ASN A 46 -14.76 -6.66 -52.67
CA ASN A 46 -14.50 -5.27 -52.97
C ASN A 46 -13.56 -4.64 -51.96
N ALA A 47 -13.14 -5.40 -50.96
CA ALA A 47 -12.39 -4.86 -49.84
C ALA A 47 -10.94 -4.66 -50.23
N SER A 48 -10.54 -3.41 -50.41
CA SER A 48 -9.13 -3.07 -50.55
C SER A 48 -8.50 -3.10 -49.17
N LEU A 49 -7.61 -4.07 -48.94
CA LEU A 49 -7.18 -4.38 -47.59
C LEU A 49 -5.69 -4.20 -47.36
N SER A 50 -4.99 -3.53 -48.28
CA SER A 50 -3.53 -3.46 -48.32
C SER A 50 -2.88 -2.83 -47.09
N PHE A 51 -3.68 -2.23 -46.20
CA PHE A 51 -3.21 -1.71 -44.92
C PHE A 51 -2.74 -2.81 -43.97
N LEU A 52 -3.03 -4.07 -44.25
CA LEU A 52 -2.63 -5.18 -43.39
C LEU A 52 -1.17 -5.56 -43.56
N GLN A 53 -0.42 -4.87 -44.40
CA GLN A 53 0.94 -5.31 -44.70
C GLN A 53 1.94 -5.01 -43.61
N ASP A 54 1.62 -4.10 -42.69
CA ASP A 54 2.58 -3.68 -41.68
C ASP A 54 2.56 -4.56 -40.46
N ILE A 55 1.99 -5.74 -40.55
CA ILE A 55 1.78 -6.59 -39.38
C ILE A 55 2.91 -7.61 -39.32
N GLN A 56 3.65 -7.59 -38.22
CA GLN A 56 4.76 -8.52 -38.09
C GLN A 56 4.40 -9.74 -37.27
N GLU A 57 3.67 -9.56 -36.18
CA GLU A 57 3.51 -10.63 -35.22
C GLU A 57 2.21 -10.47 -34.46
N VAL A 58 1.53 -11.57 -34.23
CA VAL A 58 0.36 -11.62 -33.35
C VAL A 58 0.73 -12.46 -32.14
N GLN A 59 0.53 -11.89 -30.96
CA GLN A 59 0.74 -12.63 -29.73
C GLN A 59 -0.32 -13.70 -29.54
N GLY A 60 -1.57 -13.39 -29.88
CA GLY A 60 -2.64 -14.36 -29.79
C GLY A 60 -2.69 -15.29 -30.99
N TYR A 61 -3.85 -15.49 -31.60
CA TYR A 61 -3.95 -16.31 -32.79
C TYR A 61 -4.58 -15.53 -33.93
N VAL A 62 -4.67 -16.17 -35.09
CA VAL A 62 -5.15 -15.55 -36.32
C VAL A 62 -6.28 -16.39 -36.86
N LEU A 63 -7.44 -15.77 -37.02
CA LEU A 63 -8.60 -16.41 -37.60
C LEU A 63 -9.03 -15.67 -38.84
N ILE A 64 -9.34 -16.41 -39.89
CA ILE A 64 -9.86 -15.86 -41.13
C ILE A 64 -11.05 -16.71 -41.55
N ALA A 65 -12.21 -16.09 -41.71
CA ALA A 65 -13.40 -16.89 -41.93
C ALA A 65 -14.42 -16.15 -42.76
N HIS A 66 -15.13 -16.90 -43.61
CA HIS A 66 -16.39 -16.49 -44.24
C HIS A 66 -16.23 -15.32 -45.19
N ASN A 67 -15.07 -15.19 -45.81
CA ASN A 67 -14.80 -14.01 -46.63
C ASN A 67 -14.99 -14.34 -48.10
N GLN A 68 -14.83 -13.33 -48.95
CA GLN A 68 -15.04 -13.48 -50.38
C GLN A 68 -13.93 -12.83 -51.19
N VAL A 69 -12.72 -12.79 -50.66
CA VAL A 69 -11.62 -12.20 -51.37
C VAL A 69 -10.78 -13.31 -51.99
N ARG A 70 -9.95 -12.95 -52.97
CA ARG A 70 -9.09 -13.88 -53.67
C ARG A 70 -7.75 -14.07 -52.98
N GLN A 71 -7.10 -12.98 -52.58
CA GLN A 71 -5.86 -13.03 -51.85
C GLN A 71 -5.95 -12.10 -50.65
N VAL A 72 -5.19 -12.43 -49.60
CA VAL A 72 -5.20 -11.61 -48.40
C VAL A 72 -3.86 -10.91 -48.27
N PRO A 73 -3.83 -9.72 -47.73
CA PRO A 73 -2.57 -8.97 -47.62
C PRO A 73 -1.86 -9.22 -46.27
N LEU A 74 -1.55 -10.48 -46.01
CA LEU A 74 -0.88 -10.85 -44.76
C LEU A 74 0.42 -11.53 -45.12
N GLN A 75 1.46 -10.74 -45.38
CA GLN A 75 2.70 -11.29 -45.90
C GLN A 75 3.94 -10.92 -45.13
N ARG A 76 3.92 -9.88 -44.31
CA ARG A 76 5.05 -9.57 -43.45
C ARG A 76 4.84 -10.13 -42.05
N LEU A 77 3.89 -11.05 -41.91
CA LEU A 77 3.60 -11.68 -40.63
C LEU A 77 4.70 -12.67 -40.32
N ARG A 78 5.53 -12.35 -39.35
CA ARG A 78 6.70 -13.17 -39.07
C ARG A 78 6.35 -14.44 -38.32
N ILE A 79 5.60 -14.32 -37.23
CA ILE A 79 5.43 -15.42 -36.29
C ILE A 79 4.15 -15.19 -35.52
N VAL A 80 3.49 -16.26 -35.13
CA VAL A 80 2.37 -16.21 -34.22
C VAL A 80 2.80 -16.95 -32.96
N ARG A 81 2.19 -16.60 -31.83
CA ARG A 81 2.56 -17.21 -30.57
C ARG A 81 1.46 -18.03 -29.94
N GLY A 82 0.26 -17.48 -29.84
CA GLY A 82 -0.82 -18.23 -29.26
C GLY A 82 -0.80 -18.23 -27.75
N THR A 83 -0.88 -17.04 -27.16
CA THR A 83 -1.26 -16.95 -25.75
C THR A 83 -2.62 -17.57 -25.54
N GLN A 84 -3.60 -17.11 -26.28
CA GLN A 84 -4.88 -17.79 -26.36
C GLN A 84 -4.86 -18.73 -27.56
N LEU A 85 -5.79 -19.65 -27.59
CA LEU A 85 -5.96 -20.53 -28.74
C LEU A 85 -7.41 -20.55 -29.14
N PHE A 86 -7.67 -21.06 -30.32
CA PHE A 86 -9.04 -21.21 -30.78
C PHE A 86 -9.52 -22.62 -30.46
N GLU A 87 -10.62 -22.69 -29.71
CA GLU A 87 -11.22 -23.92 -29.21
C GLU A 87 -10.24 -24.76 -28.40
N ASP A 88 -9.29 -24.07 -27.74
CA ASP A 88 -8.15 -24.63 -27.01
C ASP A 88 -7.29 -25.55 -27.88
N ASN A 89 -7.39 -25.46 -29.19
CA ASN A 89 -6.81 -26.47 -30.06
C ASN A 89 -6.14 -25.93 -31.29
N TYR A 90 -6.34 -24.67 -31.63
CA TYR A 90 -5.85 -24.18 -32.91
C TYR A 90 -5.30 -22.78 -32.77
N ALA A 91 -4.34 -22.48 -33.62
CA ALA A 91 -3.71 -21.18 -33.68
C ALA A 91 -3.83 -20.50 -35.02
N LEU A 92 -4.15 -21.23 -36.08
CA LEU A 92 -4.30 -20.63 -37.38
C LEU A 92 -5.40 -21.37 -38.12
N ALA A 93 -6.55 -20.73 -38.29
CA ALA A 93 -7.68 -21.37 -38.92
C ALA A 93 -8.18 -20.51 -40.05
N VAL A 94 -8.34 -21.12 -41.22
CA VAL A 94 -8.94 -20.48 -42.38
C VAL A 94 -10.15 -21.32 -42.75
N LEU A 95 -11.34 -20.81 -42.48
CA LEU A 95 -12.53 -21.64 -42.59
C LEU A 95 -13.55 -20.96 -43.48
N ASP A 96 -14.30 -21.80 -44.21
CA ASP A 96 -15.64 -21.47 -44.70
C ASP A 96 -15.64 -20.32 -45.71
N ASN A 97 -14.53 -20.14 -46.40
CA ASN A 97 -14.32 -18.96 -47.23
C ASN A 97 -14.65 -19.27 -48.69
N GLY A 98 -15.01 -18.21 -49.41
CA GLY A 98 -15.52 -18.34 -50.76
C GLY A 98 -17.02 -18.11 -50.78
N ASP A 99 -17.79 -19.13 -51.15
CA ASP A 99 -19.24 -19.09 -51.02
C ASP A 99 -19.78 -20.51 -50.89
N PRO A 100 -20.47 -20.82 -49.80
CA PRO A 100 -20.88 -22.21 -49.56
C PRO A 100 -22.09 -22.66 -50.37
N LEU A 101 -21.97 -22.65 -51.70
CA LEU A 101 -22.94 -23.17 -52.66
C LEU A 101 -24.31 -22.49 -52.51
N ASN A 102 -24.30 -21.18 -52.61
CA ASN A 102 -25.54 -20.41 -52.61
C ASN A 102 -26.13 -20.43 -54.03
N ASN A 103 -27.17 -19.63 -54.25
CA ASN A 103 -27.77 -19.56 -55.57
C ASN A 103 -26.97 -18.72 -56.55
N THR A 104 -25.93 -18.03 -56.08
CA THR A 104 -25.02 -17.33 -56.98
C THR A 104 -23.83 -18.23 -57.32
N THR A 108 -22.32 -18.06 -61.01
CA THR A 108 -22.19 -17.22 -62.20
C THR A 108 -21.05 -16.21 -62.04
N GLY A 109 -20.25 -16.38 -61.00
CA GLY A 109 -19.12 -15.51 -60.73
C GLY A 109 -17.82 -16.22 -61.09
N ALA A 110 -16.91 -15.48 -61.74
CA ALA A 110 -15.66 -16.06 -62.18
C ALA A 110 -14.72 -16.32 -61.01
N SER A 111 -14.30 -15.24 -60.33
CA SER A 111 -13.52 -15.35 -59.11
C SER A 111 -14.34 -14.76 -57.98
N PRO A 112 -15.24 -15.53 -57.36
CA PRO A 112 -16.05 -14.97 -56.27
C PRO A 112 -15.27 -14.77 -55.00
N GLY A 113 -14.10 -15.38 -54.87
CA GLY A 113 -13.28 -15.20 -53.71
C GLY A 113 -12.54 -16.46 -53.30
N GLY A 114 -12.29 -16.60 -52.00
CA GLY A 114 -11.55 -17.74 -51.51
C GLY A 114 -10.07 -17.46 -51.58
N LEU A 115 -9.37 -17.59 -50.46
CA LEU A 115 -7.93 -17.42 -50.47
C LEU A 115 -7.29 -18.56 -51.23
N ARG A 116 -6.51 -18.23 -52.25
CA ARG A 116 -6.08 -19.25 -53.20
C ARG A 116 -4.70 -19.81 -52.93
N GLU A 117 -3.82 -19.05 -52.29
CA GLU A 117 -2.49 -19.52 -51.92
C GLU A 117 -2.33 -19.34 -50.42
N LEU A 118 -1.19 -19.76 -49.87
CA LEU A 118 -0.90 -19.38 -48.50
C LEU A 118 -0.68 -17.88 -48.46
N GLN A 119 0.41 -17.47 -49.11
CA GLN A 119 0.93 -16.10 -49.11
C GLN A 119 0.97 -15.51 -47.72
N LEU A 120 1.52 -16.29 -46.79
CA LEU A 120 1.83 -15.79 -45.47
C LEU A 120 3.33 -15.55 -45.36
N ARG A 121 3.89 -15.01 -46.44
CA ARG A 121 5.28 -15.12 -46.88
C ARG A 121 6.35 -15.04 -45.81
N SER A 122 6.13 -14.23 -44.78
CA SER A 122 7.13 -14.07 -43.74
C SER A 122 6.96 -15.05 -42.60
N LEU A 123 5.95 -15.93 -42.65
CA LEU A 123 5.69 -16.80 -41.51
C LEU A 123 6.75 -17.87 -41.42
N THR A 124 7.43 -17.93 -40.29
CA THR A 124 8.50 -18.88 -40.09
C THR A 124 8.20 -19.89 -39.00
N GLU A 125 7.90 -19.44 -37.80
CA GLU A 125 7.67 -20.36 -36.69
C GLU A 125 6.29 -20.14 -36.09
N ILE A 126 5.85 -21.14 -35.35
CA ILE A 126 4.61 -21.11 -34.58
C ILE A 126 4.92 -21.79 -33.25
N LEU A 127 4.52 -21.17 -32.15
CA LEU A 127 4.85 -21.74 -30.85
C LEU A 127 3.86 -22.80 -30.40
N LYS A 128 2.59 -22.42 -30.24
CA LYS A 128 1.62 -23.32 -29.63
C LYS A 128 0.54 -23.67 -30.63
N GLY A 129 -0.36 -24.52 -30.19
CA GLY A 129 -1.64 -24.69 -30.87
C GLY A 129 -1.58 -25.65 -32.04
N GLY A 130 -2.70 -25.64 -32.79
CA GLY A 130 -2.85 -26.47 -33.96
C GLY A 130 -3.19 -25.64 -35.17
N VAL A 131 -3.28 -26.33 -36.31
CA VAL A 131 -3.59 -25.72 -37.59
C VAL A 131 -4.85 -26.37 -38.12
N LEU A 132 -5.82 -25.55 -38.49
CA LEU A 132 -7.08 -26.06 -39.02
C LEU A 132 -7.33 -25.43 -40.39
N ILE A 133 -7.64 -26.26 -41.37
CA ILE A 133 -8.13 -25.80 -42.66
C ILE A 133 -9.31 -26.69 -43.04
N GLN A 134 -10.49 -26.08 -43.17
CA GLN A 134 -11.70 -26.81 -43.53
C GLN A 134 -12.52 -25.97 -44.47
N ARG A 135 -13.26 -26.66 -45.35
CA ARG A 135 -14.45 -26.14 -46.02
C ARG A 135 -14.15 -24.91 -46.88
N ASN A 136 -13.10 -25.00 -47.68
CA ASN A 136 -12.64 -23.87 -48.48
C ASN A 136 -12.30 -24.38 -49.88
N PRO A 137 -13.23 -24.24 -50.83
CA PRO A 137 -13.04 -24.88 -52.14
C PRO A 137 -12.01 -24.19 -53.01
N GLN A 138 -11.65 -22.96 -52.70
CA GLN A 138 -10.87 -22.11 -53.60
C GLN A 138 -9.43 -21.99 -53.17
N LEU A 139 -8.82 -23.07 -52.69
CA LEU A 139 -7.46 -23.05 -52.19
C LEU A 139 -6.57 -23.95 -53.03
N CYS A 140 -5.33 -23.51 -53.26
CA CYS A 140 -4.28 -24.36 -53.79
C CYS A 140 -3.08 -24.32 -52.85
N TYR A 141 -2.11 -25.18 -53.13
CA TYR A 141 -0.72 -25.10 -52.66
C TYR A 141 -0.54 -25.37 -51.17
N GLN A 142 -1.60 -25.80 -50.47
CA GLN A 142 -1.51 -25.91 -49.03
C GLN A 142 -0.95 -27.25 -48.58
N ASP A 143 -1.05 -28.27 -49.41
CA ASP A 143 -0.71 -29.63 -48.98
C ASP A 143 0.78 -29.85 -48.94
N THR A 144 1.54 -29.12 -49.75
CA THR A 144 2.96 -29.32 -49.94
C THR A 144 3.82 -28.63 -48.90
N ILE A 145 3.27 -28.38 -47.72
CA ILE A 145 3.88 -27.50 -46.74
C ILE A 145 4.28 -28.34 -45.54
N LEU A 146 5.56 -28.28 -45.19
CA LEU A 146 6.00 -29.01 -44.00
C LEU A 146 5.70 -28.15 -42.79
N TRP A 147 4.75 -28.59 -41.99
CA TRP A 147 4.30 -27.76 -40.89
C TRP A 147 5.21 -27.87 -39.69
N LYS A 148 5.91 -28.98 -39.54
CA LYS A 148 6.68 -29.22 -38.32
C LYS A 148 7.88 -28.29 -38.21
N ASP A 149 8.39 -27.81 -39.35
CA ASP A 149 9.34 -26.71 -39.31
C ASP A 149 8.65 -25.45 -38.82
N ILE A 150 7.43 -25.23 -39.25
CA ILE A 150 6.72 -24.03 -38.81
C ILE A 150 6.27 -24.20 -37.38
N PHE A 151 6.02 -25.43 -36.94
CA PHE A 151 5.86 -25.68 -35.53
C PHE A 151 7.17 -25.43 -34.79
N HIS A 152 7.07 -25.09 -33.53
CA HIS A 152 8.26 -24.98 -32.72
C HIS A 152 8.76 -26.38 -32.38
N LYS A 153 10.08 -26.54 -32.37
CA LYS A 153 10.68 -27.85 -32.17
C LYS A 153 10.43 -28.36 -30.77
N ASN A 154 10.61 -27.50 -29.78
CA ASN A 154 10.41 -27.88 -28.40
C ASN A 154 8.96 -27.77 -27.97
N ASN A 155 8.05 -27.52 -28.90
CA ASN A 155 6.63 -27.38 -28.61
C ASN A 155 5.85 -27.97 -29.79
N GLN A 156 5.54 -29.25 -29.69
CA GLN A 156 4.97 -29.96 -30.83
C GLN A 156 3.62 -30.57 -30.54
N LEU A 157 2.69 -29.78 -30.02
CA LEU A 157 1.29 -30.19 -29.92
C LEU A 157 0.72 -30.18 -31.33
N ALA A 158 1.00 -31.26 -32.06
CA ALA A 158 0.91 -31.27 -33.51
C ALA A 158 -0.43 -31.84 -33.98
N LEU A 159 -1.51 -31.23 -33.51
CA LEU A 159 -2.79 -31.51 -34.12
C LEU A 159 -2.94 -30.63 -35.36
N THR A 160 -3.36 -31.24 -36.46
CA THR A 160 -3.46 -30.51 -37.71
C THR A 160 -4.51 -31.20 -38.56
N LEU A 161 -5.60 -30.50 -38.85
CA LEU A 161 -6.64 -31.01 -39.72
C LEU A 161 -6.76 -30.08 -40.91
N ILE A 162 -6.27 -30.53 -42.05
CA ILE A 162 -6.33 -29.76 -43.27
C ILE A 162 -7.24 -30.50 -44.24
N ASP A 163 -8.49 -30.07 -44.31
CA ASP A 163 -9.38 -30.63 -45.32
C ASP A 163 -8.98 -30.07 -46.68
N THR A 164 -8.56 -30.97 -47.57
CA THR A 164 -8.05 -30.58 -48.88
C THR A 164 -9.03 -30.86 -50.01
N ASN A 165 -10.33 -30.94 -49.69
CA ASN A 165 -11.33 -30.98 -50.74
C ASN A 165 -11.37 -29.66 -51.49
N ARG A 166 -11.01 -29.71 -52.76
CA ARG A 166 -10.96 -28.54 -53.63
C ARG A 166 -12.09 -28.63 -54.65
N SER A 167 -12.27 -27.55 -55.40
CA SER A 167 -13.29 -27.53 -56.44
C SER A 167 -12.75 -26.95 -57.75
N ARG A 168 -11.43 -26.91 -57.90
CA ARG A 168 -10.84 -26.30 -59.08
C ARG A 168 -9.44 -26.89 -59.27
N ALA A 169 -8.87 -26.60 -60.43
CA ALA A 169 -7.60 -27.18 -60.86
C ALA A 169 -6.43 -26.31 -60.41
N CYS A 170 -5.40 -26.94 -59.86
CA CYS A 170 -4.26 -26.25 -59.26
C CYS A 170 -2.99 -26.59 -60.04
N HIS A 171 -2.64 -25.75 -61.00
CA HIS A 171 -1.33 -25.85 -61.61
C HIS A 171 -0.26 -25.43 -60.62
N PRO A 172 0.90 -26.09 -60.61
CA PRO A 172 1.84 -25.94 -59.49
C PRO A 172 2.52 -24.59 -59.39
N CYS A 173 3.41 -24.46 -58.42
CA CYS A 173 4.11 -23.22 -58.14
C CYS A 173 5.23 -23.01 -59.16
N SER A 174 6.07 -22.02 -58.90
CA SER A 174 7.22 -21.79 -59.75
C SER A 174 8.24 -22.90 -59.57
N PRO A 175 8.83 -23.41 -60.65
CA PRO A 175 9.93 -24.38 -60.50
C PRO A 175 11.26 -23.75 -60.06
N MET A 176 11.25 -22.45 -59.77
CA MET A 176 12.39 -21.77 -59.18
C MET A 176 12.57 -22.12 -57.70
N CYS A 177 11.55 -22.69 -57.06
CA CYS A 177 11.74 -23.26 -55.73
C CYS A 177 12.63 -24.49 -55.83
N LYS A 178 13.34 -24.76 -54.73
CA LYS A 178 14.26 -25.90 -54.70
C LYS A 178 13.52 -27.23 -54.76
N GLY A 179 12.28 -27.28 -54.26
CA GLY A 179 11.45 -28.44 -54.42
C GLY A 179 10.02 -28.02 -54.65
N SER A 180 9.08 -28.73 -54.02
CA SER A 180 7.68 -28.34 -54.02
C SER A 180 7.32 -27.50 -52.81
N ARG A 181 8.29 -26.82 -52.23
CA ARG A 181 8.06 -26.05 -51.01
C ARG A 181 7.80 -24.60 -51.39
N CYS A 182 6.53 -24.18 -51.36
CA CYS A 182 6.17 -22.90 -51.90
C CYS A 182 5.00 -22.25 -51.15
N TRP A 183 5.11 -20.93 -50.92
CA TRP A 183 3.94 -20.17 -50.49
C TRP A 183 2.87 -20.14 -51.57
N GLY A 184 3.30 -19.95 -52.80
CA GLY A 184 2.38 -19.69 -53.88
C GLY A 184 3.10 -19.73 -55.21
N GLU A 185 2.36 -19.37 -56.26
CA GLU A 185 2.80 -19.68 -57.62
C GLU A 185 3.97 -18.82 -58.08
N SER A 186 4.18 -17.65 -57.48
CA SER A 186 5.32 -16.84 -57.88
C SER A 186 6.62 -17.44 -57.36
N SER A 187 7.71 -17.04 -58.03
CA SER A 187 9.04 -17.38 -57.56
C SER A 187 9.44 -16.60 -56.32
N GLU A 188 8.68 -15.55 -55.97
CA GLU A 188 8.81 -14.87 -54.69
C GLU A 188 8.28 -15.70 -53.53
N ASP A 189 7.65 -16.82 -53.81
CA ASP A 189 6.75 -17.45 -52.87
C ASP A 189 7.20 -18.86 -52.51
N CYS A 190 8.47 -19.05 -52.17
CA CYS A 190 8.97 -20.37 -51.80
C CYS A 190 9.02 -20.52 -50.29
N GLN A 191 8.74 -21.74 -49.82
CA GLN A 191 8.76 -22.03 -48.39
C GLN A 191 10.20 -22.11 -47.90
N SER A 192 10.58 -21.19 -47.01
CA SER A 192 11.91 -21.23 -46.44
C SER A 192 11.98 -22.29 -45.35
N LEU A 193 13.17 -22.48 -44.79
CA LEU A 193 13.41 -23.55 -43.82
C LEU A 193 14.21 -23.04 -42.64
N THR A 194 13.80 -23.44 -41.43
CA THR A 194 14.59 -23.19 -40.23
C THR A 194 14.67 -24.40 -39.30
N ARG A 195 14.16 -25.56 -39.68
CA ARG A 195 14.41 -26.72 -38.82
C ARG A 195 14.85 -27.97 -39.57
N THR A 196 14.29 -28.22 -40.75
CA THR A 196 14.50 -29.52 -41.39
C THR A 196 15.87 -29.61 -42.04
N VAL A 197 16.28 -28.56 -42.74
CA VAL A 197 17.65 -28.50 -43.22
C VAL A 197 18.61 -28.26 -42.06
N CYS A 198 18.12 -27.71 -40.95
CA CYS A 198 18.90 -27.64 -39.73
C CYS A 198 19.05 -29.04 -39.13
N ALA A 199 20.11 -29.21 -38.34
CA ALA A 199 20.42 -30.53 -37.79
C ALA A 199 21.28 -30.38 -36.54
N GLY A 200 21.39 -31.48 -35.81
CA GLY A 200 22.24 -31.54 -34.64
C GLY A 200 21.68 -30.71 -33.49
N GLY A 201 22.60 -30.10 -32.74
CA GLY A 201 22.21 -29.20 -31.66
C GLY A 201 21.63 -27.89 -32.15
N CYS A 202 21.77 -27.59 -33.44
CA CYS A 202 21.18 -26.40 -34.03
C CYS A 202 19.67 -26.54 -34.09
N ALA A 203 18.94 -25.53 -33.61
CA ALA A 203 17.50 -25.50 -33.75
C ALA A 203 17.03 -24.57 -34.85
N ARG A 204 17.75 -23.48 -35.09
CA ARG A 204 17.43 -22.50 -36.12
C ARG A 204 18.67 -22.25 -36.96
N CYS A 205 18.59 -22.53 -38.26
CA CYS A 205 19.72 -22.24 -39.11
C CYS A 205 19.24 -21.61 -40.41
N LYS A 206 20.05 -20.70 -40.93
CA LYS A 206 19.78 -20.00 -42.19
C LYS A 206 20.55 -20.62 -43.35
N GLY A 207 20.90 -21.90 -43.25
CA GLY A 207 21.64 -22.59 -44.27
C GLY A 207 22.28 -23.83 -43.70
N PRO A 208 22.92 -24.64 -44.54
CA PRO A 208 23.40 -25.96 -44.09
C PRO A 208 24.63 -25.89 -43.19
N LEU A 209 25.29 -24.75 -43.11
CA LEU A 209 26.51 -24.70 -42.31
C LEU A 209 26.18 -24.55 -40.83
N PRO A 210 27.07 -25.03 -39.96
CA PRO A 210 26.96 -24.70 -38.53
C PRO A 210 27.15 -23.22 -38.25
N THR A 211 27.85 -22.50 -39.13
CA THR A 211 27.92 -21.05 -39.02
C THR A 211 26.56 -20.41 -39.27
N ASP A 212 25.71 -21.07 -40.06
CA ASP A 212 24.37 -20.57 -40.33
C ASP A 212 23.41 -20.78 -39.17
N CYS A 213 23.81 -21.55 -38.16
CA CYS A 213 22.93 -21.79 -37.01
C CYS A 213 22.74 -20.52 -36.20
N CYS A 214 21.49 -20.25 -35.85
CA CYS A 214 21.13 -18.98 -35.23
C CYS A 214 21.31 -19.03 -33.72
N HIS A 215 21.23 -17.85 -33.11
CA HIS A 215 21.32 -17.74 -31.65
C HIS A 215 20.11 -18.38 -31.00
N GLU A 216 20.30 -18.84 -29.77
CA GLU A 216 19.30 -19.66 -29.10
C GLU A 216 18.08 -18.87 -28.66
N GLN A 217 18.18 -17.56 -28.51
CA GLN A 217 17.05 -16.75 -28.08
C GLN A 217 16.23 -16.24 -29.25
N CYS A 218 16.53 -16.67 -30.46
CA CYS A 218 15.94 -16.08 -31.65
C CYS A 218 14.85 -17.00 -32.17
N ALA A 219 13.62 -16.52 -32.15
CA ALA A 219 12.52 -17.31 -32.65
C ALA A 219 12.48 -17.27 -34.18
N ALA A 220 12.40 -16.07 -34.75
CA ALA A 220 12.06 -15.90 -36.14
C ALA A 220 13.26 -15.96 -37.07
N GLY A 221 14.34 -16.59 -36.66
CA GLY A 221 15.51 -16.69 -37.49
C GLY A 221 16.44 -15.50 -37.33
N CYS A 222 17.62 -15.64 -37.90
CA CYS A 222 18.70 -14.69 -37.70
C CYS A 222 19.19 -14.18 -39.04
N THR A 223 19.79 -13.00 -39.00
CA THR A 223 20.54 -12.51 -40.14
C THR A 223 22.01 -12.83 -39.98
N GLY A 224 22.62 -12.35 -38.90
CA GLY A 224 23.93 -12.77 -38.50
C GLY A 224 23.81 -13.68 -37.30
N PRO A 225 24.90 -14.34 -36.92
CA PRO A 225 24.80 -15.34 -35.86
C PRO A 225 24.87 -14.79 -34.44
N LYS A 226 24.72 -13.49 -34.24
CA LYS A 226 24.64 -12.96 -32.90
C LYS A 226 23.19 -12.74 -32.50
N HIS A 227 22.98 -12.60 -31.19
CA HIS A 227 21.65 -12.40 -30.65
C HIS A 227 21.09 -11.04 -31.01
N SER A 228 21.94 -10.07 -31.30
CA SER A 228 21.45 -8.77 -31.73
C SER A 228 21.29 -8.68 -33.24
N ASP A 229 21.19 -9.80 -33.93
CA ASP A 229 21.11 -9.82 -35.38
C ASP A 229 19.78 -10.37 -35.91
N CYS A 230 18.92 -10.86 -35.04
CA CYS A 230 17.87 -11.77 -35.45
C CYS A 230 16.66 -11.03 -35.98
N LEU A 231 15.55 -11.75 -36.15
CA LEU A 231 14.37 -11.24 -36.83
C LEU A 231 13.22 -10.95 -35.86
N ALA A 232 12.89 -11.91 -35.02
CA ALA A 232 12.02 -11.67 -33.87
C ALA A 232 12.31 -12.74 -32.86
N CYS A 233 12.48 -12.33 -31.61
CA CYS A 233 13.12 -13.21 -30.64
C CYS A 233 12.10 -13.90 -29.74
N LEU A 234 12.57 -14.94 -29.06
CA LEU A 234 11.68 -15.94 -28.50
C LEU A 234 10.98 -15.42 -27.27
N HIS A 235 11.73 -15.15 -26.20
CA HIS A 235 11.07 -14.78 -24.98
C HIS A 235 10.69 -13.32 -24.96
N PHE A 236 11.54 -12.45 -25.50
CA PHE A 236 11.31 -11.02 -25.33
C PHE A 236 11.90 -10.25 -26.49
N ASN A 237 11.94 -8.94 -26.32
CA ASN A 237 12.69 -8.01 -27.15
C ASN A 237 12.93 -6.77 -26.28
N HIS A 238 14.12 -6.68 -25.72
CA HIS A 238 14.53 -5.49 -24.99
C HIS A 238 15.54 -4.76 -25.85
N SER A 239 15.05 -3.74 -26.57
CA SER A 239 15.88 -2.75 -27.26
C SER A 239 16.81 -3.40 -28.28
N GLY A 240 16.29 -4.43 -28.95
CA GLY A 240 17.10 -5.20 -29.87
C GLY A 240 17.94 -6.27 -29.22
N ILE A 241 17.85 -6.45 -27.91
CA ILE A 241 18.58 -7.49 -27.21
C ILE A 241 17.57 -8.47 -26.64
N CYS A 242 17.74 -9.75 -26.95
CA CYS A 242 16.70 -10.77 -26.78
C CYS A 242 16.94 -11.56 -25.50
N GLU A 243 16.80 -10.87 -24.37
CA GLU A 243 17.16 -11.39 -23.07
C GLU A 243 16.15 -12.44 -22.61
N LEU A 244 16.56 -13.23 -21.63
CA LEU A 244 15.62 -14.17 -21.03
C LEU A 244 14.66 -13.46 -20.10
N HIS A 245 15.06 -12.34 -19.55
CA HIS A 245 14.23 -11.62 -18.60
C HIS A 245 14.39 -10.13 -18.80
N CYS A 246 13.35 -9.39 -18.43
CA CYS A 246 13.51 -7.97 -18.26
C CYS A 246 14.48 -7.72 -17.11
N PRO A 247 15.31 -6.69 -17.21
CA PRO A 247 16.30 -6.43 -16.17
C PRO A 247 15.68 -6.06 -14.83
N ALA A 248 16.47 -6.26 -13.79
CA ALA A 248 15.95 -6.28 -12.44
C ALA A 248 15.55 -4.90 -11.97
N LEU A 249 14.41 -4.83 -11.28
CA LEU A 249 13.86 -3.58 -10.81
C LEU A 249 14.25 -3.26 -9.38
N VAL A 250 15.11 -4.07 -8.78
CA VAL A 250 15.55 -3.85 -7.42
C VAL A 250 16.90 -4.49 -7.25
N THR A 251 17.73 -3.91 -6.39
CA THR A 251 19.08 -4.40 -6.13
C THR A 251 19.16 -4.80 -4.67
N TYR A 252 19.73 -5.97 -4.42
CA TYR A 252 19.72 -6.53 -3.08
C TYR A 252 21.11 -6.53 -2.45
N ASN A 253 21.11 -6.71 -1.13
CA ASN A 253 22.36 -6.75 -0.39
C ASN A 253 23.16 -8.00 -0.70
N THR A 254 22.47 -9.08 -1.13
CA THR A 254 22.89 -10.47 -1.26
C THR A 254 23.11 -11.10 0.12
N ASP A 255 23.09 -10.31 1.18
CA ASP A 255 23.24 -10.79 2.55
C ASP A 255 21.99 -10.48 3.36
N THR A 256 21.55 -9.23 3.35
CA THR A 256 20.32 -8.81 3.99
C THR A 256 19.17 -8.77 2.98
N PHE A 257 19.49 -8.85 1.68
CA PHE A 257 18.54 -8.65 0.58
C PHE A 257 17.81 -7.32 0.73
N GLU A 258 18.56 -6.28 1.06
CA GLU A 258 17.96 -4.98 1.31
C GLU A 258 17.51 -4.37 -0.02
N SER A 259 16.35 -3.73 -0.01
CA SER A 259 15.72 -3.27 -1.24
C SER A 259 16.38 -1.98 -1.70
N MET A 260 17.03 -2.01 -2.85
CA MET A 260 17.57 -0.83 -3.47
C MET A 260 17.05 -0.71 -4.90
N PRO A 261 16.43 0.41 -5.28
CA PRO A 261 15.83 0.51 -6.61
C PRO A 261 16.85 0.61 -7.73
N ASN A 262 16.98 -0.47 -8.48
CA ASN A 262 17.77 -0.44 -9.71
C ASN A 262 17.04 0.42 -10.74
N PRO A 263 17.71 1.43 -11.30
CA PRO A 263 17.12 2.14 -12.44
C PRO A 263 17.39 1.50 -13.79
N GLU A 264 18.22 0.45 -13.86
CA GLU A 264 18.45 -0.17 -15.15
C GLU A 264 17.25 -0.99 -15.61
N GLY A 265 16.43 -1.48 -14.68
CA GLY A 265 15.40 -2.45 -15.00
C GLY A 265 14.28 -1.92 -15.87
N ARG A 266 13.47 -2.86 -16.34
CA ARG A 266 12.32 -2.57 -17.20
C ARG A 266 11.08 -3.26 -16.65
N TYR A 267 9.94 -2.89 -17.20
CA TYR A 267 8.70 -3.58 -16.91
C TYR A 267 8.42 -4.61 -18.01
N THR A 268 7.47 -5.50 -17.74
CA THR A 268 7.07 -6.45 -18.76
C THR A 268 5.82 -5.96 -19.46
N PHE A 269 5.76 -6.21 -20.76
CA PHE A 269 4.54 -5.98 -21.51
C PHE A 269 4.57 -6.91 -22.73
N GLY A 270 3.90 -8.05 -22.60
CA GLY A 270 3.76 -8.99 -23.70
C GLY A 270 5.10 -9.53 -24.12
N ALA A 271 5.44 -9.29 -25.39
CA ALA A 271 6.72 -9.67 -25.95
C ALA A 271 7.76 -8.59 -25.77
N SER A 272 7.48 -7.59 -24.95
CA SER A 272 8.33 -6.42 -24.89
C SER A 272 8.70 -6.10 -23.46
N CYS A 273 9.98 -5.77 -23.26
CA CYS A 273 10.44 -5.14 -22.03
C CYS A 273 10.51 -3.64 -22.28
N VAL A 274 9.63 -2.89 -21.63
CA VAL A 274 9.55 -1.46 -21.79
C VAL A 274 9.78 -0.84 -20.42
N THR A 275 10.33 0.38 -20.41
CA THR A 275 10.56 1.16 -19.20
C THR A 275 9.29 1.36 -18.39
N ALA A 276 8.31 2.03 -18.94
CA ALA A 276 7.07 2.27 -18.25
C ALA A 276 5.93 1.65 -19.04
N CYS A 277 4.73 1.70 -18.47
CA CYS A 277 3.63 1.08 -19.20
C CYS A 277 2.96 2.08 -20.12
N PRO A 278 2.34 1.61 -21.21
CA PRO A 278 1.53 2.52 -22.04
C PRO A 278 0.26 2.98 -21.36
N TYR A 279 -0.55 3.73 -22.10
CA TYR A 279 -1.48 4.71 -21.55
C TYR A 279 -2.51 4.12 -20.60
N ASN A 280 -3.28 3.13 -21.03
CA ASN A 280 -4.35 2.63 -20.18
C ASN A 280 -3.92 1.37 -19.46
N TYR A 281 -2.68 1.32 -19.02
CA TYR A 281 -2.16 0.12 -18.39
C TYR A 281 -1.78 0.42 -16.96
N LEU A 282 -1.18 -0.57 -16.30
CA LEU A 282 -0.89 -0.50 -14.87
C LEU A 282 0.55 -0.90 -14.63
N SER A 283 1.31 -0.01 -14.02
CA SER A 283 2.62 -0.41 -13.53
C SER A 283 2.46 -1.26 -12.27
N THR A 284 3.41 -2.18 -12.08
CA THR A 284 3.26 -3.21 -11.07
C THR A 284 4.54 -3.31 -10.25
N ASP A 285 4.37 -3.68 -8.98
CA ASP A 285 5.52 -3.90 -8.10
C ASP A 285 6.40 -5.02 -8.62
N VAL A 286 5.80 -6.08 -9.16
CA VAL A 286 6.61 -7.10 -9.79
C VAL A 286 7.19 -6.59 -11.11
N GLY A 287 6.53 -5.62 -11.73
CA GLY A 287 7.06 -5.08 -12.96
C GLY A 287 6.35 -5.57 -14.20
N SER A 288 5.03 -5.60 -14.15
CA SER A 288 4.22 -5.97 -15.30
C SER A 288 3.29 -4.83 -15.69
N CYS A 289 2.73 -4.97 -16.89
CA CYS A 289 1.78 -4.00 -17.41
C CYS A 289 0.49 -4.76 -17.70
N THR A 290 -0.39 -4.87 -16.71
CA THR A 290 -1.58 -5.68 -16.87
C THR A 290 -2.82 -4.81 -16.80
N LEU A 291 -3.97 -5.49 -16.83
CA LEU A 291 -5.28 -4.88 -16.92
C LEU A 291 -5.91 -4.73 -15.55
N VAL A 292 -5.75 -5.74 -14.69
CA VAL A 292 -6.38 -5.79 -13.39
C VAL A 292 -5.29 -5.90 -12.36
N CYS A 293 -5.41 -5.12 -11.28
CA CYS A 293 -4.48 -5.24 -10.18
C CYS A 293 -4.60 -6.61 -9.52
N PRO A 294 -3.52 -7.15 -9.00
CA PRO A 294 -3.61 -8.40 -8.24
C PRO A 294 -4.22 -8.20 -6.87
N LEU A 295 -4.24 -9.26 -6.07
CA LEU A 295 -5.03 -9.21 -4.85
C LEU A 295 -4.29 -8.44 -3.78
N HIS A 296 -5.07 -7.82 -2.87
CA HIS A 296 -4.60 -6.90 -1.83
C HIS A 296 -3.82 -5.74 -2.42
N ASN A 297 -4.24 -5.28 -3.60
CA ASN A 297 -3.50 -4.27 -4.31
C ASN A 297 -4.45 -3.27 -4.92
N GLN A 298 -4.20 -2.00 -4.66
CA GLN A 298 -5.12 -0.94 -5.03
C GLN A 298 -4.57 -0.16 -6.20
N GLU A 299 -5.40 0.03 -7.22
CA GLU A 299 -5.05 0.93 -8.32
C GLU A 299 -5.17 2.34 -7.79
N VAL A 300 -4.06 2.90 -7.34
CA VAL A 300 -4.11 4.23 -6.76
C VAL A 300 -3.97 5.28 -7.85
N THR A 301 -4.44 6.48 -7.53
CA THR A 301 -4.24 7.63 -8.41
C THR A 301 -2.77 8.02 -8.33
N ALA A 302 -2.02 7.62 -9.35
CA ALA A 302 -0.59 7.90 -9.34
C ALA A 302 -0.32 9.38 -9.58
N GLU A 303 0.95 9.75 -9.44
CA GLU A 303 1.32 11.15 -9.43
C GLU A 303 1.14 11.80 -10.79
N ASP A 304 1.48 11.09 -11.85
CA ASP A 304 1.38 11.62 -13.20
C ASP A 304 0.14 11.12 -13.92
N GLY A 305 -0.57 10.15 -13.35
CA GLY A 305 -1.70 9.52 -13.99
C GLY A 305 -1.40 8.14 -14.55
N THR A 306 -0.12 7.85 -14.80
CA THR A 306 0.30 6.51 -15.17
C THR A 306 0.22 5.66 -13.92
N GLN A 307 -0.91 4.97 -13.76
CA GLN A 307 -1.36 4.41 -12.49
C GLN A 307 -0.44 3.30 -12.00
N ARG A 308 -0.60 2.95 -10.72
CA ARG A 308 0.17 1.85 -10.16
C ARG A 308 -0.71 1.08 -9.18
N CYS A 309 -0.59 -0.24 -9.22
CA CYS A 309 -1.15 -1.09 -8.18
C CYS A 309 -0.20 -1.09 -7.00
N GLU A 310 -0.74 -0.94 -5.79
CA GLU A 310 0.13 -0.97 -4.63
C GLU A 310 -0.58 -1.60 -3.44
N LYS A 311 0.22 -1.97 -2.45
CA LYS A 311 -0.28 -2.74 -1.32
C LYS A 311 -1.04 -1.87 -0.35
N CYS A 312 -2.24 -2.30 0.01
CA CYS A 312 -2.98 -1.65 1.08
C CYS A 312 -2.44 -2.12 2.42
N SER A 313 -2.17 -1.18 3.32
CA SER A 313 -1.79 -1.56 4.67
C SER A 313 -2.98 -2.11 5.43
N LYS A 314 -4.08 -1.39 5.39
CA LYS A 314 -5.41 -1.78 5.86
C LYS A 314 -6.04 -2.71 4.83
N PRO A 315 -7.26 -3.22 5.00
CA PRO A 315 -7.92 -3.86 3.85
C PRO A 315 -8.27 -2.82 2.80
N CYS A 316 -8.09 -3.19 1.54
CA CYS A 316 -8.57 -2.34 0.46
C CYS A 316 -10.09 -2.31 0.49
N ALA A 317 -10.65 -1.18 0.05
CA ALA A 317 -12.07 -0.94 0.21
C ALA A 317 -12.88 -1.83 -0.72
N ARG A 318 -14.16 -2.00 -0.38
CA ARG A 318 -15.06 -2.74 -1.26
C ARG A 318 -15.36 -1.89 -2.48
N VAL A 319 -14.59 -2.07 -3.53
CA VAL A 319 -14.81 -1.32 -4.76
C VAL A 319 -15.77 -2.13 -5.61
N CYS A 320 -16.77 -1.45 -6.16
CA CYS A 320 -17.95 -2.10 -6.72
C CYS A 320 -17.59 -2.86 -7.98
N TYR A 321 -17.92 -4.15 -8.00
CA TYR A 321 -17.64 -5.00 -9.14
C TYR A 321 -18.77 -4.87 -10.16
N GLY A 322 -18.41 -4.50 -11.38
CA GLY A 322 -19.35 -4.49 -12.48
C GLY A 322 -19.42 -5.84 -13.14
N LEU A 323 -19.71 -5.82 -14.44
CA LEU A 323 -19.92 -7.08 -15.15
C LEU A 323 -18.61 -7.77 -15.46
N GLY A 324 -18.56 -9.06 -15.17
CA GLY A 324 -17.43 -9.86 -15.56
C GLY A 324 -16.31 -9.95 -14.57
N MET A 325 -16.43 -9.37 -13.39
CA MET A 325 -15.29 -9.30 -12.48
C MET A 325 -15.68 -9.77 -11.09
N GLU A 326 -15.22 -10.98 -10.73
CA GLU A 326 -15.06 -11.50 -9.37
C GLU A 326 -16.37 -11.81 -8.66
N HIS A 327 -17.48 -11.37 -9.21
CA HIS A 327 -18.79 -11.74 -8.70
C HIS A 327 -19.78 -11.99 -9.80
N LEU A 328 -19.50 -11.55 -11.02
CA LEU A 328 -20.44 -11.53 -12.11
C LEU A 328 -19.78 -11.98 -13.39
N ARG A 329 -18.88 -12.95 -13.29
CA ARG A 329 -18.01 -13.25 -14.42
C ARG A 329 -18.72 -13.99 -15.53
N GLU A 330 -19.99 -14.33 -15.38
CA GLU A 330 -20.74 -14.93 -16.46
C GLU A 330 -21.99 -14.15 -16.83
N VAL A 331 -22.44 -13.27 -15.95
CA VAL A 331 -23.75 -12.64 -16.12
C VAL A 331 -23.67 -11.62 -17.24
N ARG A 332 -24.49 -11.81 -18.27
CA ARG A 332 -24.48 -10.89 -19.38
C ARG A 332 -25.12 -9.56 -19.00
N ALA A 333 -26.39 -9.58 -18.67
CA ALA A 333 -27.14 -8.35 -18.56
C ALA A 333 -27.01 -7.76 -17.15
N VAL A 334 -27.83 -6.75 -16.87
CA VAL A 334 -28.05 -6.25 -15.52
C VAL A 334 -29.47 -6.60 -15.13
N THR A 335 -29.63 -7.20 -13.97
CA THR A 335 -30.92 -7.68 -13.52
C THR A 335 -31.57 -6.67 -12.60
N SER A 336 -32.70 -7.06 -12.04
CA SER A 336 -33.29 -6.37 -10.90
C SER A 336 -32.61 -6.74 -9.59
N ALA A 337 -31.74 -7.75 -9.61
CA ALA A 337 -31.09 -8.20 -8.41
C ALA A 337 -29.70 -7.60 -8.23
N ASN A 338 -28.87 -7.68 -9.26
CA ASN A 338 -27.50 -7.20 -9.17
C ASN A 338 -27.42 -5.70 -9.05
N ILE A 339 -28.45 -5.01 -9.55
CA ILE A 339 -28.48 -3.55 -9.60
C ILE A 339 -28.50 -2.92 -8.21
N GLN A 340 -28.82 -3.70 -7.19
CA GLN A 340 -28.73 -3.22 -5.83
C GLN A 340 -27.29 -2.91 -5.44
N GLU A 341 -26.31 -3.64 -6.00
CA GLU A 341 -24.91 -3.48 -5.61
C GLU A 341 -24.32 -2.15 -6.03
N PHE A 342 -24.96 -1.42 -6.92
CA PHE A 342 -24.40 -0.20 -7.45
C PHE A 342 -24.80 1.02 -6.66
N ALA A 343 -25.17 0.84 -5.40
CA ALA A 343 -25.66 1.95 -4.58
C ALA A 343 -24.50 2.89 -4.24
N GLY A 344 -24.49 4.05 -4.87
CA GLY A 344 -23.50 5.06 -4.58
C GLY A 344 -22.12 4.78 -5.12
N CYS A 345 -21.98 3.82 -6.02
CA CYS A 345 -20.67 3.49 -6.55
C CYS A 345 -20.23 4.56 -7.53
N LYS A 346 -18.93 4.85 -7.53
CA LYS A 346 -18.42 5.92 -8.37
C LYS A 346 -17.28 5.49 -9.29
N LYS A 347 -16.64 4.37 -9.05
CA LYS A 347 -15.64 3.86 -9.99
C LYS A 347 -15.88 2.37 -10.12
N ILE A 348 -16.72 2.01 -11.06
CA ILE A 348 -17.17 0.63 -11.18
C ILE A 348 -16.10 -0.18 -11.89
N PHE A 349 -15.66 -1.25 -11.26
CA PHE A 349 -14.71 -2.14 -11.88
C PHE A 349 -15.53 -3.23 -12.56
N GLY A 350 -15.61 -3.18 -13.87
CA GLY A 350 -16.41 -4.13 -14.60
C GLY A 350 -17.28 -3.40 -15.59
N SER A 351 -17.97 -4.11 -16.46
CA SER A 351 -18.69 -3.44 -17.52
C SER A 351 -20.14 -3.24 -17.15
N LEU A 352 -20.87 -2.60 -18.05
CA LEU A 352 -22.28 -2.29 -17.91
C LEU A 352 -22.97 -2.61 -19.22
N ALA A 353 -23.97 -3.47 -19.18
CA ALA A 353 -24.62 -3.90 -20.40
C ALA A 353 -26.13 -3.74 -20.25
N PHE A 354 -26.74 -3.16 -21.27
CA PHE A 354 -28.18 -2.92 -21.28
C PHE A 354 -28.79 -3.72 -22.41
N LEU A 355 -29.09 -4.97 -22.12
CA LEU A 355 -29.69 -5.89 -23.06
C LEU A 355 -31.18 -5.57 -23.21
N PRO A 356 -31.85 -6.12 -24.22
CA PRO A 356 -33.32 -6.03 -24.22
C PRO A 356 -33.91 -6.72 -23.02
N GLU A 357 -33.41 -7.90 -22.68
CA GLU A 357 -33.91 -8.66 -21.54
C GLU A 357 -33.53 -8.05 -20.21
N SER A 358 -32.72 -6.98 -20.20
CA SER A 358 -32.50 -6.23 -18.97
C SER A 358 -33.78 -5.56 -18.50
N PHE A 359 -34.66 -5.21 -19.43
CA PHE A 359 -35.80 -4.35 -19.13
C PHE A 359 -37.14 -5.06 -19.14
N ASP A 360 -37.27 -6.18 -19.84
CA ASP A 360 -38.44 -7.04 -19.70
C ASP A 360 -37.95 -8.37 -19.13
N GLY A 361 -37.86 -8.44 -17.81
CA GLY A 361 -37.19 -9.55 -17.16
C GLY A 361 -37.96 -10.86 -17.26
N ASP A 362 -37.23 -11.94 -17.14
CA ASP A 362 -37.82 -13.27 -17.21
C ASP A 362 -38.59 -13.53 -15.92
N PRO A 363 -39.83 -14.03 -15.99
CA PRO A 363 -40.44 -14.63 -14.81
C PRO A 363 -40.04 -16.08 -14.60
N ALA A 364 -39.49 -16.75 -15.61
CA ALA A 364 -39.01 -18.10 -15.42
C ALA A 364 -37.72 -18.05 -14.62
N SER A 365 -36.68 -17.46 -15.19
CA SER A 365 -35.54 -17.02 -14.40
C SER A 365 -35.99 -15.74 -13.74
N ASN A 366 -36.63 -15.87 -12.58
CA ASN A 366 -37.62 -14.92 -12.10
C ASN A 366 -37.01 -13.59 -11.68
N THR A 367 -36.89 -12.70 -12.65
CA THR A 367 -36.38 -11.36 -12.46
C THR A 367 -37.45 -10.33 -12.81
N ALA A 368 -37.32 -9.16 -12.25
CA ALA A 368 -38.34 -8.16 -12.55
C ALA A 368 -37.98 -7.43 -13.83
N PRO A 369 -38.98 -7.08 -14.65
CA PRO A 369 -38.76 -6.05 -15.65
C PRO A 369 -38.42 -4.74 -14.96
N LEU A 370 -37.35 -4.12 -15.43
CA LEU A 370 -36.62 -3.17 -14.59
C LEU A 370 -37.36 -1.84 -14.50
N GLN A 371 -37.23 -1.18 -13.35
CA GLN A 371 -37.91 0.10 -13.38
C GLN A 371 -36.93 1.21 -13.73
N PRO A 372 -37.36 2.16 -14.56
CA PRO A 372 -36.49 3.29 -14.89
C PRO A 372 -36.21 4.19 -13.71
N GLU A 373 -37.08 4.17 -12.71
CA GLU A 373 -36.83 4.89 -11.48
C GLU A 373 -35.66 4.30 -10.72
N GLN A 374 -35.38 3.02 -10.95
CA GLN A 374 -34.23 2.40 -10.31
C GLN A 374 -32.93 2.83 -10.94
N LEU A 375 -32.96 3.44 -12.11
CA LEU A 375 -31.74 3.85 -12.78
C LEU A 375 -31.11 5.08 -12.17
N GLN A 376 -31.74 5.67 -11.16
CA GLN A 376 -31.20 6.83 -10.49
C GLN A 376 -30.03 6.51 -9.59
N VAL A 377 -29.61 5.24 -9.52
CA VAL A 377 -28.49 4.84 -8.68
C VAL A 377 -27.14 5.10 -9.31
N PHE A 378 -27.11 5.45 -10.60
CA PHE A 378 -25.85 5.59 -11.32
C PHE A 378 -25.33 7.00 -11.31
N GLU A 379 -25.67 7.80 -10.32
CA GLU A 379 -25.50 9.23 -10.43
C GLU A 379 -24.30 9.75 -9.66
N THR A 380 -23.55 8.87 -8.99
CA THR A 380 -22.26 9.24 -8.41
C THR A 380 -21.10 8.84 -9.29
N LEU A 381 -21.38 8.25 -10.44
CA LEU A 381 -20.41 7.47 -11.19
C LEU A 381 -19.41 8.35 -11.90
N GLU A 382 -18.13 8.18 -11.57
CA GLU A 382 -17.06 8.99 -12.12
C GLU A 382 -16.35 8.32 -13.28
N GLU A 383 -16.04 7.03 -13.14
CA GLU A 383 -15.10 6.35 -14.01
C GLU A 383 -15.50 4.90 -14.16
N ILE A 384 -15.35 4.37 -15.38
CA ILE A 384 -15.69 2.99 -15.66
C ILE A 384 -14.48 2.33 -16.32
N THR A 385 -13.96 1.28 -15.68
CA THR A 385 -12.91 0.51 -16.31
C THR A 385 -13.48 -0.37 -17.41
N GLY A 386 -14.69 -0.88 -17.21
CA GLY A 386 -15.32 -1.78 -18.16
C GLY A 386 -15.91 -1.03 -19.33
N TYR A 387 -16.66 -1.77 -20.14
CA TYR A 387 -17.27 -1.13 -21.29
C TYR A 387 -18.74 -0.88 -21.03
N LEU A 388 -19.41 -0.34 -22.03
CA LEU A 388 -20.78 0.16 -21.86
C LEU A 388 -21.61 -0.29 -23.06
N TYR A 389 -22.40 -1.33 -22.84
CA TYR A 389 -23.25 -1.88 -23.88
C TYR A 389 -24.65 -1.37 -23.65
N ILE A 390 -25.21 -0.69 -24.64
CA ILE A 390 -26.58 -0.21 -24.53
C ILE A 390 -27.33 -0.63 -25.78
N SER A 391 -28.35 -1.45 -25.59
CA SER A 391 -29.22 -1.86 -26.67
C SER A 391 -30.68 -1.60 -26.41
N ALA A 392 -31.08 -1.45 -25.15
CA ALA A 392 -32.47 -1.17 -24.83
C ALA A 392 -32.54 0.03 -23.90
N TRP A 393 -33.66 0.73 -23.96
CA TRP A 393 -33.82 1.92 -23.15
C TRP A 393 -35.31 2.22 -23.03
N PRO A 394 -35.75 2.78 -21.91
CA PRO A 394 -37.17 3.11 -21.77
C PRO A 394 -37.59 4.21 -22.73
N ASP A 395 -38.78 4.05 -23.28
CA ASP A 395 -39.35 5.04 -24.18
C ASP A 395 -39.74 6.31 -23.43
N SER A 396 -39.87 6.23 -22.11
CA SER A 396 -40.11 7.42 -21.31
C SER A 396 -38.90 8.34 -21.31
N LEU A 397 -37.72 7.81 -21.58
CA LEU A 397 -36.58 8.68 -21.47
C LEU A 397 -35.98 8.97 -22.82
N PRO A 398 -35.87 10.24 -23.19
CA PRO A 398 -35.36 10.61 -24.51
C PRO A 398 -33.85 10.77 -24.53
N ASP A 399 -33.18 10.21 -23.53
CA ASP A 399 -31.84 10.67 -23.21
C ASP A 399 -31.07 9.55 -22.54
N LEU A 400 -29.82 9.84 -22.22
CA LEU A 400 -29.04 8.99 -21.35
C LEU A 400 -28.63 9.83 -20.16
N SER A 401 -29.59 10.54 -19.60
CA SER A 401 -29.33 11.46 -18.52
C SER A 401 -28.97 10.78 -17.21
N VAL A 402 -29.01 9.45 -17.16
CA VAL A 402 -28.53 8.75 -15.96
C VAL A 402 -27.03 8.92 -15.82
N PHE A 403 -26.33 9.19 -16.92
CA PHE A 403 -24.89 9.21 -16.96
C PHE A 403 -24.36 10.61 -17.14
N GLN A 404 -25.05 11.59 -16.57
CA GLN A 404 -24.61 12.97 -16.71
C GLN A 404 -23.28 13.21 -16.01
N ASN A 405 -23.05 12.52 -14.91
CA ASN A 405 -21.91 12.84 -14.08
C ASN A 405 -20.65 12.09 -14.49
N LEU A 406 -20.73 11.26 -15.52
CA LEU A 406 -19.66 10.34 -15.85
C LEU A 406 -18.57 11.06 -16.63
N GLN A 407 -17.37 11.11 -16.06
CA GLN A 407 -16.29 11.77 -16.79
C GLN A 407 -15.67 10.86 -17.83
N VAL A 408 -15.07 9.77 -17.39
CA VAL A 408 -14.13 9.03 -18.22
C VAL A 408 -14.49 7.57 -18.24
N ILE A 409 -14.22 6.94 -19.38
CA ILE A 409 -14.41 5.51 -19.57
C ILE A 409 -13.09 4.99 -20.10
N ARG A 410 -12.39 4.20 -19.29
CA ARG A 410 -11.12 3.69 -19.79
C ARG A 410 -11.33 2.59 -20.80
N GLY A 411 -12.26 1.68 -20.54
CA GLY A 411 -12.55 0.64 -21.47
C GLY A 411 -11.41 -0.35 -21.58
N ARG A 412 -11.05 -0.96 -20.46
CA ARG A 412 -9.98 -1.94 -20.51
C ARG A 412 -10.47 -3.25 -21.09
N ILE A 413 -11.49 -3.84 -20.49
CA ILE A 413 -12.17 -4.94 -21.15
C ILE A 413 -13.05 -4.35 -22.22
N LEU A 414 -12.98 -4.90 -23.43
CA LEU A 414 -13.65 -4.32 -24.57
C LEU A 414 -14.76 -5.21 -25.07
N HIS A 415 -15.81 -4.60 -25.57
CA HIS A 415 -16.93 -5.37 -26.08
C HIS A 415 -16.58 -5.99 -27.41
N ASN A 416 -16.92 -7.27 -27.54
CA ASN A 416 -16.45 -8.16 -28.60
C ASN A 416 -14.93 -8.16 -28.71
N GLY A 417 -14.26 -7.95 -27.58
CA GLY A 417 -12.85 -7.71 -27.58
C GLY A 417 -12.44 -6.40 -28.24
N ALA A 418 -13.38 -5.54 -28.61
CA ALA A 418 -12.99 -4.36 -29.35
C ALA A 418 -13.68 -3.08 -28.93
N TYR A 419 -14.85 -3.12 -28.33
CA TYR A 419 -15.68 -1.93 -28.31
C TYR A 419 -15.85 -1.41 -26.90
N SER A 420 -16.15 -0.14 -26.81
CA SER A 420 -16.20 0.52 -25.52
C SER A 420 -17.46 1.30 -25.26
N LEU A 421 -18.04 1.93 -26.28
CA LEU A 421 -19.34 2.60 -26.15
C LEU A 421 -20.27 2.09 -27.23
N THR A 422 -21.35 1.44 -26.82
CA THR A 422 -22.21 0.72 -27.75
C THR A 422 -23.63 1.27 -27.66
N LEU A 423 -24.09 1.90 -28.72
CA LEU A 423 -25.40 2.55 -28.74
C LEU A 423 -26.16 2.11 -29.96
N GLN A 424 -27.32 1.47 -29.76
CA GLN A 424 -28.07 0.97 -30.89
C GLN A 424 -29.52 0.71 -30.50
N GLY A 425 -30.39 0.82 -31.50
CA GLY A 425 -31.74 0.31 -31.40
C GLY A 425 -32.65 1.03 -30.43
N LEU A 426 -32.54 2.35 -30.33
CA LEU A 426 -33.30 3.07 -29.31
C LEU A 426 -34.33 4.01 -29.90
N GLY A 427 -33.92 4.97 -30.72
CA GLY A 427 -34.84 5.95 -31.26
C GLY A 427 -34.87 7.27 -30.53
N ILE A 428 -34.12 7.43 -29.44
CA ILE A 428 -34.08 8.68 -28.69
C ILE A 428 -33.24 9.68 -29.49
N SER A 429 -33.29 10.95 -29.10
CA SER A 429 -32.83 12.00 -29.98
C SER A 429 -31.43 12.49 -29.65
N TRP A 430 -31.08 12.53 -28.36
CA TRP A 430 -29.75 12.95 -27.96
C TRP A 430 -29.27 11.98 -26.89
N LEU A 431 -28.16 12.33 -26.24
CA LEU A 431 -27.61 11.49 -25.18
C LEU A 431 -27.68 12.19 -23.82
N GLY A 432 -27.03 13.35 -23.71
CA GLY A 432 -26.94 14.04 -22.44
C GLY A 432 -25.76 13.60 -21.60
N LEU A 433 -24.61 13.41 -22.22
CA LEU A 433 -23.44 12.93 -21.50
C LEU A 433 -22.51 14.11 -21.18
N ARG A 434 -22.97 14.95 -20.26
CA ARG A 434 -22.37 16.26 -20.11
C ARG A 434 -20.99 16.25 -19.47
N SER A 435 -20.64 15.20 -18.73
CA SER A 435 -19.30 15.16 -18.16
C SER A 435 -18.33 14.35 -18.99
N LEU A 436 -18.81 13.68 -20.02
CA LEU A 436 -18.02 12.66 -20.70
C LEU A 436 -16.92 13.29 -21.52
N ARG A 437 -15.68 12.88 -21.26
CA ARG A 437 -14.57 13.57 -21.91
C ARG A 437 -13.49 12.69 -22.48
N GLU A 438 -13.41 11.41 -22.12
CA GLU A 438 -12.24 10.64 -22.54
C GLU A 438 -12.59 9.17 -22.63
N LEU A 439 -12.29 8.58 -23.78
CA LEU A 439 -12.40 7.15 -23.99
C LEU A 439 -10.99 6.60 -24.13
N GLY A 440 -10.60 5.73 -23.20
CA GLY A 440 -9.22 5.30 -23.14
C GLY A 440 -8.81 4.42 -24.31
N SER A 441 -9.71 3.57 -24.77
CA SER A 441 -9.41 2.73 -25.90
C SER A 441 -10.72 2.44 -26.62
N GLY A 442 -10.72 1.42 -27.47
CA GLY A 442 -11.95 0.92 -28.05
C GLY A 442 -12.55 1.85 -29.08
N LEU A 443 -13.68 1.42 -29.63
CA LEU A 443 -14.40 2.24 -30.57
C LEU A 443 -15.77 2.57 -30.02
N ALA A 444 -16.38 3.56 -30.66
CA ALA A 444 -17.73 3.98 -30.33
C ALA A 444 -18.60 3.71 -31.55
N LEU A 445 -19.67 2.96 -31.34
CA LEU A 445 -20.56 2.54 -32.41
C LEU A 445 -21.94 3.09 -32.15
N ILE A 446 -22.51 3.75 -33.14
CA ILE A 446 -23.84 4.28 -33.03
C ILE A 446 -24.55 3.99 -34.33
N HIS A 447 -25.66 3.26 -34.25
CA HIS A 447 -26.37 2.84 -35.44
C HIS A 447 -27.78 2.47 -35.07
N HIS A 448 -28.65 2.54 -36.09
CA HIS A 448 -30.03 2.04 -36.04
C HIS A 448 -30.84 2.73 -34.94
N ASN A 449 -30.88 4.06 -34.99
CA ASN A 449 -31.62 4.83 -34.01
C ASN A 449 -32.37 5.93 -34.73
N THR A 450 -33.64 6.12 -34.35
CA THR A 450 -34.57 6.85 -35.20
C THR A 450 -34.32 8.35 -35.18
N HIS A 451 -34.46 8.96 -34.02
CA HIS A 451 -34.50 10.41 -33.92
C HIS A 451 -33.14 10.99 -33.60
N LEU A 452 -32.10 10.19 -33.65
CA LEU A 452 -30.87 10.52 -32.95
C LEU A 452 -30.05 11.52 -33.74
N CYS A 453 -30.19 12.80 -33.38
CA CYS A 453 -29.34 13.85 -33.89
C CYS A 453 -28.13 14.04 -32.97
N PHE A 454 -27.40 15.13 -33.18
CA PHE A 454 -26.42 15.76 -32.31
C PHE A 454 -25.10 15.00 -32.22
N VAL A 455 -24.98 13.82 -32.82
CA VAL A 455 -23.78 13.02 -32.65
C VAL A 455 -22.63 13.60 -33.45
N HIS A 456 -22.92 14.05 -34.66
CA HIS A 456 -21.92 14.68 -35.49
C HIS A 456 -21.43 16.00 -34.90
N THR A 457 -22.22 16.60 -34.03
CA THR A 457 -21.81 17.80 -33.31
C THR A 457 -20.79 17.51 -32.22
N VAL A 458 -20.60 16.24 -31.84
CA VAL A 458 -19.72 15.93 -30.72
C VAL A 458 -18.27 16.05 -31.15
N PRO A 459 -17.48 16.86 -30.49
CA PRO A 459 -16.07 17.06 -30.87
C PRO A 459 -15.19 15.89 -30.43
N TRP A 460 -15.20 14.83 -31.23
CA TRP A 460 -14.60 13.57 -30.82
C TRP A 460 -13.09 13.63 -30.69
N ASP A 461 -12.47 14.69 -31.19
CA ASP A 461 -11.02 14.85 -31.15
C ASP A 461 -10.48 14.88 -29.73
N GLN A 462 -11.28 15.32 -28.76
CA GLN A 462 -10.80 15.45 -27.40
C GLN A 462 -11.00 14.19 -26.58
N LEU A 463 -11.20 13.04 -27.21
CA LEU A 463 -11.69 11.90 -26.43
C LEU A 463 -10.92 10.62 -26.71
N PHE A 464 -9.70 10.70 -27.23
CA PHE A 464 -8.98 9.49 -27.59
C PHE A 464 -7.51 9.65 -27.25
N ARG A 465 -6.83 8.52 -27.12
CA ARG A 465 -5.39 8.52 -26.85
C ARG A 465 -4.71 7.50 -27.74
N ASN A 466 -5.11 7.50 -29.00
CA ASN A 466 -4.27 7.03 -30.09
C ASN A 466 -4.71 7.77 -31.34
N PRO A 467 -3.91 7.76 -32.35
CA PRO A 467 -4.40 8.17 -33.68
C PRO A 467 -5.08 7.04 -34.45
N HIS A 468 -5.95 6.31 -33.77
CA HIS A 468 -6.63 5.23 -34.48
C HIS A 468 -8.13 5.22 -34.28
N GLN A 469 -8.60 5.57 -33.09
CA GLN A 469 -9.95 5.23 -32.67
C GLN A 469 -10.93 6.31 -33.07
N ALA A 470 -11.74 6.02 -34.07
CA ALA A 470 -12.68 6.97 -34.65
C ALA A 470 -14.09 6.65 -34.18
N LEU A 471 -15.05 7.33 -34.76
CA LEU A 471 -16.45 7.20 -34.43
C LEU A 471 -17.14 6.39 -35.51
N LEU A 472 -18.17 5.66 -35.12
CA LEU A 472 -18.95 4.89 -36.08
C LEU A 472 -20.40 5.34 -36.05
N HIS A 473 -20.69 6.34 -36.87
CA HIS A 473 -22.05 6.70 -37.17
C HIS A 473 -22.48 5.95 -38.42
N THR A 474 -23.70 5.45 -38.41
CA THR A 474 -24.42 5.02 -39.61
C THR A 474 -25.87 4.82 -39.23
N ALA A 475 -26.72 4.76 -40.26
CA ALA A 475 -28.07 4.19 -40.19
C ALA A 475 -28.95 4.87 -39.16
N ASN A 476 -28.96 6.20 -39.15
CA ASN A 476 -29.62 6.94 -38.08
C ASN A 476 -30.35 8.12 -38.68
N ARG A 477 -30.70 9.06 -37.81
CA ARG A 477 -31.40 10.28 -38.20
C ARG A 477 -30.57 11.10 -39.18
N PRO A 478 -31.13 11.46 -40.33
CA PRO A 478 -30.35 12.22 -41.31
C PRO A 478 -30.10 13.64 -40.84
N GLU A 479 -28.99 14.19 -41.32
CA GLU A 479 -28.54 15.47 -40.81
C GLU A 479 -29.38 16.62 -41.34
N ASP A 480 -29.84 16.52 -42.58
CA ASP A 480 -30.72 17.55 -43.14
C ASP A 480 -32.07 17.57 -42.45
N GLU A 481 -32.47 16.45 -41.85
CA GLU A 481 -33.69 16.44 -41.08
C GLU A 481 -33.44 16.98 -39.67
N CYS A 482 -32.18 17.01 -39.22
CA CYS A 482 -31.86 17.61 -37.94
C CYS A 482 -31.93 19.13 -37.96
N VAL A 483 -31.97 19.75 -39.14
CA VAL A 483 -32.20 21.19 -39.25
C VAL A 483 -33.60 21.51 -39.70
N GLY A 484 -34.36 20.54 -40.18
CA GLY A 484 -35.81 20.71 -40.27
C GLY A 484 -36.43 20.77 -38.89
N GLU A 485 -35.78 20.13 -37.91
CA GLU A 485 -35.98 20.46 -36.51
C GLU A 485 -35.74 21.93 -36.25
N GLY A 486 -34.70 22.48 -36.86
CA GLY A 486 -34.26 23.81 -36.56
C GLY A 486 -33.38 23.91 -35.33
N LEU A 487 -33.10 22.79 -34.67
CA LEU A 487 -32.30 22.83 -33.48
C LEU A 487 -30.97 22.14 -33.71
N ALA A 488 -29.98 22.64 -32.98
CA ALA A 488 -28.58 22.27 -33.09
C ALA A 488 -27.96 22.67 -31.77
N CYS A 489 -26.63 22.79 -31.75
CA CYS A 489 -25.97 23.34 -30.59
C CYS A 489 -26.35 24.80 -30.40
N HIS A 490 -26.32 25.23 -29.14
CA HIS A 490 -26.79 26.54 -28.73
C HIS A 490 -25.80 27.61 -29.18
N GLN A 491 -26.26 28.87 -29.09
CA GLN A 491 -25.45 30.07 -29.26
C GLN A 491 -24.10 30.01 -28.55
N LEU A 492 -24.13 29.63 -27.28
CA LEU A 492 -22.97 29.81 -26.42
C LEU A 492 -22.04 28.61 -26.37
N CYS A 493 -22.29 27.58 -27.16
CA CYS A 493 -21.40 26.44 -27.19
C CYS A 493 -20.12 26.82 -27.91
N ALA A 494 -18.98 26.50 -27.30
CA ALA A 494 -17.69 26.75 -27.93
C ALA A 494 -17.56 25.90 -29.17
N ARG A 495 -17.50 26.57 -30.33
CA ARG A 495 -17.41 25.94 -31.66
C ARG A 495 -18.55 24.96 -31.91
N GLY A 496 -19.71 25.26 -31.34
CA GLY A 496 -20.92 24.47 -31.52
C GLY A 496 -20.76 23.03 -31.09
N HIS A 497 -20.43 22.79 -29.83
CA HIS A 497 -20.17 21.44 -29.36
C HIS A 497 -21.05 21.15 -28.15
N CYS A 498 -22.07 20.32 -28.37
CA CYS A 498 -23.10 20.09 -27.38
C CYS A 498 -23.51 18.64 -27.39
N TRP A 499 -24.03 18.17 -26.25
CA TRP A 499 -24.54 16.81 -26.17
C TRP A 499 -26.01 16.76 -26.55
N GLY A 500 -26.85 17.46 -25.80
CA GLY A 500 -28.25 17.49 -26.08
C GLY A 500 -28.66 18.85 -26.55
N PRO A 501 -29.96 19.15 -26.45
CA PRO A 501 -30.42 20.49 -26.81
C PRO A 501 -30.46 21.42 -25.61
N GLY A 502 -30.05 22.66 -25.83
CA GLY A 502 -30.32 23.69 -24.87
C GLY A 502 -29.12 24.12 -24.04
N PRO A 503 -29.39 24.84 -22.95
CA PRO A 503 -28.34 25.58 -22.25
C PRO A 503 -27.49 24.72 -21.32
N THR A 504 -27.90 23.48 -21.07
CA THR A 504 -27.20 22.64 -20.12
C THR A 504 -26.33 21.60 -20.81
N GLN A 505 -26.04 21.79 -22.09
CA GLN A 505 -25.59 20.71 -22.92
C GLN A 505 -24.26 20.94 -23.61
N CYS A 506 -23.72 22.15 -23.59
CA CYS A 506 -22.50 22.45 -24.32
C CYS A 506 -21.33 21.70 -23.71
N VAL A 507 -20.39 21.31 -24.57
CA VAL A 507 -19.17 20.66 -24.09
C VAL A 507 -18.33 21.66 -23.32
N ASN A 508 -17.92 22.73 -23.97
CA ASN A 508 -17.25 23.83 -23.34
C ASN A 508 -18.12 25.06 -23.51
N CYS A 509 -18.40 25.76 -22.41
CA CYS A 509 -19.16 26.99 -22.50
C CYS A 509 -18.26 28.13 -22.96
N SER A 510 -18.90 29.24 -23.29
CA SER A 510 -18.18 30.43 -23.73
C SER A 510 -18.22 31.57 -22.71
N GLN A 511 -19.22 31.61 -21.84
CA GLN A 511 -19.37 32.75 -20.94
C GLN A 511 -19.24 32.41 -19.46
N PHE A 512 -20.09 31.54 -18.92
CA PHE A 512 -20.21 31.40 -17.48
C PHE A 512 -20.72 30.02 -17.14
N LEU A 513 -20.79 29.73 -15.84
CA LEU A 513 -21.36 28.48 -15.34
C LEU A 513 -22.28 28.78 -14.17
N ARG A 514 -23.58 28.70 -14.40
CA ARG A 514 -24.56 28.76 -13.33
C ARG A 514 -25.01 27.33 -13.06
N GLY A 515 -24.33 26.69 -12.13
CA GLY A 515 -24.56 25.29 -11.83
C GLY A 515 -24.14 24.42 -12.98
N GLN A 516 -25.12 23.83 -13.67
CA GLN A 516 -24.87 23.07 -14.87
C GLN A 516 -25.54 23.76 -16.03
N GLU A 517 -25.40 25.08 -16.09
CA GLU A 517 -26.10 25.86 -17.10
C GLU A 517 -25.18 27.01 -17.52
N CYS A 518 -24.60 26.88 -18.70
CA CYS A 518 -23.89 27.99 -19.32
C CYS A 518 -24.89 29.08 -19.66
N VAL A 519 -24.64 30.29 -19.15
CA VAL A 519 -25.55 31.42 -19.30
C VAL A 519 -24.80 32.54 -19.98
N GLU A 520 -25.56 33.53 -20.44
CA GLU A 520 -24.98 34.68 -21.11
C GLU A 520 -24.17 35.53 -20.16
N GLU A 521 -24.83 36.08 -19.14
CA GLU A 521 -24.16 36.86 -18.11
C GLU A 521 -24.69 36.39 -16.77
N CYS A 522 -24.02 36.82 -15.71
CA CYS A 522 -24.46 36.51 -14.37
C CYS A 522 -24.84 37.80 -13.66
N ARG A 523 -25.59 37.64 -12.58
CA ARG A 523 -26.07 38.80 -11.86
C ARG A 523 -24.93 39.44 -11.10
N VAL A 524 -24.23 40.32 -11.77
CA VAL A 524 -23.31 41.25 -11.13
C VAL A 524 -23.98 42.57 -10.87
N LEU A 525 -24.66 43.10 -11.89
CA LEU A 525 -25.21 44.45 -11.86
C LEU A 525 -26.64 44.50 -12.36
N GLN A 526 -27.35 43.37 -12.37
CA GLN A 526 -28.60 43.36 -13.11
C GLN A 526 -29.82 42.80 -12.38
N GLY A 527 -29.66 41.80 -11.52
CA GLY A 527 -30.78 41.03 -11.02
C GLY A 527 -30.78 40.92 -9.50
N LEU A 528 -31.79 40.19 -9.00
CA LEU A 528 -31.94 40.18 -7.55
C LEU A 528 -31.03 39.14 -6.88
N PRO A 529 -30.96 37.85 -7.31
CA PRO A 529 -29.93 37.03 -6.62
C PRO A 529 -28.52 37.21 -7.18
N ARG A 530 -27.87 38.29 -6.74
CA ARG A 530 -26.58 38.67 -7.27
C ARG A 530 -25.51 37.63 -6.96
N GLU A 531 -24.66 37.36 -7.94
CA GLU A 531 -23.66 36.32 -7.83
C GLU A 531 -22.33 36.82 -8.35
N TYR A 532 -21.25 36.47 -7.65
CA TYR A 532 -19.93 36.91 -8.06
C TYR A 532 -19.41 36.00 -9.17
N VAL A 533 -18.17 36.23 -9.57
CA VAL A 533 -17.52 35.44 -10.60
C VAL A 533 -16.29 34.78 -10.00
N ASN A 534 -16.20 33.47 -10.16
CA ASN A 534 -14.98 32.74 -9.80
C ASN A 534 -14.53 31.97 -11.03
N ALA A 535 -13.83 32.67 -11.93
CA ALA A 535 -13.26 32.15 -13.16
C ALA A 535 -14.32 31.38 -13.96
N ARG A 536 -15.31 32.16 -14.41
CA ARG A 536 -16.52 31.66 -15.06
C ARG A 536 -17.28 30.70 -14.14
N HIS A 537 -17.48 31.09 -12.89
CA HIS A 537 -18.38 30.37 -11.99
C HIS A 537 -19.14 31.39 -11.17
N CYS A 538 -20.46 31.26 -11.16
CA CYS A 538 -21.32 32.28 -10.58
C CYS A 538 -22.02 31.72 -9.34
N LEU A 539 -21.69 32.28 -8.19
CA LEU A 539 -22.20 31.78 -6.93
C LEU A 539 -22.73 32.92 -6.09
N PRO A 540 -23.76 32.70 -5.30
CA PRO A 540 -24.28 33.79 -4.44
C PRO A 540 -23.33 34.09 -3.30
N CYS A 541 -23.67 35.13 -2.55
CA CYS A 541 -23.13 35.29 -1.22
C CYS A 541 -24.15 34.74 -0.23
N HIS A 542 -23.73 34.57 1.01
CA HIS A 542 -24.67 34.51 2.11
C HIS A 542 -25.47 35.79 2.02
N PRO A 543 -26.79 35.73 1.89
CA PRO A 543 -27.51 36.62 0.97
C PRO A 543 -27.43 38.09 1.31
N GLU A 544 -26.23 38.66 1.13
CA GLU A 544 -25.98 40.01 1.61
C GLU A 544 -25.16 40.90 0.68
N CYS A 545 -24.91 40.57 -0.60
CA CYS A 545 -24.47 41.64 -1.52
C CYS A 545 -25.70 42.50 -1.84
N GLN A 546 -26.06 43.33 -0.85
CA GLN A 546 -27.14 44.29 -0.82
C GLN A 546 -26.87 45.22 -1.99
N PRO A 547 -27.65 45.07 -3.07
CA PRO A 547 -27.18 45.47 -4.40
C PRO A 547 -27.17 46.99 -4.51
N GLN A 548 -25.99 47.57 -4.46
CA GLN A 548 -25.89 49.00 -4.65
C GLN A 548 -26.24 49.31 -6.10
N ASN A 549 -26.76 50.51 -6.34
CA ASN A 549 -27.11 50.90 -7.70
C ASN A 549 -25.79 51.18 -8.43
N GLY A 550 -25.19 50.10 -8.91
CA GLY A 550 -23.83 50.10 -9.39
C GLY A 550 -22.89 49.16 -8.67
N SER A 551 -23.25 48.62 -7.50
CA SER A 551 -22.29 47.79 -6.79
C SER A 551 -23.01 46.76 -5.91
N VAL A 552 -22.24 46.11 -5.03
CA VAL A 552 -22.60 44.89 -4.32
C VAL A 552 -21.81 44.86 -3.00
N THR A 553 -22.12 43.93 -2.06
CA THR A 553 -21.80 44.10 -0.62
C THR A 553 -21.07 42.94 0.15
N CYS A 554 -20.92 41.66 -0.37
CA CYS A 554 -19.99 40.64 0.23
C CYS A 554 -19.43 39.63 -0.81
N PHE A 555 -18.20 39.84 -1.37
CA PHE A 555 -17.73 39.13 -2.58
C PHE A 555 -17.72 37.61 -2.46
N GLY A 556 -16.84 37.09 -1.61
CA GLY A 556 -16.83 35.68 -1.32
C GLY A 556 -18.10 35.32 -0.59
N PRO A 557 -18.52 34.07 -0.70
CA PRO A 557 -19.72 33.63 0.02
C PRO A 557 -19.58 33.69 1.52
N GLU A 558 -18.36 33.67 2.05
CA GLU A 558 -18.11 34.22 3.37
C GLU A 558 -18.46 35.69 3.37
N ALA A 559 -19.45 36.06 4.17
CA ALA A 559 -20.22 37.27 3.91
C ALA A 559 -19.55 38.54 4.44
N ASP A 560 -18.37 38.86 3.88
CA ASP A 560 -17.71 40.08 4.31
C ASP A 560 -16.85 40.85 3.31
N GLN A 561 -17.13 40.85 1.99
CA GLN A 561 -16.03 41.23 1.10
C GLN A 561 -16.30 42.31 0.04
N CYS A 562 -17.51 42.45 -0.52
CA CYS A 562 -17.72 43.26 -1.73
C CYS A 562 -17.65 44.71 -1.27
N VAL A 563 -18.58 45.18 -0.41
CA VAL A 563 -18.29 46.40 0.33
C VAL A 563 -18.57 46.35 1.84
N ALA A 564 -19.80 46.01 2.26
CA ALA A 564 -20.29 46.51 3.54
C ALA A 564 -21.30 45.51 4.12
N CYS A 565 -22.15 45.98 5.02
CA CYS A 565 -23.30 45.21 5.49
C CYS A 565 -24.59 45.65 4.82
N ALA A 566 -25.69 45.09 5.27
CA ALA A 566 -27.02 45.45 4.80
C ALA A 566 -27.90 45.99 5.92
N HIS A 567 -27.96 45.31 7.06
CA HIS A 567 -28.74 45.76 8.20
C HIS A 567 -27.91 46.01 9.44
N TYR A 568 -27.12 45.03 9.85
CA TYR A 568 -26.33 45.10 11.07
C TYR A 568 -24.95 44.53 10.78
N LYS A 569 -24.02 44.72 11.71
CA LYS A 569 -22.68 44.16 11.57
C LYS A 569 -22.31 43.39 12.82
N ASP A 570 -21.96 42.13 12.65
CA ASP A 570 -21.23 41.35 13.64
C ASP A 570 -19.85 41.16 13.02
N PRO A 571 -18.90 42.07 13.27
CA PRO A 571 -17.75 42.25 12.37
C PRO A 571 -16.84 41.03 12.39
N PRO A 572 -16.48 40.50 11.22
CA PRO A 572 -16.60 41.08 9.88
C PRO A 572 -17.94 40.86 9.19
N PHE A 573 -18.83 40.14 9.85
CA PHE A 573 -20.02 39.62 9.19
C PHE A 573 -21.21 40.51 9.49
N CYS A 574 -22.34 40.15 8.90
CA CYS A 574 -23.52 41.00 8.88
C CYS A 574 -24.76 40.16 9.16
N VAL A 575 -25.74 40.75 9.85
CA VAL A 575 -27.02 40.10 10.08
C VAL A 575 -28.15 41.09 9.79
N ALA A 576 -29.33 40.52 9.57
CA ALA A 576 -30.56 41.29 9.53
C ALA A 576 -31.25 41.35 10.89
N ARG A 577 -30.81 40.53 11.82
CA ARG A 577 -31.20 40.61 13.22
C ARG A 577 -30.07 40.01 14.04
N CYS A 578 -29.63 40.73 15.06
CA CYS A 578 -28.55 40.26 15.93
C CYS A 578 -29.06 39.06 16.72
N PRO A 579 -28.56 37.85 16.50
CA PRO A 579 -29.15 36.67 17.12
C PRO A 579 -28.68 36.50 18.56
N SER A 580 -29.33 35.58 19.27
CA SER A 580 -28.98 35.22 20.64
C SER A 580 -29.20 33.72 20.79
N GLY A 581 -28.13 32.95 20.65
CA GLY A 581 -28.20 31.51 20.71
C GLY A 581 -28.06 30.99 22.12
N VAL A 582 -28.33 29.70 22.29
CA VAL A 582 -28.28 29.04 23.60
C VAL A 582 -27.19 27.98 23.66
N LYS A 583 -26.82 27.38 22.52
CA LYS A 583 -25.91 26.24 22.47
C LYS A 583 -24.47 26.69 22.71
N PRO A 584 -23.92 26.42 23.91
CA PRO A 584 -22.72 27.13 24.34
C PRO A 584 -21.43 26.77 23.62
N ASP A 585 -20.98 25.53 23.86
CA ASP A 585 -19.69 24.88 23.56
C ASP A 585 -18.53 25.49 24.35
N LEU A 586 -18.70 26.73 24.79
CA LEU A 586 -18.13 27.33 25.99
C LEU A 586 -19.29 28.17 26.50
N SER A 587 -19.40 28.30 27.82
CA SER A 587 -20.60 28.75 28.53
C SER A 587 -21.22 30.09 28.10
N TYR A 588 -20.48 30.88 27.33
CA TYR A 588 -21.00 32.16 26.88
C TYR A 588 -21.86 32.02 25.64
N MET A 589 -23.04 32.62 25.71
CA MET A 589 -23.90 32.80 24.54
C MET A 589 -23.48 34.09 23.85
N PRO A 590 -24.00 34.36 22.64
CA PRO A 590 -23.86 35.72 22.09
C PRO A 590 -24.70 36.73 22.84
N ILE A 591 -24.16 37.28 23.93
CA ILE A 591 -24.93 37.97 24.94
C ILE A 591 -25.48 39.27 24.39
N TRP A 592 -26.78 39.25 24.05
CA TRP A 592 -27.72 40.37 23.95
C TRP A 592 -27.14 41.64 23.35
N LYS A 593 -26.61 41.52 22.14
CA LYS A 593 -25.77 42.55 21.56
C LYS A 593 -26.62 43.75 21.16
N PHE A 594 -26.33 44.92 21.75
CA PHE A 594 -27.14 46.04 21.29
C PHE A 594 -26.58 46.61 20.00
N PRO A 595 -27.44 46.96 19.06
CA PRO A 595 -26.96 47.55 17.81
C PRO A 595 -26.47 48.95 18.02
N ASP A 596 -25.47 49.32 17.23
CA ASP A 596 -25.10 50.71 17.11
C ASP A 596 -26.11 51.41 16.21
N GLU A 597 -25.97 52.74 16.12
CA GLU A 597 -26.57 53.48 15.01
C GLU A 597 -26.13 52.91 13.67
N GLU A 598 -24.84 52.58 13.56
CA GLU A 598 -24.27 52.09 12.31
C GLU A 598 -24.09 50.58 12.32
N GLY A 599 -24.95 49.85 13.04
CA GLY A 599 -25.13 48.43 12.83
C GLY A 599 -24.28 47.51 13.68
N ALA A 600 -23.45 48.04 14.55
CA ALA A 600 -22.57 47.20 15.36
C ALA A 600 -23.40 46.59 16.48
N CYS A 601 -23.72 45.31 16.35
CA CYS A 601 -24.37 44.56 17.41
C CYS A 601 -23.37 44.42 18.54
N GLN A 602 -23.54 45.19 19.59
CA GLN A 602 -22.48 45.23 20.59
C GLN A 602 -22.92 44.61 21.90
N PRO A 603 -22.14 43.71 22.46
CA PRO A 603 -22.54 43.02 23.71
C PRO A 603 -22.56 43.92 24.95
N CYS A 604 -22.80 43.32 26.07
CA CYS A 604 -23.26 43.80 27.37
C CYS A 604 -22.13 44.06 28.35
N PRO A 605 -22.23 45.14 29.13
CA PRO A 605 -21.17 45.47 30.08
C PRO A 605 -21.12 44.57 31.32
N ILE A 606 -22.26 44.33 31.96
CA ILE A 606 -22.29 43.58 33.20
C ILE A 606 -22.53 42.11 32.85
N ASN A 607 -21.98 41.23 33.70
CA ASN A 607 -22.14 39.78 33.56
C ASN A 607 -23.61 39.37 33.50
N CYS A 608 -24.38 39.65 34.55
CA CYS A 608 -25.83 39.45 34.54
C CYS A 608 -26.44 40.35 35.61
N THR A 609 -27.77 40.24 35.75
CA THR A 609 -28.64 40.74 36.82
C THR A 609 -28.82 42.28 36.78
N HIS A 610 -28.04 43.00 35.97
CA HIS A 610 -28.05 44.45 36.12
C HIS A 610 -28.50 45.21 34.88
N SER A 611 -27.96 44.90 33.69
CA SER A 611 -28.30 45.69 32.52
C SER A 611 -28.13 44.86 31.24
N CYS A 612 -28.43 45.50 30.11
CA CYS A 612 -28.19 45.03 28.74
C CYS A 612 -28.91 43.70 28.46
N VAL A 613 -30.24 43.78 28.38
CA VAL A 613 -30.98 42.69 27.77
C VAL A 613 -31.69 43.34 26.57
N ASP A 614 -31.03 44.36 26.00
CA ASP A 614 -31.27 45.04 24.73
C ASP A 614 -32.49 45.96 24.77
N LEU A 615 -33.35 45.86 25.78
CA LEU A 615 -34.58 46.63 25.83
C LEU A 615 -34.72 47.36 27.16
N ASP A 616 -33.60 47.45 27.90
CA ASP A 616 -33.55 47.90 29.28
C ASP A 616 -34.54 47.10 30.15
N ASP A 617 -34.32 45.80 30.18
CA ASP A 617 -35.24 44.87 30.81
C ASP A 617 -34.45 43.73 31.42
N LYS A 618 -35.14 42.62 31.70
CA LYS A 618 -34.54 41.42 32.24
C LYS A 618 -34.55 40.33 31.17
N GLY A 619 -33.96 39.18 31.50
CA GLY A 619 -33.84 38.11 30.55
C GLY A 619 -32.59 37.27 30.69
N CYS A 620 -31.56 37.76 31.39
CA CYS A 620 -30.47 36.85 31.74
C CYS A 620 -30.86 36.08 32.99
N PRO A 621 -30.79 34.74 32.97
CA PRO A 621 -31.24 33.95 34.13
C PRO A 621 -30.35 34.06 35.35
N ALA A 622 -30.81 33.49 36.46
CA ALA A 622 -30.13 33.45 37.76
C ALA A 622 -29.74 34.83 38.28
N ASP B 1 16.49 -15.28 12.86
CA ASP B 1 15.37 -15.89 13.55
C ASP B 1 14.93 -15.07 14.74
N ILE B 2 13.63 -15.03 14.96
CA ILE B 2 13.04 -14.46 16.18
C ILE B 2 12.17 -15.54 16.78
N GLN B 3 12.31 -15.75 18.09
CA GLN B 3 11.72 -16.89 18.79
C GLN B 3 10.21 -16.75 18.81
N MET B 4 9.55 -17.61 18.05
CA MET B 4 8.09 -17.60 17.94
C MET B 4 7.55 -18.50 19.04
N THR B 5 6.86 -17.90 20.00
CA THR B 5 6.56 -18.56 21.26
C THR B 5 5.05 -18.76 21.39
N GLN B 6 4.56 -19.88 20.87
CA GLN B 6 3.16 -20.22 21.02
C GLN B 6 2.97 -20.98 22.32
N SER B 7 1.99 -20.56 23.12
CA SER B 7 1.64 -21.28 24.34
C SER B 7 0.15 -21.57 24.27
N PRO B 8 -0.28 -22.83 24.42
CA PRO B 8 0.55 -24.01 24.65
C PRO B 8 1.11 -24.58 23.38
N SER B 9 1.49 -25.84 23.43
CA SER B 9 1.70 -26.61 22.23
C SER B 9 0.51 -27.50 21.90
N SER B 10 -0.37 -27.74 22.87
CA SER B 10 -1.55 -28.55 22.65
C SER B 10 -2.55 -28.23 23.75
N LEU B 11 -3.84 -28.35 23.41
CA LEU B 11 -4.90 -28.23 24.41
C LEU B 11 -6.10 -29.03 23.94
N SER B 12 -7.20 -28.88 24.66
CA SER B 12 -8.46 -29.55 24.34
C SER B 12 -9.60 -28.72 24.89
N ALA B 13 -10.73 -28.73 24.16
CA ALA B 13 -11.83 -27.86 24.51
C ALA B 13 -13.14 -28.50 24.07
N SER B 14 -14.22 -27.74 24.16
CA SER B 14 -15.55 -28.17 23.75
C SER B 14 -16.07 -27.26 22.66
N VAL B 15 -17.29 -27.53 22.22
CA VAL B 15 -17.90 -26.72 21.18
C VAL B 15 -18.26 -25.35 21.75
N GLY B 16 -17.87 -24.30 21.04
CA GLY B 16 -18.23 -22.96 21.46
C GLY B 16 -17.35 -22.38 22.53
N ASP B 17 -16.03 -22.44 22.37
CA ASP B 17 -15.11 -21.94 23.37
C ASP B 17 -14.31 -20.79 22.79
N ARG B 18 -14.29 -19.66 23.50
CA ARG B 18 -13.40 -18.56 23.16
C ARG B 18 -12.03 -18.94 23.71
N VAL B 19 -11.17 -19.45 22.85
CA VAL B 19 -9.84 -19.88 23.26
C VAL B 19 -8.81 -19.06 22.52
N THR B 20 -7.92 -18.42 23.28
CA THR B 20 -6.89 -17.56 22.74
C THR B 20 -5.54 -18.22 22.86
N ILE B 21 -4.83 -18.35 21.74
CA ILE B 21 -3.46 -18.83 21.74
C ILE B 21 -2.61 -17.76 21.09
N THR B 22 -1.55 -17.35 21.78
CA THR B 22 -0.73 -16.25 21.32
C THR B 22 0.69 -16.70 21.08
N CYS B 23 1.36 -15.96 20.18
CA CYS B 23 2.71 -16.25 19.73
C CYS B 23 3.51 -14.99 19.98
N LYS B 24 4.03 -14.85 21.19
CA LYS B 24 4.83 -13.69 21.51
C LYS B 24 6.20 -13.78 20.84
N ALA B 25 6.59 -12.71 20.16
CA ALA B 25 7.88 -12.69 19.50
C ALA B 25 8.96 -12.21 20.45
N SER B 26 10.18 -12.68 20.22
CA SER B 26 11.33 -12.26 20.99
C SER B 26 11.96 -10.97 20.47
N GLN B 27 11.31 -10.31 19.52
CA GLN B 27 11.80 -9.08 18.92
C GLN B 27 10.61 -8.42 18.24
N ASP B 28 10.53 -7.10 18.35
CA ASP B 28 9.31 -6.40 17.95
C ASP B 28 9.19 -6.36 16.43
N VAL B 29 8.13 -6.98 15.92
CA VAL B 29 7.85 -7.07 14.49
C VAL B 29 6.42 -6.64 14.22
N SER B 30 5.91 -5.70 15.01
CA SER B 30 4.50 -5.55 15.37
C SER B 30 3.47 -5.41 14.25
N ILE B 31 3.89 -5.36 12.97
CA ILE B 31 2.95 -5.17 11.87
C ILE B 31 2.94 -6.36 10.90
N GLY B 32 4.09 -6.88 10.52
CA GLY B 32 4.14 -7.88 9.46
C GLY B 32 3.90 -9.31 9.90
N VAL B 33 2.64 -9.68 10.15
CA VAL B 33 2.30 -10.92 10.85
C VAL B 33 1.45 -11.80 9.95
N ALA B 34 1.69 -13.11 9.99
CA ALA B 34 0.88 -14.08 9.27
C ALA B 34 0.29 -15.12 10.22
N TRP B 35 -0.76 -15.80 9.74
CA TRP B 35 -1.48 -16.80 10.54
C TRP B 35 -2.02 -17.90 9.63
N TYR B 36 -1.85 -19.15 10.04
CA TYR B 36 -2.13 -20.27 9.15
C TYR B 36 -2.73 -21.44 9.89
N GLN B 37 -3.58 -22.17 9.17
CA GLN B 37 -4.14 -23.44 9.62
C GLN B 37 -3.81 -24.51 8.61
N GLN B 38 -3.22 -25.61 9.08
CA GLN B 38 -2.93 -26.76 8.23
C GLN B 38 -3.60 -27.99 8.81
N LYS B 39 -4.33 -28.70 7.97
CA LYS B 39 -4.95 -29.93 8.39
C LYS B 39 -3.93 -31.07 8.34
N PRO B 40 -4.17 -32.14 9.08
CA PRO B 40 -3.27 -33.32 9.00
C PRO B 40 -3.31 -33.95 7.62
N GLY B 41 -2.14 -34.01 6.99
CA GLY B 41 -2.04 -34.56 5.66
C GLY B 41 -2.65 -33.68 4.59
N LYS B 42 -2.66 -32.37 4.80
CA LYS B 42 -3.27 -31.46 3.85
C LYS B 42 -2.40 -30.23 3.70
N ALA B 43 -2.81 -29.36 2.79
CA ALA B 43 -2.18 -28.09 2.60
C ALA B 43 -2.53 -27.16 3.76
N PRO B 44 -1.74 -26.11 3.96
CA PRO B 44 -2.15 -25.05 4.89
C PRO B 44 -3.23 -24.18 4.27
N LYS B 45 -3.80 -23.31 5.10
CA LYS B 45 -4.67 -22.25 4.65
C LYS B 45 -4.33 -20.97 5.39
N LEU B 46 -4.47 -19.85 4.71
CA LEU B 46 -4.22 -18.56 5.32
C LEU B 46 -5.33 -18.22 6.30
N LEU B 47 -4.98 -17.61 7.43
CA LEU B 47 -5.99 -17.19 8.39
C LEU B 47 -6.07 -15.67 8.54
N ILE B 48 -4.99 -15.04 9.00
CA ILE B 48 -4.98 -13.60 9.27
C ILE B 48 -3.69 -13.04 8.71
N TYR B 49 -3.78 -11.95 7.97
CA TYR B 49 -2.59 -11.19 7.63
C TYR B 49 -2.53 -9.96 8.52
N SER B 50 -1.30 -9.60 8.91
CA SER B 50 -0.96 -8.43 9.72
C SER B 50 -1.61 -8.43 11.10
N ALA B 51 -1.98 -9.61 11.59
CA ALA B 51 -2.52 -9.86 12.94
C ALA B 51 -3.79 -9.09 13.24
N SER B 52 -4.49 -8.59 12.22
CA SER B 52 -5.68 -7.79 12.48
C SER B 52 -6.83 -8.03 11.54
N TYR B 53 -6.63 -8.68 10.40
CA TYR B 53 -7.57 -8.61 9.29
C TYR B 53 -7.92 -10.02 8.87
N ARG B 54 -9.20 -10.36 8.93
CA ARG B 54 -9.65 -11.68 8.50
C ARG B 54 -9.65 -11.75 6.98
N TYR B 55 -9.21 -12.88 6.45
CA TYR B 55 -9.12 -13.03 5.02
C TYR B 55 -10.49 -13.42 4.46
N THR B 56 -10.66 -13.19 3.16
CA THR B 56 -11.88 -13.56 2.46
C THR B 56 -12.13 -15.05 2.56
N GLY B 57 -13.27 -15.42 3.09
CA GLY B 57 -13.59 -16.81 3.29
C GLY B 57 -13.28 -17.32 4.67
N VAL B 58 -12.44 -16.63 5.43
CA VAL B 58 -12.23 -16.96 6.83
C VAL B 58 -13.50 -16.62 7.57
N PRO B 59 -14.10 -17.56 8.28
CA PRO B 59 -15.40 -17.32 8.92
C PRO B 59 -15.33 -16.33 10.07
N SER B 60 -16.50 -16.03 10.61
CA SER B 60 -16.68 -14.93 11.54
C SER B 60 -16.13 -15.24 12.92
N ARG B 61 -16.02 -16.52 13.27
CA ARG B 61 -15.62 -16.90 14.61
C ARG B 61 -14.16 -16.60 14.91
N PHE B 62 -13.39 -16.31 13.89
CA PHE B 62 -11.99 -16.00 14.06
C PHE B 62 -11.84 -14.53 14.38
N SER B 63 -10.69 -14.18 14.97
CA SER B 63 -10.45 -12.79 15.37
C SER B 63 -8.95 -12.58 15.46
N GLY B 64 -8.39 -11.86 14.49
CA GLY B 64 -6.99 -11.51 14.53
C GLY B 64 -6.81 -10.25 15.35
N SER B 65 -5.94 -10.34 16.36
CA SER B 65 -5.76 -9.24 17.28
C SER B 65 -4.33 -9.26 17.81
N GLY B 66 -3.99 -8.25 18.61
CA GLY B 66 -2.71 -8.19 19.27
C GLY B 66 -1.63 -7.51 18.46
N SER B 67 -0.99 -6.51 19.04
CA SER B 67 0.13 -5.80 18.44
C SER B 67 1.37 -5.97 19.33
N GLY B 68 2.45 -5.30 18.97
CA GLY B 68 3.68 -5.42 19.73
C GLY B 68 4.43 -6.70 19.43
N THR B 69 4.39 -7.65 20.36
CA THR B 69 4.81 -9.02 20.05
C THR B 69 3.70 -9.98 20.48
N ASP B 70 2.92 -9.58 21.49
CA ASP B 70 1.75 -10.36 21.92
C ASP B 70 0.70 -10.32 20.85
N PHE B 71 0.52 -11.42 20.15
CA PHE B 71 -0.30 -11.46 18.94
C PHE B 71 -1.44 -12.43 19.17
N THR B 72 -2.66 -11.92 19.16
CA THR B 72 -3.82 -12.66 19.64
C THR B 72 -4.53 -13.37 18.50
N LEU B 73 -4.55 -14.69 18.57
CA LEU B 73 -5.40 -15.52 17.73
C LEU B 73 -6.46 -16.14 18.62
N THR B 74 -7.72 -16.02 18.22
CA THR B 74 -8.80 -16.48 19.06
C THR B 74 -9.94 -17.01 18.23
N ILE B 75 -10.14 -18.32 18.27
CA ILE B 75 -11.44 -18.84 17.85
C ILE B 75 -12.42 -18.56 18.97
N SER B 76 -13.46 -17.79 18.65
CA SER B 76 -14.47 -17.50 19.65
C SER B 76 -15.35 -18.70 19.94
N SER B 77 -15.48 -19.61 18.97
CA SER B 77 -16.46 -20.69 19.10
C SER B 77 -15.96 -21.88 18.30
N LEU B 78 -15.55 -22.93 19.00
CA LEU B 78 -14.92 -24.06 18.38
C LEU B 78 -15.92 -24.94 17.64
N GLN B 79 -15.55 -25.35 16.45
CA GLN B 79 -16.28 -26.25 15.58
C GLN B 79 -15.44 -27.50 15.31
N PRO B 80 -16.06 -28.63 14.98
CA PRO B 80 -15.28 -29.85 14.70
C PRO B 80 -14.37 -29.75 13.49
N GLU B 81 -14.69 -28.84 12.58
CA GLU B 81 -13.83 -28.51 11.45
C GLU B 81 -12.56 -27.78 11.85
N ASP B 82 -12.45 -27.32 13.09
CA ASP B 82 -11.35 -26.46 13.48
C ASP B 82 -10.28 -27.21 14.24
N PHE B 83 -10.36 -28.53 14.29
CA PHE B 83 -9.35 -29.33 14.97
C PHE B 83 -8.14 -29.42 14.05
N ALA B 84 -7.24 -28.46 14.18
CA ALA B 84 -6.08 -28.43 13.31
C ALA B 84 -4.95 -27.68 13.98
N THR B 85 -3.74 -28.05 13.61
CA THR B 85 -2.55 -27.34 14.04
C THR B 85 -2.52 -25.97 13.41
N TYR B 86 -2.20 -24.95 14.20
CA TYR B 86 -2.23 -23.57 13.73
C TYR B 86 -0.82 -23.02 13.74
N TYR B 87 -0.65 -21.85 13.13
CA TYR B 87 0.69 -21.29 13.00
C TYR B 87 0.70 -19.77 13.08
N CYS B 88 1.64 -19.25 13.85
CA CYS B 88 2.02 -17.85 13.78
C CYS B 88 3.20 -17.70 12.85
N GLN B 89 3.32 -16.53 12.25
CA GLN B 89 4.45 -16.25 11.37
C GLN B 89 4.62 -14.75 11.21
N GLN B 90 5.85 -14.30 11.19
CA GLN B 90 6.13 -12.94 10.80
C GLN B 90 6.43 -12.86 9.32
N TYR B 91 6.33 -11.66 8.78
CA TYR B 91 6.99 -11.37 7.52
C TYR B 91 7.69 -10.02 7.57
N TYR B 92 8.12 -9.62 8.75
CA TYR B 92 8.74 -8.32 8.92
C TYR B 92 10.26 -8.38 8.80
N ILE B 93 10.86 -9.56 8.98
CA ILE B 93 12.30 -9.72 9.13
C ILE B 93 12.80 -10.81 8.20
N TYR B 94 13.71 -10.46 7.31
CA TYR B 94 14.42 -11.48 6.54
C TYR B 94 15.40 -12.22 7.45
N PRO B 95 15.55 -13.54 7.30
CA PRO B 95 14.70 -14.48 6.56
C PRO B 95 13.50 -14.83 7.39
N TYR B 96 12.52 -15.47 6.75
CA TYR B 96 11.15 -15.39 7.20
C TYR B 96 10.77 -16.65 7.95
N THR B 97 10.28 -16.46 9.17
CA THR B 97 10.31 -17.48 10.20
C THR B 97 8.91 -17.85 10.60
N PHE B 98 8.59 -19.15 10.50
CA PHE B 98 7.32 -19.68 10.94
C PHE B 98 7.29 -19.81 12.46
N GLY B 99 6.14 -20.23 12.96
CA GLY B 99 6.05 -20.62 14.36
C GLY B 99 6.47 -22.05 14.55
N GLN B 100 5.80 -22.75 15.46
CA GLN B 100 6.10 -24.14 15.68
C GLN B 100 4.87 -25.02 15.73
N GLY B 101 3.68 -24.45 15.80
CA GLY B 101 2.50 -25.30 15.70
C GLY B 101 1.81 -25.47 17.04
N THR B 102 0.49 -25.55 17.01
CA THR B 102 -0.28 -25.75 18.22
C THR B 102 -1.48 -26.61 17.88
N LYS B 103 -1.52 -27.81 18.43
CA LYS B 103 -2.56 -28.74 18.06
C LYS B 103 -3.80 -28.49 18.92
N VAL B 104 -4.96 -28.83 18.36
CA VAL B 104 -6.24 -28.67 19.03
C VAL B 104 -6.97 -30.00 19.03
N GLU B 105 -7.29 -30.50 20.23
CA GLU B 105 -8.10 -31.68 20.42
C GLU B 105 -9.41 -31.25 21.07
N ILE B 106 -10.34 -32.18 21.23
CA ILE B 106 -11.56 -31.95 21.98
C ILE B 106 -11.32 -32.32 23.44
N LYS B 107 -11.89 -31.55 24.35
CA LYS B 107 -11.96 -31.98 25.74
C LYS B 107 -13.14 -32.93 25.92
N ARG B 108 -12.88 -34.08 26.53
CA ARG B 108 -13.94 -34.98 26.94
C ARG B 108 -13.48 -35.72 28.18
N THR B 109 -14.17 -36.80 28.52
CA THR B 109 -13.91 -37.54 29.74
C THR B 109 -12.68 -38.41 29.59
N VAL B 110 -11.79 -38.36 30.58
CA VAL B 110 -10.62 -39.23 30.58
C VAL B 110 -11.04 -40.69 30.71
N ALA B 111 -10.16 -41.58 30.27
CA ALA B 111 -10.52 -42.99 30.12
C ALA B 111 -9.38 -43.90 30.53
N ALA B 112 -9.68 -45.19 30.54
CA ALA B 112 -8.73 -46.21 30.97
C ALA B 112 -7.98 -46.76 29.78
N PRO B 113 -6.65 -46.74 29.78
CA PRO B 113 -5.89 -47.37 28.69
C PRO B 113 -5.99 -48.89 28.73
N SER B 114 -6.06 -49.47 27.55
CA SER B 114 -6.06 -50.92 27.39
C SER B 114 -4.61 -51.38 27.46
N VAL B 115 -4.12 -51.62 28.67
CA VAL B 115 -2.69 -51.78 28.93
C VAL B 115 -2.32 -53.25 28.76
N PHE B 116 -1.46 -53.53 27.79
CA PHE B 116 -1.12 -54.91 27.47
C PHE B 116 0.33 -55.02 27.02
N ILE B 117 1.01 -56.06 27.53
CA ILE B 117 2.37 -56.37 27.16
C ILE B 117 2.32 -57.45 26.08
N PHE B 118 3.43 -57.64 25.37
CA PHE B 118 3.45 -58.53 24.22
C PHE B 118 4.68 -59.44 24.18
N PRO B 119 4.49 -60.75 24.30
CA PRO B 119 5.62 -61.68 24.21
C PRO B 119 6.09 -61.84 22.78
N PRO B 120 7.36 -62.26 22.54
CA PRO B 120 7.85 -62.39 21.17
C PRO B 120 7.35 -63.62 20.43
N SER B 121 7.83 -63.84 19.21
CA SER B 121 7.34 -64.90 18.34
C SER B 121 8.47 -65.84 17.92
N ASP B 122 8.09 -66.90 17.21
CA ASP B 122 9.01 -67.98 16.84
C ASP B 122 9.73 -67.73 15.53
N GLU B 123 9.11 -67.03 14.58
CA GLU B 123 9.87 -66.53 13.46
C GLU B 123 10.79 -65.40 13.88
N GLN B 124 10.47 -64.74 15.00
CA GLN B 124 11.45 -63.85 15.62
C GLN B 124 12.58 -64.65 16.25
N LEU B 125 12.30 -65.87 16.70
CA LEU B 125 13.35 -66.73 17.24
C LEU B 125 14.32 -67.21 16.17
N LYS B 126 13.99 -67.03 14.89
CA LYS B 126 14.98 -67.08 13.84
C LYS B 126 15.42 -65.70 13.36
N SER B 127 14.69 -64.65 13.73
CA SER B 127 15.07 -63.31 13.28
C SER B 127 16.11 -62.69 14.19
N GLY B 128 15.78 -62.48 15.46
CA GLY B 128 16.70 -61.96 16.45
C GLY B 128 16.35 -60.62 17.01
N THR B 129 15.52 -59.84 16.33
CA THR B 129 15.12 -58.51 16.82
C THR B 129 14.10 -58.70 17.94
N ALA B 130 14.57 -58.65 19.18
CA ALA B 130 13.71 -58.92 20.34
C ALA B 130 12.78 -57.73 20.53
N SER B 131 11.68 -57.76 19.81
CA SER B 131 10.73 -56.64 19.77
C SER B 131 9.57 -56.97 20.69
N VAL B 132 9.57 -56.35 21.86
CA VAL B 132 8.46 -56.46 22.80
C VAL B 132 7.61 -55.20 22.68
N VAL B 133 6.31 -55.38 22.56
CA VAL B 133 5.37 -54.28 22.37
C VAL B 133 4.66 -53.99 23.68
N CYS B 134 4.71 -52.74 24.12
CA CYS B 134 3.87 -52.28 25.21
C CYS B 134 2.66 -51.60 24.57
N LEU B 135 1.50 -52.23 24.67
CA LEU B 135 0.32 -51.81 23.93
C LEU B 135 -0.67 -51.10 24.84
N LEU B 136 -1.08 -49.91 24.43
CA LEU B 136 -2.12 -49.15 25.10
C LEU B 136 -3.16 -48.69 24.09
N ASN B 137 -4.38 -48.49 24.58
CA ASN B 137 -5.47 -48.21 23.66
C ASN B 137 -6.61 -47.54 24.41
N ASN B 138 -7.28 -46.62 23.70
CA ASN B 138 -8.61 -46.10 24.04
C ASN B 138 -8.62 -45.41 25.42
N PHE B 139 -7.91 -44.28 25.47
CA PHE B 139 -7.84 -43.53 26.70
C PHE B 139 -7.74 -42.05 26.37
N TYR B 140 -7.49 -41.24 27.40
CA TYR B 140 -7.50 -39.79 27.39
C TYR B 140 -6.95 -39.36 28.75
N PRO B 141 -6.16 -38.27 28.85
CA PRO B 141 -5.66 -37.27 27.90
C PRO B 141 -4.44 -37.67 27.11
N ARG B 142 -3.71 -36.62 26.68
CA ARG B 142 -2.64 -36.76 25.71
C ARG B 142 -1.46 -37.54 26.27
N GLU B 143 -0.82 -37.01 27.30
CA GLU B 143 0.48 -37.51 27.69
C GLU B 143 0.35 -38.72 28.59
N ALA B 144 1.33 -39.61 28.50
CA ALA B 144 1.39 -40.80 29.34
C ALA B 144 2.85 -41.16 29.54
N LYS B 145 3.33 -40.98 30.76
CA LYS B 145 4.72 -41.27 31.09
C LYS B 145 4.89 -42.79 31.12
N VAL B 146 5.43 -43.34 30.04
CA VAL B 146 5.57 -44.78 29.85
C VAL B 146 7.01 -45.08 29.48
N GLN B 147 7.57 -46.11 30.11
CA GLN B 147 8.97 -46.48 29.94
C GLN B 147 9.08 -47.99 30.18
N TRP B 148 10.24 -48.58 29.88
CA TRP B 148 10.49 -49.99 30.06
C TRP B 148 11.32 -50.24 31.31
N LYS B 149 11.44 -51.52 31.68
CA LYS B 149 12.25 -51.90 32.84
C LYS B 149 12.99 -53.20 32.61
N VAL B 150 14.09 -53.36 33.34
CA VAL B 150 14.88 -54.59 33.37
C VAL B 150 15.06 -54.99 34.82
N ASP B 151 14.21 -55.91 35.29
CA ASP B 151 14.33 -56.79 36.46
C ASP B 151 14.25 -56.10 37.82
N ASN B 152 14.74 -54.87 37.93
CA ASN B 152 14.29 -53.88 38.90
C ASN B 152 14.54 -52.47 38.38
N ALA B 153 15.45 -52.32 37.42
CA ALA B 153 15.89 -51.05 36.89
C ALA B 153 15.29 -50.86 35.51
N LEU B 154 15.58 -49.73 34.88
CA LEU B 154 14.85 -49.28 33.70
C LEU B 154 15.30 -50.03 32.45
N GLN B 155 14.83 -49.53 31.31
CA GLN B 155 15.39 -49.85 29.99
C GLN B 155 15.11 -48.68 29.07
N SER B 156 16.17 -48.04 28.58
CA SER B 156 16.02 -46.84 27.77
C SER B 156 17.03 -46.86 26.64
N GLY B 157 16.96 -45.81 25.81
CA GLY B 157 17.90 -45.66 24.71
C GLY B 157 17.40 -46.24 23.40
N ASN B 158 16.90 -47.47 23.44
CA ASN B 158 16.58 -48.20 22.21
C ASN B 158 15.17 -48.78 22.20
N SER B 159 14.18 -47.95 22.52
CA SER B 159 12.78 -48.34 22.44
C SER B 159 12.02 -47.23 21.75
N GLN B 160 11.01 -47.59 20.96
CA GLN B 160 10.22 -46.58 20.25
C GLN B 160 8.73 -46.82 20.39
N GLU B 161 8.01 -45.71 20.49
CA GLU B 161 6.57 -45.66 20.66
C GLU B 161 5.87 -45.50 19.32
N SER B 162 4.55 -45.42 19.35
CA SER B 162 3.78 -45.13 18.16
C SER B 162 2.48 -44.47 18.58
N VAL B 163 2.44 -43.15 18.53
CA VAL B 163 1.23 -42.41 18.85
C VAL B 163 0.26 -42.50 17.68
N THR B 164 -0.98 -42.11 17.91
CA THR B 164 -1.99 -42.07 16.87
C THR B 164 -2.47 -40.64 16.64
N GLU B 165 -2.70 -40.31 15.37
CA GLU B 165 -3.56 -39.18 15.07
C GLU B 165 -4.95 -39.49 15.60
N GLN B 166 -5.56 -38.51 16.25
CA GLN B 166 -6.69 -38.82 17.09
C GLN B 166 -7.98 -39.01 16.31
N ASP B 167 -8.83 -39.88 16.86
CA ASP B 167 -10.15 -40.12 16.32
C ASP B 167 -11.01 -38.86 16.43
N SER B 168 -11.99 -38.77 15.56
CA SER B 168 -13.04 -37.78 15.71
C SER B 168 -14.32 -38.39 16.25
N LYS B 169 -14.42 -39.72 16.27
CA LYS B 169 -15.59 -40.39 16.79
C LYS B 169 -15.65 -40.26 18.30
N ASP B 170 -14.61 -40.74 18.98
CA ASP B 170 -14.52 -40.66 20.42
C ASP B 170 -13.21 -40.07 20.92
N SER B 171 -12.25 -39.83 20.01
CA SER B 171 -10.98 -39.14 20.28
C SER B 171 -10.19 -39.84 21.38
N THR B 172 -9.94 -41.12 21.18
CA THR B 172 -9.30 -41.94 22.19
C THR B 172 -7.91 -42.32 21.73
N TYR B 173 -6.98 -42.36 22.67
CA TYR B 173 -5.58 -42.54 22.36
C TYR B 173 -5.23 -44.01 22.27
N SER B 174 -4.27 -44.33 21.42
CA SER B 174 -3.78 -45.67 21.26
C SER B 174 -2.29 -45.60 21.00
N LEU B 175 -1.54 -46.55 21.56
CA LEU B 175 -0.11 -46.50 21.39
C LEU B 175 0.47 -47.91 21.51
N SER B 176 1.48 -48.16 20.71
CA SER B 176 2.32 -49.35 20.82
C SER B 176 3.74 -48.86 20.95
N SER B 177 4.35 -49.10 22.10
CA SER B 177 5.77 -48.83 22.25
C SER B 177 6.50 -50.15 22.06
N THR B 178 7.50 -50.14 21.19
CA THR B 178 8.23 -51.36 20.87
C THR B 178 9.68 -51.19 21.31
N LEU B 179 10.04 -51.88 22.37
CA LEU B 179 11.44 -52.10 22.71
C LEU B 179 11.97 -53.18 21.80
N THR B 180 12.89 -52.82 20.91
CA THR B 180 13.53 -53.78 20.03
C THR B 180 14.94 -54.04 20.52
N LEU B 181 15.24 -55.29 20.85
CA LEU B 181 16.54 -55.69 21.36
C LEU B 181 17.08 -56.81 20.50
N SER B 182 18.24 -57.32 20.88
CA SER B 182 18.81 -58.46 20.19
C SER B 182 18.39 -59.75 20.88
N LYS B 183 18.68 -60.87 20.22
CA LYS B 183 18.31 -62.17 20.76
C LYS B 183 19.14 -62.50 21.99
N ALA B 184 20.42 -62.12 21.99
CA ALA B 184 21.25 -62.27 23.18
C ALA B 184 20.81 -61.33 24.28
N ASP B 185 20.20 -60.20 23.93
CA ASP B 185 19.67 -59.29 24.93
C ASP B 185 18.42 -59.87 25.56
N TYR B 186 17.61 -60.60 24.78
CA TYR B 186 16.50 -61.34 25.37
C TYR B 186 17.00 -62.49 26.22
N GLU B 187 18.09 -63.12 25.80
CA GLU B 187 18.69 -64.22 26.54
C GLU B 187 19.75 -63.72 27.52
N LYS B 188 19.38 -62.73 28.30
CA LYS B 188 20.24 -62.05 29.27
C LYS B 188 19.57 -61.91 30.63
N HIS B 189 18.26 -61.66 30.66
CA HIS B 189 17.53 -61.42 31.89
C HIS B 189 16.24 -62.24 31.87
N LYS B 190 15.36 -61.94 32.82
CA LYS B 190 14.03 -62.53 32.87
C LYS B 190 12.93 -61.48 32.78
N VAL B 191 12.95 -60.46 33.65
CA VAL B 191 11.80 -59.60 33.90
C VAL B 191 11.95 -58.32 33.10
N TYR B 192 11.12 -58.16 32.07
CA TYR B 192 11.09 -56.96 31.24
C TYR B 192 9.71 -56.34 31.36
N ALA B 193 9.64 -55.12 31.87
CA ALA B 193 8.40 -54.52 32.33
C ALA B 193 8.12 -53.22 31.58
N CYS B 194 6.98 -52.60 31.90
CA CYS B 194 6.55 -51.38 31.22
C CYS B 194 5.99 -50.40 32.25
N GLU B 195 6.52 -49.18 32.26
CA GLU B 195 6.30 -48.22 33.34
C GLU B 195 5.09 -47.35 33.02
N VAL B 196 3.92 -47.98 32.99
CA VAL B 196 2.72 -47.30 32.52
C VAL B 196 2.15 -46.43 33.63
N THR B 197 2.16 -45.12 33.41
CA THR B 197 1.47 -44.17 34.28
C THR B 197 0.66 -43.23 33.41
N HIS B 198 -0.58 -42.94 33.84
CA HIS B 198 -1.45 -42.06 33.06
C HIS B 198 -2.52 -41.47 33.97
N GLN B 199 -2.91 -40.23 33.69
CA GLN B 199 -3.87 -39.51 34.52
C GLN B 199 -5.29 -40.07 34.37
N GLY B 200 -5.58 -40.68 33.22
CA GLY B 200 -6.88 -41.30 33.00
C GLY B 200 -7.18 -42.48 33.89
N LEU B 201 -6.16 -43.03 34.54
CA LEU B 201 -6.37 -43.93 35.67
C LEU B 201 -5.60 -43.42 36.88
N SER B 202 -5.52 -44.22 37.93
CA SER B 202 -4.98 -43.75 39.20
C SER B 202 -3.67 -44.44 39.57
N SER B 203 -3.68 -45.75 39.70
CA SER B 203 -2.48 -46.41 40.20
C SER B 203 -1.47 -46.62 39.08
N PRO B 204 -0.18 -46.52 39.38
CA PRO B 204 0.84 -46.86 38.38
C PRO B 204 0.87 -48.36 38.15
N VAL B 205 0.30 -48.80 37.06
CA VAL B 205 0.14 -50.22 36.78
C VAL B 205 1.28 -50.66 35.88
N THR B 206 1.86 -51.81 36.19
CA THR B 206 2.88 -52.41 35.35
C THR B 206 2.40 -53.79 34.92
N LYS B 207 2.34 -54.01 33.61
CA LYS B 207 1.99 -55.29 33.03
C LYS B 207 3.22 -55.81 32.29
N SER B 208 3.57 -57.06 32.53
CA SER B 208 4.81 -57.61 31.98
C SER B 208 4.71 -59.12 31.85
N PHE B 209 5.71 -59.69 31.18
CA PHE B 209 5.94 -61.11 31.15
C PHE B 209 7.40 -61.36 31.50
N ASN B 210 7.78 -62.64 31.52
CA ASN B 210 9.13 -62.99 31.92
C ASN B 210 9.79 -63.92 30.91
N ARG B 211 10.96 -64.45 31.25
CA ARG B 211 11.64 -65.37 30.34
C ARG B 211 10.93 -66.72 30.30
N GLY B 212 10.85 -67.40 31.44
CA GLY B 212 10.15 -68.67 31.48
C GLY B 212 8.65 -68.52 31.35
N GLU B 213 8.10 -67.46 31.94
CA GLU B 213 6.69 -67.12 31.76
C GLU B 213 6.37 -66.70 30.34
N CYS B 214 7.37 -66.26 29.58
CA CYS B 214 7.38 -66.28 28.10
C CYS B 214 6.31 -65.40 27.46
N GLU C 1 -10.61 -22.58 -10.63
CA GLU C 1 -10.01 -21.48 -9.89
C GLU C 1 -8.52 -21.71 -9.63
N VAL C 2 -7.97 -20.97 -8.68
CA VAL C 2 -6.55 -21.01 -8.38
C VAL C 2 -6.21 -22.37 -7.80
N GLN C 3 -5.50 -23.19 -8.55
CA GLN C 3 -5.04 -24.47 -8.08
C GLN C 3 -3.64 -24.72 -8.60
N LEU C 4 -2.92 -25.59 -7.90
CA LEU C 4 -1.55 -25.90 -8.26
C LEU C 4 -1.39 -27.39 -8.49
N VAL C 5 -0.38 -27.72 -9.28
CA VAL C 5 0.01 -29.10 -9.52
C VAL C 5 1.51 -29.18 -9.32
N GLU C 6 1.95 -30.08 -8.45
CA GLU C 6 3.36 -30.28 -8.17
C GLU C 6 3.77 -31.69 -8.56
N SER C 7 5.02 -31.82 -9.02
CA SER C 7 5.56 -33.12 -9.37
C SER C 7 7.07 -33.08 -9.22
N GLY C 8 7.65 -34.24 -8.98
CA GLY C 8 9.09 -34.35 -8.84
C GLY C 8 9.53 -35.09 -7.61
N GLY C 9 8.59 -35.38 -6.71
CA GLY C 9 8.93 -36.07 -5.48
C GLY C 9 9.26 -37.52 -5.74
N GLY C 10 10.47 -37.93 -5.38
CA GLY C 10 10.87 -39.30 -5.54
C GLY C 10 11.83 -39.73 -4.45
N LEU C 11 12.91 -40.40 -4.84
CA LEU C 11 13.92 -40.83 -3.89
C LEU C 11 15.29 -40.48 -4.43
N VAL C 12 16.16 -39.99 -3.55
CA VAL C 12 17.54 -39.73 -3.91
C VAL C 12 18.45 -40.30 -2.82
N GLN C 13 19.70 -40.48 -3.18
CA GLN C 13 20.74 -40.72 -2.20
C GLN C 13 21.24 -39.38 -1.68
N PRO C 14 21.86 -39.36 -0.49
CA PRO C 14 22.50 -38.13 -0.02
C PRO C 14 23.67 -37.74 -0.91
N GLY C 15 23.50 -36.64 -1.63
CA GLY C 15 24.56 -36.15 -2.49
C GLY C 15 24.11 -35.71 -3.87
N GLY C 16 23.08 -36.35 -4.41
CA GLY C 16 22.63 -36.07 -5.76
C GLY C 16 21.83 -34.79 -5.89
N SER C 17 21.18 -34.65 -7.05
CA SER C 17 20.32 -33.50 -7.30
C SER C 17 19.09 -33.98 -8.05
N LEU C 18 18.12 -33.09 -8.18
CA LEU C 18 16.80 -33.45 -8.70
C LEU C 18 16.07 -32.17 -9.09
N ARG C 19 15.16 -32.31 -10.04
CA ARG C 19 14.31 -31.22 -10.49
C ARG C 19 12.97 -31.24 -9.78
N LEU C 20 12.21 -30.17 -9.95
CA LEU C 20 10.82 -30.10 -9.53
C LEU C 20 9.99 -29.42 -10.60
N SER C 21 8.67 -29.43 -10.39
CA SER C 21 7.76 -28.75 -11.31
C SER C 21 6.51 -28.33 -10.56
N CYS C 22 6.20 -27.05 -10.60
CA CYS C 22 4.96 -26.51 -10.05
C CYS C 22 4.16 -25.94 -11.20
N ALA C 23 3.04 -26.59 -11.52
CA ALA C 23 2.15 -26.08 -12.54
C ALA C 23 1.09 -25.19 -11.92
N ALA C 24 0.80 -24.06 -12.58
CA ALA C 24 -0.17 -23.11 -12.07
C ALA C 24 -1.24 -22.88 -13.12
N SER C 25 -2.41 -22.46 -12.67
CA SER C 25 -3.53 -22.28 -13.58
C SER C 25 -4.56 -21.38 -12.92
N GLY C 26 -5.32 -20.70 -13.77
CA GLY C 26 -6.50 -20.01 -13.30
C GLY C 26 -6.27 -18.62 -12.75
N PHE C 27 -5.16 -17.99 -13.08
CA PHE C 27 -4.86 -16.65 -12.61
C PHE C 27 -3.76 -16.07 -13.49
N THR C 28 -3.55 -14.77 -13.36
CA THR C 28 -2.49 -14.10 -14.11
C THR C 28 -1.15 -14.53 -13.57
N PHE C 29 -0.37 -15.19 -14.40
CA PHE C 29 0.85 -15.80 -13.93
C PHE C 29 1.92 -14.77 -13.61
N THR C 30 1.87 -13.62 -14.25
CA THR C 30 2.95 -12.64 -14.09
C THR C 30 2.61 -11.56 -13.09
N ASP C 31 1.60 -11.78 -12.24
CA ASP C 31 1.26 -10.82 -11.22
C ASP C 31 1.37 -11.42 -9.82
N TYR C 32 1.95 -12.60 -9.71
CA TYR C 32 2.15 -13.23 -8.43
C TYR C 32 3.48 -13.94 -8.49
N THR C 33 4.20 -13.97 -7.39
CA THR C 33 5.52 -14.57 -7.36
C THR C 33 5.44 -15.87 -6.57
N MET C 34 5.47 -16.98 -7.30
CA MET C 34 5.43 -18.30 -6.70
C MET C 34 6.67 -18.55 -5.89
N ASP C 35 6.52 -19.18 -4.73
CA ASP C 35 7.65 -19.41 -3.84
C ASP C 35 7.71 -20.89 -3.44
N TRP C 36 8.59 -21.19 -2.50
CA TRP C 36 8.70 -22.53 -1.95
C TRP C 36 8.82 -22.47 -0.44
N VAL C 37 8.15 -23.40 0.23
CA VAL C 37 8.13 -23.51 1.69
C VAL C 37 8.14 -25.00 2.01
N ARG C 38 8.88 -25.38 3.04
CA ARG C 38 8.95 -26.79 3.41
C ARG C 38 8.49 -27.03 4.84
N GLN C 39 8.30 -28.31 5.13
CA GLN C 39 7.94 -28.76 6.46
C GLN C 39 8.51 -30.15 6.68
N ALA C 40 9.15 -30.33 7.84
CA ALA C 40 9.79 -31.55 8.31
C ALA C 40 8.78 -32.41 9.04
N PRO C 41 8.77 -33.72 8.83
CA PRO C 41 7.67 -34.58 9.30
C PRO C 41 7.63 -34.67 10.81
N GLY C 42 6.48 -34.31 11.37
CA GLY C 42 6.35 -34.18 12.81
C GLY C 42 7.04 -32.96 13.37
N LYS C 43 7.39 -32.00 12.53
CA LYS C 43 8.10 -30.79 12.96
C LYS C 43 7.48 -29.60 12.24
N GLY C 44 8.11 -28.44 12.39
CA GLY C 44 7.51 -27.20 11.95
C GLY C 44 7.72 -26.90 10.47
N LEU C 45 7.06 -25.82 10.05
CA LEU C 45 7.18 -25.32 8.69
C LEU C 45 8.53 -24.62 8.52
N GLU C 46 8.90 -24.36 7.28
CA GLU C 46 10.12 -23.61 7.00
C GLU C 46 10.05 -22.97 5.63
N TRP C 47 10.40 -21.69 5.56
CA TRP C 47 10.45 -20.99 4.28
C TRP C 47 11.66 -21.43 3.47
N VAL C 48 11.47 -21.61 2.17
CA VAL C 48 12.61 -21.98 1.35
C VAL C 48 13.05 -20.82 0.49
N ALA C 49 12.22 -20.39 -0.46
CA ALA C 49 12.71 -19.56 -1.54
C ALA C 49 11.64 -18.56 -1.97
N ASP C 50 11.97 -17.82 -3.04
CA ASP C 50 11.18 -16.71 -3.56
C ASP C 50 11.73 -16.29 -4.93
N VAL C 51 10.86 -16.13 -5.92
CA VAL C 51 11.30 -15.80 -7.27
C VAL C 51 10.15 -15.10 -8.01
N ASN C 52 10.49 -14.10 -8.82
CA ASN C 52 9.49 -13.54 -9.71
C ASN C 52 9.49 -14.27 -11.04
N PRO C 53 8.41 -14.21 -11.80
CA PRO C 53 8.47 -14.56 -13.22
C PRO C 53 8.80 -13.34 -14.08
N ASN C 54 9.72 -12.58 -13.63
CA ASN C 54 10.08 -11.34 -14.28
C ASN C 54 11.58 -11.23 -14.45
N SER C 55 12.35 -11.67 -13.48
CA SER C 55 13.79 -11.71 -13.58
C SER C 55 14.35 -13.12 -13.49
N GLY C 56 13.60 -14.06 -12.94
CA GLY C 56 14.17 -15.33 -12.56
C GLY C 56 15.01 -15.27 -11.32
N GLY C 57 14.92 -14.17 -10.55
CA GLY C 57 15.80 -13.98 -9.43
C GLY C 57 15.51 -14.91 -8.28
N SER C 58 16.38 -15.89 -8.10
CA SER C 58 16.27 -16.82 -6.98
C SER C 58 16.63 -16.05 -5.72
N ILE C 59 15.60 -15.67 -4.98
CA ILE C 59 15.75 -14.90 -3.75
C ILE C 59 15.46 -15.88 -2.62
N TYR C 60 16.49 -16.30 -1.89
CA TYR C 60 16.26 -17.46 -1.04
C TYR C 60 17.10 -17.34 0.22
N ASN C 61 17.25 -18.47 0.91
CA ASN C 61 17.76 -18.51 2.26
C ASN C 61 19.27 -18.30 2.25
N GLN C 62 19.75 -17.44 3.16
CA GLN C 62 21.18 -17.38 3.44
C GLN C 62 21.68 -18.71 3.97
N ARG C 63 20.85 -19.39 4.77
CA ARG C 63 21.21 -20.70 5.31
C ARG C 63 21.33 -21.73 4.20
N PHE C 64 20.62 -21.56 3.09
CA PHE C 64 20.78 -22.39 1.93
C PHE C 64 21.33 -21.62 0.75
N LYS C 65 22.28 -20.72 1.02
CA LYS C 65 22.83 -19.88 -0.03
C LYS C 65 23.65 -20.69 -1.03
N GLY C 66 23.35 -20.50 -2.31
CA GLY C 66 24.09 -21.13 -3.37
C GLY C 66 23.77 -22.58 -3.60
N ARG C 67 22.74 -23.09 -2.93
CA ARG C 67 22.49 -24.52 -2.98
C ARG C 67 21.29 -24.89 -3.83
N PHE C 68 20.35 -23.98 -4.07
CA PHE C 68 19.22 -24.30 -4.91
C PHE C 68 18.96 -23.17 -5.88
N THR C 69 18.46 -23.51 -7.04
CA THR C 69 18.37 -22.57 -8.13
C THR C 69 16.98 -22.64 -8.74
N LEU C 70 16.43 -21.48 -9.06
CA LEU C 70 15.11 -21.37 -9.65
C LEU C 70 15.21 -21.14 -11.15
N SER C 71 14.40 -21.87 -11.90
CA SER C 71 14.27 -21.63 -13.33
C SER C 71 12.79 -21.73 -13.67
N VAL C 72 12.23 -20.62 -14.17
CA VAL C 72 10.82 -20.53 -14.49
C VAL C 72 10.62 -20.81 -15.97
N ASP C 73 9.41 -21.20 -16.33
CA ASP C 73 8.99 -21.24 -17.74
C ASP C 73 7.59 -20.62 -17.79
N ARG C 74 7.56 -19.29 -17.91
CA ARG C 74 6.29 -18.59 -17.96
C ARG C 74 5.58 -18.77 -19.28
N SER C 75 6.25 -19.31 -20.28
CA SER C 75 5.56 -19.74 -21.48
C SER C 75 4.63 -20.89 -21.17
N LYS C 76 5.01 -21.74 -20.23
CA LYS C 76 4.13 -22.80 -19.76
C LYS C 76 3.72 -22.60 -18.31
N ASN C 77 3.99 -21.41 -17.75
CA ASN C 77 3.56 -20.99 -16.42
C ASN C 77 4.04 -21.96 -15.34
N THR C 78 5.27 -22.44 -15.49
CA THR C 78 5.73 -23.55 -14.71
C THR C 78 7.20 -23.36 -14.37
N LEU C 79 7.52 -23.42 -13.09
CA LEU C 79 8.89 -23.24 -12.64
C LEU C 79 9.51 -24.53 -12.18
N TYR C 80 10.81 -24.65 -12.38
CA TYR C 80 11.57 -25.81 -11.94
C TYR C 80 12.37 -25.45 -10.72
N LEU C 81 12.62 -26.43 -9.87
CA LEU C 81 13.40 -26.22 -8.67
C LEU C 81 14.45 -27.33 -8.57
N GLN C 82 15.71 -26.94 -8.58
CA GLN C 82 16.79 -27.90 -8.60
C GLN C 82 17.22 -28.28 -7.20
N MET C 83 18.10 -29.28 -7.11
CA MET C 83 18.56 -29.78 -5.83
C MET C 83 20.07 -29.82 -5.82
N ASN C 84 20.61 -30.35 -4.72
CA ASN C 84 22.04 -30.31 -4.44
C ASN C 84 22.34 -31.34 -3.34
N SER C 85 23.59 -31.42 -2.94
CA SER C 85 24.02 -32.43 -1.97
C SER C 85 23.63 -32.00 -0.56
N LEU C 86 23.13 -32.97 0.20
CA LEU C 86 22.78 -32.81 1.60
C LEU C 86 22.71 -34.21 2.19
N ARG C 87 22.59 -34.30 3.51
CA ARG C 87 22.51 -35.62 4.15
C ARG C 87 21.25 -35.68 5.02
N ALA C 88 20.12 -35.91 4.34
CA ALA C 88 18.79 -36.12 4.91
C ALA C 88 18.31 -34.97 5.81
N GLU C 89 18.93 -33.78 5.77
CA GLU C 89 18.38 -32.68 6.55
C GLU C 89 17.20 -32.05 5.86
N ASP C 90 17.08 -32.27 4.56
CA ASP C 90 16.07 -31.61 3.75
C ASP C 90 15.04 -32.60 3.27
N THR C 91 14.94 -33.76 3.90
CA THR C 91 13.95 -34.76 3.56
C THR C 91 12.61 -34.25 4.09
N ALA C 92 11.98 -33.40 3.28
CA ALA C 92 10.84 -32.63 3.74
C ALA C 92 9.81 -32.53 2.63
N VAL C 93 8.55 -32.44 3.03
CA VAL C 93 7.49 -32.18 2.07
C VAL C 93 7.64 -30.75 1.56
N TYR C 94 7.58 -30.59 0.24
CA TYR C 94 7.94 -29.33 -0.40
C TYR C 94 6.71 -28.68 -1.01
N TYR C 95 6.40 -27.47 -0.55
CA TYR C 95 5.18 -26.77 -0.91
C TYR C 95 5.45 -25.62 -1.86
N CYS C 96 4.74 -25.62 -2.98
CA CYS C 96 4.65 -24.49 -3.89
C CYS C 96 3.53 -23.59 -3.42
N ALA C 97 3.80 -22.29 -3.37
CA ALA C 97 2.81 -21.33 -2.90
C ALA C 97 3.10 -19.99 -3.52
N ARG C 98 2.06 -19.18 -3.64
CA ARG C 98 2.21 -17.88 -4.28
C ARG C 98 2.22 -16.79 -3.21
N ASN C 99 3.13 -15.85 -3.37
CA ASN C 99 3.28 -14.73 -2.48
C ASN C 99 2.09 -13.82 -2.71
N LEU C 100 1.07 -13.92 -1.85
CA LEU C 100 -0.20 -13.23 -2.09
C LEU C 100 -0.04 -11.73 -2.00
N GLY C 101 0.45 -11.24 -0.88
CA GLY C 101 0.95 -9.89 -0.85
C GLY C 101 2.21 -9.87 -1.69
N PRO C 102 2.57 -8.74 -2.21
CA PRO C 102 3.91 -8.65 -2.78
C PRO C 102 4.96 -8.33 -1.74
N SER C 103 4.88 -8.94 -0.57
CA SER C 103 6.08 -8.95 0.24
C SER C 103 6.57 -10.37 0.42
N PHE C 104 5.98 -11.13 1.34
CA PHE C 104 6.54 -12.45 1.62
C PHE C 104 5.54 -13.50 2.09
N TYR C 105 4.25 -13.22 2.18
CA TYR C 105 3.32 -14.14 2.81
C TYR C 105 2.36 -14.75 1.79
N PHE C 106 1.63 -15.77 2.21
CA PHE C 106 1.04 -16.73 1.29
C PHE C 106 -0.43 -16.96 1.57
N ASP C 107 -1.18 -17.29 0.52
CA ASP C 107 -2.53 -17.80 0.71
C ASP C 107 -2.71 -19.20 0.16
N TYR C 108 -2.39 -19.43 -1.11
CA TYR C 108 -2.61 -20.75 -1.65
C TYR C 108 -1.44 -21.65 -1.33
N TRP C 109 -1.65 -22.94 -1.49
CA TRP C 109 -0.68 -23.95 -1.13
C TRP C 109 -0.91 -25.15 -2.03
N GLY C 110 0.14 -25.68 -2.62
CA GLY C 110 0.02 -26.86 -3.44
C GLY C 110 -0.18 -28.10 -2.58
N GLN C 111 -0.42 -29.22 -3.26
CA GLN C 111 -0.48 -30.48 -2.55
C GLN C 111 0.90 -30.90 -2.07
N GLY C 112 1.94 -30.57 -2.83
CA GLY C 112 3.29 -30.78 -2.39
C GLY C 112 3.71 -32.24 -2.35
N THR C 113 5.01 -32.43 -2.10
CA THR C 113 5.57 -33.76 -2.03
C THR C 113 6.88 -33.72 -1.28
N LEU C 114 7.28 -34.88 -0.78
CA LEU C 114 8.56 -35.07 -0.13
C LEU C 114 9.49 -35.86 -1.04
N VAL C 115 10.78 -35.55 -0.94
CA VAL C 115 11.81 -36.28 -1.62
C VAL C 115 12.62 -37.02 -0.57
N THR C 116 12.72 -38.33 -0.72
CA THR C 116 13.43 -39.16 0.24
C THR C 116 14.93 -39.12 -0.03
N VAL C 117 15.69 -38.74 0.98
CA VAL C 117 17.14 -38.65 0.88
C VAL C 117 17.68 -39.90 1.60
N SER C 118 18.02 -40.93 0.84
CA SER C 118 18.49 -42.16 1.44
C SER C 118 19.32 -42.96 0.45
N SER C 119 20.43 -43.50 0.93
CA SER C 119 21.20 -44.46 0.18
C SER C 119 20.68 -45.88 0.36
N ALA C 120 19.69 -46.08 1.21
CA ALA C 120 19.11 -47.40 1.44
C ALA C 120 17.99 -47.63 0.45
N SER C 121 18.01 -48.77 -0.22
CA SER C 121 17.01 -49.11 -1.22
C SER C 121 15.84 -49.81 -0.55
N THR C 122 14.94 -50.37 -1.37
CA THR C 122 13.67 -50.87 -0.90
C THR C 122 13.84 -52.15 -0.09
N LYS C 123 12.77 -52.51 0.62
CA LYS C 123 12.71 -53.78 1.34
C LYS C 123 11.25 -54.12 1.58
N GLY C 124 10.92 -55.40 1.44
CA GLY C 124 9.64 -55.91 1.83
C GLY C 124 9.50 -55.99 3.33
N PRO C 125 8.27 -56.02 3.82
CA PRO C 125 8.05 -55.99 5.27
C PRO C 125 8.41 -57.32 5.92
N SER C 126 9.11 -57.24 7.04
CA SER C 126 9.39 -58.42 7.85
C SER C 126 8.13 -58.80 8.62
N VAL C 127 7.55 -59.94 8.25
CA VAL C 127 6.24 -60.32 8.76
C VAL C 127 6.41 -60.84 10.18
N PHE C 128 5.61 -60.32 11.10
CA PHE C 128 5.54 -60.79 12.47
C PHE C 128 4.11 -60.62 12.97
N PRO C 129 3.60 -61.58 13.73
CA PRO C 129 2.26 -61.44 14.30
C PRO C 129 2.28 -60.75 15.65
N LEU C 130 1.26 -59.93 15.89
CA LEU C 130 1.05 -59.31 17.20
C LEU C 130 0.02 -60.09 18.01
N ALA C 131 0.40 -61.32 18.35
CA ALA C 131 -0.48 -62.24 19.04
C ALA C 131 -0.20 -62.16 20.54
N PRO C 132 -1.16 -61.74 21.35
CA PRO C 132 -1.05 -61.99 22.79
C PRO C 132 -1.25 -63.46 23.08
N SER C 133 -0.78 -63.86 24.27
CA SER C 133 -0.79 -65.28 24.62
C SER C 133 -2.19 -65.74 24.98
N SER C 134 -2.30 -67.04 25.27
CA SER C 134 -3.58 -67.62 25.67
C SER C 134 -4.00 -67.12 27.05
N LYS C 135 -3.06 -66.80 27.92
CA LYS C 135 -3.40 -66.24 29.22
C LYS C 135 -3.56 -64.74 29.13
N SER C 136 -2.59 -64.04 28.52
CA SER C 136 -2.58 -62.59 28.52
C SER C 136 -3.45 -62.02 27.41
N THR C 137 -4.71 -62.42 27.38
CA THR C 137 -5.73 -61.84 26.51
C THR C 137 -6.77 -61.15 27.39
N SER C 138 -7.63 -60.37 26.74
CA SER C 138 -8.61 -59.58 27.47
C SER C 138 -9.76 -60.47 27.94
N GLY C 139 -10.38 -60.05 29.03
CA GLY C 139 -11.53 -60.77 29.56
C GLY C 139 -12.80 -60.46 28.78
N GLY C 140 -12.86 -60.89 27.52
CA GLY C 140 -14.08 -60.77 26.75
C GLY C 140 -13.93 -60.10 25.40
N THR C 141 -13.11 -59.06 25.31
CA THR C 141 -12.91 -58.31 24.07
C THR C 141 -11.41 -58.13 23.82
N ALA C 142 -10.82 -59.07 23.09
CA ALA C 142 -9.38 -59.15 22.95
C ALA C 142 -8.86 -58.06 22.01
N ALA C 143 -7.56 -58.12 21.72
CA ALA C 143 -6.90 -57.20 20.81
C ALA C 143 -5.64 -57.87 20.30
N LEU C 144 -5.45 -57.84 18.98
CA LEU C 144 -4.34 -58.53 18.33
C LEU C 144 -4.16 -57.97 16.93
N GLY C 145 -3.01 -58.30 16.34
CA GLY C 145 -2.74 -57.85 14.99
C GLY C 145 -1.49 -58.41 14.36
N CYS C 146 -0.86 -57.61 13.50
CA CYS C 146 0.34 -58.02 12.78
C CYS C 146 1.39 -56.93 12.92
N LEU C 147 2.64 -57.34 13.09
CA LEU C 147 3.75 -56.39 13.16
C LEU C 147 4.37 -56.20 11.77
N VAL C 148 4.44 -54.96 11.32
CA VAL C 148 4.93 -54.64 9.99
C VAL C 148 6.33 -54.08 10.18
N LYS C 149 7.32 -54.95 10.07
CA LYS C 149 8.69 -54.58 10.39
C LYS C 149 9.49 -54.38 9.11
N ASP C 150 10.25 -53.29 9.06
CA ASP C 150 11.40 -53.11 8.17
C ASP C 150 11.00 -53.19 6.69
N TYR C 151 10.14 -52.27 6.28
CA TYR C 151 9.80 -52.14 4.88
C TYR C 151 10.33 -50.82 4.38
N PHE C 152 10.42 -50.71 3.05
CA PHE C 152 10.85 -49.48 2.44
C PHE C 152 10.40 -49.53 1.00
N PRO C 153 9.91 -48.43 0.42
CA PRO C 153 9.61 -47.13 1.01
C PRO C 153 8.22 -47.05 1.60
N GLU C 154 7.73 -45.85 1.74
CA GLU C 154 6.38 -45.55 2.18
C GLU C 154 5.43 -45.41 1.00
N PRO C 155 4.11 -45.56 1.20
CA PRO C 155 3.34 -46.12 2.33
C PRO C 155 2.68 -47.46 2.00
N VAL C 156 2.03 -48.07 2.98
CA VAL C 156 1.48 -49.42 2.83
C VAL C 156 -0.04 -49.36 2.81
N THR C 157 -0.64 -50.52 2.54
CA THR C 157 -2.09 -50.68 2.46
C THR C 157 -2.48 -51.85 3.36
N VAL C 158 -2.70 -51.56 4.63
CA VAL C 158 -3.08 -52.57 5.61
C VAL C 158 -4.60 -52.70 5.62
N SER C 159 -5.09 -53.93 5.60
CA SER C 159 -6.52 -54.19 5.79
C SER C 159 -6.68 -55.57 6.39
N TRP C 160 -7.90 -55.87 6.86
CA TRP C 160 -8.20 -57.14 7.51
C TRP C 160 -9.32 -57.83 6.76
N ASN C 161 -8.99 -58.95 6.11
CA ASN C 161 -9.86 -59.71 5.21
C ASN C 161 -10.43 -58.78 4.13
N SER C 162 -9.50 -58.16 3.40
CA SER C 162 -9.76 -57.09 2.43
C SER C 162 -10.54 -55.93 3.04
N GLY C 163 -10.25 -55.61 4.30
CA GLY C 163 -10.94 -54.55 5.00
C GLY C 163 -12.34 -54.93 5.40
N ALA C 164 -12.49 -56.10 6.02
CA ALA C 164 -13.82 -56.61 6.34
C ALA C 164 -14.45 -55.85 7.49
N LEU C 165 -13.77 -55.80 8.63
CA LEU C 165 -14.33 -55.23 9.84
C LEU C 165 -13.41 -54.18 10.41
N THR C 166 -13.92 -52.95 10.53
CA THR C 166 -13.17 -51.86 11.12
C THR C 166 -13.57 -51.60 12.57
N SER C 167 -14.29 -52.53 13.18
CA SER C 167 -14.71 -52.39 14.57
C SER C 167 -13.51 -52.60 15.47
N GLY C 168 -12.97 -51.50 15.99
CA GLY C 168 -11.79 -51.58 16.82
C GLY C 168 -10.50 -51.79 16.08
N VAL C 169 -10.46 -51.46 14.79
CA VAL C 169 -9.23 -51.57 14.02
C VAL C 169 -8.26 -50.49 14.47
N HIS C 170 -6.96 -50.82 14.44
CA HIS C 170 -5.92 -49.85 14.81
C HIS C 170 -4.71 -50.08 13.93
N THR C 171 -4.60 -49.31 12.86
CA THR C 171 -3.38 -49.21 12.07
C THR C 171 -2.64 -47.96 12.49
N PHE C 172 -1.44 -48.13 12.98
CA PHE C 172 -0.78 -46.98 13.59
C PHE C 172 0.04 -46.22 12.58
N PRO C 173 0.29 -44.93 12.83
CA PRO C 173 1.28 -44.20 12.02
C PRO C 173 2.66 -44.80 12.19
N ALA C 174 3.35 -44.98 11.07
CA ALA C 174 4.62 -45.67 11.03
C ALA C 174 5.72 -44.83 11.65
N VAL C 175 6.84 -45.48 11.95
CA VAL C 175 8.04 -44.82 12.44
C VAL C 175 9.23 -45.31 11.63
N LEU C 176 10.26 -44.48 11.57
CA LEU C 176 11.51 -44.84 10.95
C LEU C 176 12.49 -45.23 12.04
N GLN C 177 13.02 -46.45 11.97
CA GLN C 177 13.82 -46.92 13.08
C GLN C 177 15.24 -46.37 12.99
N SER C 178 16.03 -46.69 14.02
CA SER C 178 17.38 -46.16 14.13
C SER C 178 18.34 -46.75 13.11
N SER C 179 18.04 -47.93 12.58
CA SER C 179 18.76 -48.44 11.42
C SER C 179 18.17 -47.94 10.12
N GLY C 180 17.30 -46.93 10.18
CA GLY C 180 16.84 -46.21 9.02
C GLY C 180 15.57 -46.72 8.40
N LEU C 181 15.02 -47.83 8.90
CA LEU C 181 13.95 -48.52 8.21
C LEU C 181 12.59 -48.10 8.74
N TYR C 182 11.65 -47.93 7.83
CA TYR C 182 10.27 -47.71 8.23
C TYR C 182 9.71 -48.99 8.81
N SER C 183 8.88 -48.84 9.84
CA SER C 183 8.12 -49.95 10.37
C SER C 183 6.88 -49.41 11.04
N LEU C 184 5.90 -50.28 11.23
CA LEU C 184 4.72 -49.93 11.97
C LEU C 184 4.17 -51.19 12.64
N SER C 185 3.04 -51.00 13.30
CA SER C 185 2.27 -52.10 13.84
C SER C 185 0.82 -51.82 13.50
N SER C 186 0.05 -52.89 13.34
CA SER C 186 -1.37 -52.73 13.07
C SER C 186 -2.12 -53.82 13.80
N VAL C 187 -3.07 -53.42 14.63
CA VAL C 187 -3.86 -54.34 15.43
C VAL C 187 -5.34 -54.06 15.22
N VAL C 188 -6.15 -54.86 15.90
CA VAL C 188 -7.59 -54.75 15.86
C VAL C 188 -8.12 -55.41 17.13
N THR C 189 -9.15 -54.80 17.71
CA THR C 189 -9.77 -55.33 18.92
C THR C 189 -11.01 -56.11 18.51
N VAL C 190 -11.04 -57.40 18.84
CA VAL C 190 -12.18 -58.28 18.56
C VAL C 190 -12.67 -58.83 19.88
N PRO C 191 -13.90 -59.35 19.96
CA PRO C 191 -14.29 -60.07 21.19
C PRO C 191 -13.50 -61.37 21.37
N SER C 192 -13.19 -61.65 22.64
CA SER C 192 -12.34 -62.80 22.96
C SER C 192 -13.04 -64.12 22.70
N SER C 193 -14.36 -64.15 22.89
CA SER C 193 -15.10 -65.39 22.64
C SER C 193 -15.21 -65.68 21.15
N SER C 194 -15.14 -64.64 20.31
CA SER C 194 -15.12 -64.85 18.87
C SER C 194 -13.81 -65.47 18.41
N LEU C 195 -12.74 -65.30 19.19
CA LEU C 195 -11.43 -65.83 18.82
C LEU C 195 -11.38 -67.35 18.84
N GLY C 196 -12.31 -68.01 19.54
CA GLY C 196 -12.35 -69.46 19.54
C GLY C 196 -12.66 -70.06 18.18
N THR C 197 -13.40 -69.32 17.35
CA THR C 197 -13.63 -69.73 15.97
C THR C 197 -13.07 -68.72 14.97
N GLN C 198 -13.43 -67.45 15.09
CA GLN C 198 -13.12 -66.48 14.06
C GLN C 198 -11.67 -65.98 14.19
N THR C 199 -10.99 -65.88 13.06
CA THR C 199 -9.63 -65.35 13.01
C THR C 199 -9.47 -64.51 11.77
N TYR C 200 -9.00 -63.28 11.94
CA TYR C 200 -8.91 -62.30 10.87
C TYR C 200 -7.51 -62.30 10.26
N ILE C 201 -7.44 -61.92 8.98
CA ILE C 201 -6.22 -62.02 8.19
C ILE C 201 -5.80 -60.63 7.74
N CYS C 202 -4.61 -60.21 8.16
CA CYS C 202 -4.13 -58.88 7.81
C CYS C 202 -3.64 -58.88 6.36
N ASN C 203 -4.19 -57.97 5.56
CA ASN C 203 -3.83 -57.85 4.14
C ASN C 203 -3.02 -56.57 4.00
N VAL C 204 -1.70 -56.72 3.89
CA VAL C 204 -0.79 -55.59 3.84
C VAL C 204 -0.05 -55.65 2.53
N ASN C 205 -0.36 -54.72 1.63
CA ASN C 205 0.33 -54.62 0.35
C ASN C 205 1.06 -53.28 0.28
N HIS C 206 2.21 -53.31 -0.37
CA HIS C 206 3.02 -52.11 -0.64
C HIS C 206 3.30 -52.07 -2.14
N LYS C 207 2.58 -51.19 -2.84
CA LYS C 207 2.59 -51.20 -4.29
C LYS C 207 3.91 -50.81 -4.96
N PRO C 208 4.73 -49.87 -4.44
CA PRO C 208 6.09 -49.75 -5.02
C PRO C 208 6.96 -50.97 -4.80
N SER C 209 6.80 -51.66 -3.67
CA SER C 209 7.39 -52.99 -3.53
C SER C 209 6.59 -54.03 -4.27
N ASN C 210 5.29 -53.76 -4.49
CA ASN C 210 4.38 -54.58 -5.31
C ASN C 210 4.23 -55.98 -4.71
N THR C 211 4.24 -56.06 -3.38
CA THR C 211 4.19 -57.32 -2.65
C THR C 211 3.14 -57.21 -1.55
N LYS C 212 2.18 -58.13 -1.55
CA LYS C 212 1.20 -58.15 -0.48
C LYS C 212 1.57 -59.17 0.58
N VAL C 213 0.97 -59.02 1.75
CA VAL C 213 1.20 -59.89 2.89
C VAL C 213 -0.15 -60.32 3.44
N ASP C 214 -0.35 -61.63 3.57
CA ASP C 214 -1.55 -62.21 4.17
C ASP C 214 -1.14 -63.07 5.36
N LYS C 215 -1.72 -62.77 6.53
CA LYS C 215 -1.31 -63.46 7.74
C LYS C 215 -2.42 -63.36 8.77
N LYS C 216 -2.67 -64.46 9.47
CA LYS C 216 -3.64 -64.49 10.56
C LYS C 216 -2.91 -64.76 11.88
N VAL C 217 -3.66 -64.64 12.98
CA VAL C 217 -3.11 -64.50 14.32
C VAL C 217 -3.49 -65.72 15.15
N GLU C 218 -2.51 -66.28 15.87
CA GLU C 218 -2.74 -67.41 16.74
C GLU C 218 -2.13 -67.16 18.11
N PRO C 219 -2.93 -67.23 19.19
CA PRO C 219 -2.40 -67.06 20.56
C PRO C 219 -1.69 -68.33 21.05
N LYS C 220 -0.45 -68.52 20.59
CA LYS C 220 0.28 -69.73 20.88
C LYS C 220 0.84 -69.70 22.29
N SER C 221 0.58 -70.76 23.04
CA SER C 221 1.11 -70.90 24.39
C SER C 221 2.58 -71.31 24.35
N CYS C 222 3.25 -71.10 25.47
CA CYS C 222 4.66 -71.48 25.59
C CYS C 222 4.79 -72.79 26.35
N ASP D 1 -3.74 46.90 3.82
CA ASP D 1 -5.08 47.09 4.35
C ASP D 1 -5.03 48.03 5.56
N ILE D 2 -4.90 47.44 6.75
CA ILE D 2 -5.02 48.17 7.99
C ILE D 2 -3.66 48.22 8.67
N GLN D 3 -3.28 49.40 9.15
CA GLN D 3 -2.09 49.57 9.96
C GLN D 3 -2.49 49.65 11.42
N MET D 4 -1.69 49.01 12.28
CA MET D 4 -2.00 48.93 13.71
C MET D 4 -0.78 49.38 14.49
N THR D 5 -0.67 50.68 14.73
CA THR D 5 0.52 51.24 15.35
C THR D 5 0.51 50.94 16.84
N GLN D 6 1.66 50.51 17.36
CA GLN D 6 1.88 50.34 18.79
C GLN D 6 3.08 51.17 19.20
N SER D 7 2.82 52.26 19.92
CA SER D 7 3.87 53.21 20.29
C SER D 7 4.01 53.28 21.80
N PRO D 8 5.16 52.87 22.38
CA PRO D 8 6.26 52.23 21.66
C PRO D 8 6.04 50.72 21.53
N SER D 9 7.11 49.99 21.27
CA SER D 9 7.04 48.54 21.20
C SER D 9 7.72 47.87 22.39
N SER D 10 8.18 48.66 23.36
CA SER D 10 8.90 48.18 24.53
C SER D 10 8.99 49.34 25.51
N LEU D 11 8.81 49.04 26.79
CA LEU D 11 8.84 50.06 27.83
C LEU D 11 9.07 49.39 29.17
N SER D 12 9.61 50.17 30.11
CA SER D 12 10.00 49.68 31.42
C SER D 12 9.31 50.46 32.51
N ALA D 13 8.96 49.76 33.59
CA ALA D 13 8.24 50.37 34.71
C ALA D 13 8.49 49.54 35.95
N SER D 14 7.79 49.89 37.03
CA SER D 14 7.99 49.26 38.32
C SER D 14 6.71 48.56 38.78
N VAL D 15 6.89 47.64 39.71
CA VAL D 15 5.81 46.76 40.17
C VAL D 15 4.80 47.57 40.97
N GLY D 16 3.55 47.56 40.52
CA GLY D 16 2.53 48.37 41.14
C GLY D 16 2.37 49.73 40.49
N ASP D 17 2.15 49.74 39.18
CA ASP D 17 2.11 51.01 38.45
C ASP D 17 1.09 50.92 37.33
N ARG D 18 0.59 52.08 36.93
CA ARG D 18 -0.40 52.20 35.86
C ARG D 18 0.26 51.92 34.52
N VAL D 19 -0.52 51.32 33.61
CA VAL D 19 -0.08 50.98 32.26
C VAL D 19 -0.83 51.85 31.28
N THR D 20 -0.12 52.38 30.28
CA THR D 20 -0.74 53.19 29.25
C THR D 20 -0.19 52.74 27.90
N ILE D 21 -1.05 52.16 27.07
CA ILE D 21 -0.63 51.57 25.80
C ILE D 21 -1.35 52.31 24.68
N THR D 22 -0.61 52.64 23.62
CA THR D 22 -1.16 53.34 22.47
C THR D 22 -1.25 52.36 21.31
N CYS D 23 -2.42 51.76 21.12
CA CYS D 23 -2.68 50.94 19.95
C CYS D 23 -3.47 51.80 18.98
N ARG D 24 -2.85 52.19 17.87
CA ARG D 24 -3.48 53.13 16.95
C ARG D 24 -4.02 52.41 15.72
N ALA D 25 -5.26 52.71 15.38
CA ALA D 25 -5.88 52.22 14.16
C ALA D 25 -5.36 52.98 12.95
N SER D 26 -5.95 52.71 11.79
CA SER D 26 -5.54 53.38 10.57
C SER D 26 -6.67 53.90 9.72
N GLN D 27 -7.91 53.45 9.94
CA GLN D 27 -8.97 53.65 8.97
C GLN D 27 -10.27 53.84 9.72
N ASP D 28 -11.39 53.62 9.03
CA ASP D 28 -12.73 53.72 9.57
C ASP D 28 -13.16 52.44 10.33
N VAL D 29 -12.18 51.68 10.82
CA VAL D 29 -12.46 50.60 11.75
C VAL D 29 -13.13 51.16 12.99
N ASN D 30 -14.28 50.59 13.33
CA ASN D 30 -15.08 51.16 14.41
C ASN D 30 -14.71 50.52 15.74
N THR D 31 -14.94 49.24 15.88
CA THR D 31 -14.92 48.72 17.24
C THR D 31 -14.11 47.44 17.39
N ALA D 32 -14.14 46.57 16.39
CA ALA D 32 -13.81 45.15 16.57
C ALA D 32 -12.31 44.97 16.76
N VAL D 33 -11.87 45.19 17.99
CA VAL D 33 -10.46 45.20 18.36
C VAL D 33 -10.27 44.22 19.51
N ALA D 34 -9.16 43.48 19.49
CA ALA D 34 -8.83 42.59 20.59
C ALA D 34 -7.36 42.72 20.96
N TRP D 35 -7.09 42.63 22.26
CA TRP D 35 -5.75 42.67 22.84
C TRP D 35 -5.25 41.25 23.11
N TYR D 36 -3.93 41.08 23.12
CA TYR D 36 -3.38 39.76 23.31
C TYR D 36 -2.07 39.78 24.09
N GLN D 37 -1.77 38.65 24.71
CA GLN D 37 -0.54 38.46 25.46
C GLN D 37 0.05 37.09 25.16
N GLN D 38 1.37 37.08 24.95
CA GLN D 38 2.14 35.84 24.89
C GLN D 38 3.48 36.08 25.56
N LYS D 39 3.88 35.17 26.42
CA LYS D 39 5.20 35.08 27.01
C LYS D 39 6.10 34.23 26.11
N PRO D 40 7.43 34.37 26.19
CA PRO D 40 8.30 33.64 25.25
C PRO D 40 8.22 32.13 25.42
N GLY D 41 7.73 31.46 24.38
CA GLY D 41 7.49 30.04 24.40
C GLY D 41 6.04 29.64 24.54
N LYS D 42 5.11 30.57 24.38
CA LYS D 42 3.72 30.38 24.74
C LYS D 42 2.81 30.64 23.55
N ALA D 43 1.53 30.77 23.85
CA ALA D 43 0.47 31.05 22.90
C ALA D 43 -0.03 32.48 23.08
N PRO D 44 -0.50 33.12 22.01
CA PRO D 44 -1.05 34.48 22.13
C PRO D 44 -2.42 34.46 22.77
N LYS D 45 -2.49 34.85 24.03
CA LYS D 45 -3.70 34.66 24.81
C LYS D 45 -4.39 36.00 25.01
N LEU D 46 -5.72 35.93 25.09
CA LEU D 46 -6.56 37.11 25.05
C LEU D 46 -6.40 37.97 26.29
N LEU D 47 -6.25 39.26 26.09
CA LEU D 47 -6.36 40.22 27.17
C LEU D 47 -7.75 40.83 27.21
N ILE D 48 -8.15 41.54 26.17
CA ILE D 48 -9.45 42.18 26.10
C ILE D 48 -10.18 41.73 24.85
N TYR D 49 -11.36 41.15 25.04
CA TYR D 49 -12.27 40.95 23.93
C TYR D 49 -13.24 42.12 23.88
N SER D 50 -13.81 42.34 22.69
CA SER D 50 -14.82 43.35 22.39
C SER D 50 -14.31 44.77 22.65
N ALA D 51 -12.98 44.95 22.65
CA ALA D 51 -12.27 46.22 22.79
C ALA D 51 -12.48 46.94 24.13
N SER D 52 -13.29 46.37 25.02
CA SER D 52 -13.47 46.94 26.35
C SER D 52 -13.58 45.91 27.45
N PHE D 53 -13.58 44.62 27.15
CA PHE D 53 -13.95 43.59 28.11
C PHE D 53 -12.78 42.66 28.34
N LEU D 54 -12.24 42.71 29.55
CA LEU D 54 -11.24 41.75 30.01
C LEU D 54 -11.83 40.33 29.99
N TYR D 55 -10.99 39.37 29.63
CA TYR D 55 -11.45 38.00 29.46
C TYR D 55 -11.46 37.26 30.79
N SER D 56 -12.47 36.41 30.98
CA SER D 56 -12.69 35.72 32.23
C SER D 56 -11.57 34.73 32.55
N GLY D 57 -11.49 34.35 33.82
CA GLY D 57 -10.37 33.58 34.30
C GLY D 57 -9.10 34.37 34.49
N VAL D 58 -9.17 35.70 34.37
CA VAL D 58 -8.01 36.57 34.48
C VAL D 58 -8.39 37.64 35.50
N PRO D 59 -7.50 38.00 36.42
CA PRO D 59 -7.86 38.97 37.46
C PRO D 59 -8.05 40.37 36.90
N SER D 60 -8.84 41.15 37.64
CA SER D 60 -9.40 42.42 37.17
C SER D 60 -8.51 43.61 37.47
N ARG D 61 -7.19 43.41 37.55
CA ARG D 61 -6.24 44.49 37.62
C ARG D 61 -6.13 45.27 36.32
N PHE D 62 -6.75 44.78 35.26
CA PHE D 62 -6.73 45.35 33.93
C PHE D 62 -7.74 46.50 33.82
N SER D 63 -7.74 47.15 32.66
CA SER D 63 -8.67 48.22 32.35
C SER D 63 -8.79 48.37 30.83
N GLY D 64 -9.96 48.79 30.38
CA GLY D 64 -10.19 49.04 28.98
C GLY D 64 -10.81 50.42 28.77
N SER D 65 -10.69 50.91 27.54
CA SER D 65 -11.14 52.25 27.21
C SER D 65 -11.43 52.32 25.72
N ARG D 66 -11.83 53.52 25.28
CA ARG D 66 -12.06 53.78 23.85
C ARG D 66 -11.93 55.27 23.61
N SER D 67 -11.06 55.65 22.67
CA SER D 67 -10.87 57.06 22.32
C SER D 67 -10.35 57.12 20.89
N GLY D 68 -11.23 57.45 19.95
CA GLY D 68 -10.83 57.74 18.59
C GLY D 68 -10.28 56.55 17.83
N THR D 69 -8.96 56.55 17.64
CA THR D 69 -8.25 55.42 17.08
C THR D 69 -7.19 54.89 18.04
N ASP D 70 -6.97 55.59 19.15
CA ASP D 70 -5.97 55.22 20.15
C ASP D 70 -6.71 54.57 21.31
N PHE D 71 -6.75 53.25 21.31
CA PHE D 71 -7.49 52.51 22.32
C PHE D 71 -6.47 51.90 23.27
N THR D 72 -6.70 52.02 24.57
CA THR D 72 -5.65 51.82 25.55
C THR D 72 -5.92 50.62 26.44
N LEU D 73 -4.95 49.72 26.50
CA LEU D 73 -4.92 48.72 27.55
C LEU D 73 -4.19 49.28 28.77
N THR D 74 -4.81 49.14 29.93
CA THR D 74 -4.29 49.66 31.18
C THR D 74 -4.37 48.57 32.23
N ILE D 75 -3.28 48.35 32.94
CA ILE D 75 -3.27 47.56 34.16
C ILE D 75 -3.04 48.53 35.31
N SER D 76 -3.78 48.35 36.40
CA SER D 76 -3.60 49.20 37.56
C SER D 76 -2.24 48.97 38.21
N SER D 77 -1.81 47.73 38.29
CA SER D 77 -0.60 47.35 39.02
C SER D 77 0.24 46.43 38.15
N LEU D 78 1.43 46.89 37.78
CA LEU D 78 2.42 46.00 37.18
C LEU D 78 2.84 44.96 38.21
N GLN D 79 3.06 43.74 37.74
CA GLN D 79 3.53 42.63 38.54
C GLN D 79 4.73 41.99 37.84
N PRO D 80 5.61 41.32 38.60
CA PRO D 80 6.74 40.63 37.94
C PRO D 80 6.32 39.47 37.08
N GLU D 81 5.28 38.74 37.48
CA GLU D 81 4.75 37.67 36.64
C GLU D 81 3.94 38.24 35.48
N ASP D 82 3.39 39.45 35.65
CA ASP D 82 2.64 40.12 34.59
C ASP D 82 3.64 40.84 33.69
N PHE D 83 4.21 40.06 32.78
CA PHE D 83 5.40 40.45 32.06
C PHE D 83 5.49 39.63 30.79
N ALA D 84 5.37 40.29 29.63
CA ALA D 84 5.39 39.58 28.37
C ALA D 84 5.66 40.56 27.23
N THR D 85 5.52 40.06 26.03
CA THR D 85 5.25 40.88 24.87
C THR D 85 3.74 41.05 24.80
N TYR D 86 3.30 42.23 24.37
CA TYR D 86 1.87 42.52 24.39
C TYR D 86 1.41 42.94 23.00
N TYR D 87 0.13 42.68 22.73
CA TYR D 87 -0.38 42.72 21.37
C TYR D 87 -1.79 43.29 21.36
N CYS D 88 -2.14 43.88 20.22
CA CYS D 88 -3.48 44.32 19.92
C CYS D 88 -3.75 44.05 18.45
N GLN D 89 -4.97 43.63 18.14
CA GLN D 89 -5.31 43.35 16.76
C GLN D 89 -6.77 43.70 16.51
N GLN D 90 -7.14 43.68 15.25
CA GLN D 90 -8.54 43.87 14.87
C GLN D 90 -9.13 42.57 14.36
N HIS D 91 -10.46 42.56 14.32
CA HIS D 91 -11.24 41.58 13.60
C HIS D 91 -12.40 42.25 12.91
N TYR D 92 -12.20 43.51 12.54
CA TYR D 92 -13.25 44.30 11.91
C TYR D 92 -13.45 43.85 10.47
N THR D 93 -12.37 43.62 9.75
CA THR D 93 -12.41 43.07 8.41
C THR D 93 -11.33 42.00 8.28
N THR D 94 -11.55 41.12 7.32
CA THR D 94 -10.49 40.22 6.87
C THR D 94 -9.49 41.05 6.07
N PRO D 95 -8.19 40.91 6.31
CA PRO D 95 -7.49 40.03 7.23
C PRO D 95 -7.48 40.53 8.65
N PRO D 96 -7.54 39.61 9.61
CA PRO D 96 -7.28 39.99 10.99
C PRO D 96 -5.82 40.35 11.15
N THR D 97 -5.55 41.64 11.33
CA THR D 97 -4.18 42.13 11.36
C THR D 97 -3.53 41.90 12.72
N PHE D 98 -2.41 42.57 12.94
CA PHE D 98 -1.82 42.64 14.27
C PHE D 98 -1.21 44.01 14.47
N GLY D 99 -0.98 44.34 15.72
CA GLY D 99 -0.05 45.40 16.03
C GLY D 99 1.39 44.89 15.94
N GLN D 100 2.33 45.82 16.09
CA GLN D 100 3.73 45.47 15.86
C GLN D 100 4.32 44.62 16.96
N GLY D 101 3.67 44.55 18.11
CA GLY D 101 4.22 43.80 19.21
C GLY D 101 4.86 44.73 20.21
N THR D 102 4.12 45.08 21.26
CA THR D 102 4.66 45.98 22.25
C THR D 102 5.07 45.18 23.48
N LYS D 103 5.89 45.79 24.33
CA LYS D 103 6.48 45.05 25.41
C LYS D 103 6.53 45.89 26.68
N VAL D 104 6.36 45.21 27.81
CA VAL D 104 6.38 45.83 29.12
C VAL D 104 7.51 45.21 29.91
N GLU D 105 8.40 46.05 30.44
CA GLU D 105 9.52 45.56 31.22
C GLU D 105 9.34 45.89 32.69
N ILE D 106 10.31 45.45 33.48
CA ILE D 106 10.40 45.72 34.90
C ILE D 106 11.65 46.56 35.10
N LYS D 107 11.49 47.85 35.37
CA LYS D 107 12.63 48.74 35.34
C LYS D 107 13.48 48.59 36.60
N ARG D 108 14.77 48.89 36.45
CA ARG D 108 15.74 48.89 37.55
C ARG D 108 16.66 50.09 37.36
N THR D 109 17.80 50.07 38.04
CA THR D 109 18.76 51.16 37.96
C THR D 109 19.76 50.88 36.84
N VAL D 110 20.12 51.95 36.12
CA VAL D 110 21.15 51.92 35.07
C VAL D 110 22.48 51.51 35.68
N ALA D 111 23.00 50.36 35.26
CA ALA D 111 24.08 49.68 35.97
C ALA D 111 25.17 49.21 34.99
N ALA D 112 26.03 48.33 35.50
CA ALA D 112 27.33 48.00 34.93
C ALA D 112 27.41 46.53 34.54
N PRO D 113 28.34 46.18 33.60
CA PRO D 113 28.61 44.77 33.27
C PRO D 113 29.30 43.94 34.35
N SER D 114 29.67 42.71 34.01
CA SER D 114 30.28 41.78 34.97
C SER D 114 31.48 41.07 34.33
N VAL D 115 31.98 40.04 35.02
CA VAL D 115 33.36 39.55 34.87
C VAL D 115 33.31 38.11 34.39
N PHE D 116 33.43 37.88 33.07
CA PHE D 116 33.33 36.54 32.49
C PHE D 116 34.19 36.46 31.23
N ILE D 117 34.67 35.25 30.93
CA ILE D 117 35.42 34.99 29.69
C ILE D 117 35.29 33.51 29.33
N PHE D 118 35.18 33.23 28.03
CA PHE D 118 35.20 31.86 27.51
C PHE D 118 35.96 31.82 26.20
N PRO D 119 37.26 31.55 26.20
CA PRO D 119 37.90 31.11 24.96
C PRO D 119 37.94 29.59 24.89
N PRO D 120 37.86 29.01 23.69
CA PRO D 120 37.95 27.54 23.57
C PRO D 120 39.39 27.04 23.65
N SER D 121 39.58 25.73 23.47
CA SER D 121 40.90 25.14 23.52
C SER D 121 41.52 25.12 22.12
N ASP D 122 42.60 24.36 21.95
CA ASP D 122 43.41 24.43 20.74
C ASP D 122 42.77 23.77 19.53
N GLU D 123 41.82 22.86 19.75
CA GLU D 123 41.09 22.27 18.62
C GLU D 123 40.20 23.31 17.94
N GLN D 124 39.73 24.29 18.68
CA GLN D 124 39.13 25.49 18.11
C GLN D 124 40.12 26.65 18.19
N LEU D 125 41.38 26.35 17.86
CA LEU D 125 42.40 27.37 17.63
C LEU D 125 43.21 27.05 16.37
N LYS D 126 42.53 26.73 15.25
CA LYS D 126 43.31 26.46 14.02
C LYS D 126 42.85 27.20 12.78
N SER D 127 41.54 27.40 12.58
CA SER D 127 40.99 27.92 11.32
C SER D 127 39.63 28.57 11.52
N GLY D 128 39.61 29.91 11.47
CA GLY D 128 38.44 30.78 11.40
C GLY D 128 37.14 30.54 12.15
N THR D 129 37.17 30.26 13.46
CA THR D 129 35.95 30.33 14.28
C THR D 129 36.27 30.77 15.70
N ALA D 130 36.32 32.07 15.95
CA ALA D 130 36.79 32.57 17.23
C ALA D 130 35.62 32.96 18.10
N SER D 131 35.50 32.28 19.24
CA SER D 131 34.46 32.55 20.23
C SER D 131 35.08 33.43 21.32
N VAL D 132 35.19 34.73 21.04
CA VAL D 132 35.66 35.66 22.06
C VAL D 132 34.44 35.94 22.90
N VAL D 133 34.19 35.11 23.90
CA VAL D 133 32.91 35.18 24.60
C VAL D 133 33.08 36.11 25.79
N CYS D 134 32.38 37.24 25.73
CA CYS D 134 32.41 38.27 26.76
C CYS D 134 30.99 38.32 27.35
N LEU D 135 30.76 37.44 28.33
CA LEU D 135 29.45 37.33 28.97
C LEU D 135 29.29 38.42 30.03
N LEU D 136 28.11 39.03 30.07
CA LEU D 136 27.84 40.18 30.92
C LEU D 136 26.73 39.86 31.92
N ASN D 137 26.50 40.81 32.82
CA ASN D 137 25.43 40.74 33.79
C ASN D 137 25.10 42.15 34.25
N ASN D 138 23.89 42.29 34.79
CA ASN D 138 23.47 43.34 35.73
C ASN D 138 23.23 44.69 35.08
N PHE D 139 23.61 44.86 33.82
CA PHE D 139 23.55 46.19 33.24
C PHE D 139 22.12 46.52 32.83
N TYR D 140 21.89 47.80 32.60
CA TYR D 140 20.56 48.30 32.35
C TYR D 140 20.68 49.67 31.70
N PRO D 141 19.87 50.00 30.69
CA PRO D 141 19.00 49.10 29.93
C PRO D 141 19.68 48.45 28.73
N ARG D 142 18.84 48.03 27.79
CA ARG D 142 19.32 47.50 26.52
C ARG D 142 19.98 48.59 25.69
N GLU D 143 19.40 49.80 25.70
CA GLU D 143 19.86 50.91 24.87
C GLU D 143 21.27 51.34 25.26
N ALA D 144 22.15 51.41 24.25
CA ALA D 144 23.58 51.50 24.50
C ALA D 144 24.22 52.53 23.57
N LYS D 145 25.41 52.98 23.98
CA LYS D 145 26.35 53.65 23.12
C LYS D 145 27.36 52.63 22.60
N VAL D 146 27.88 52.86 21.41
CA VAL D 146 28.67 51.86 20.72
C VAL D 146 30.09 52.39 20.53
N GLN D 147 31.03 51.85 21.30
CA GLN D 147 32.45 52.03 21.01
C GLN D 147 33.16 50.74 21.32
N TRP D 148 34.43 50.66 20.92
CA TRP D 148 35.15 49.40 20.91
C TRP D 148 36.53 49.57 21.51
N LYS D 149 36.91 48.62 22.36
CA LYS D 149 38.22 48.59 23.01
C LYS D 149 38.91 47.26 22.75
N VAL D 150 38.87 46.79 21.50
CA VAL D 150 39.38 45.48 21.11
C VAL D 150 40.73 45.68 20.44
N ASP D 151 41.78 45.15 21.09
CA ASP D 151 43.17 44.94 20.66
C ASP D 151 43.77 45.97 19.71
N ASN D 152 43.54 47.26 20.01
CA ASN D 152 44.14 48.41 19.31
C ASN D 152 43.90 48.38 17.80
N ALA D 153 42.72 47.90 17.41
CA ALA D 153 42.35 47.79 16.01
C ALA D 153 40.99 48.45 15.79
N LEU D 154 40.78 48.93 14.57
CA LEU D 154 39.49 49.51 14.21
C LEU D 154 38.44 48.40 14.11
N GLN D 155 37.29 48.61 14.76
CA GLN D 155 36.23 47.61 14.80
C GLN D 155 34.98 48.19 14.16
N SER D 156 34.80 47.93 12.87
CA SER D 156 33.59 48.30 12.14
C SER D 156 33.10 47.05 11.43
N GLY D 157 32.29 46.26 12.14
CA GLY D 157 31.74 45.05 11.60
C GLY D 157 31.98 43.77 12.40
N ASN D 158 32.61 43.87 13.58
CA ASN D 158 32.75 42.72 14.46
C ASN D 158 31.56 42.53 15.38
N SER D 159 30.55 43.38 15.26
CA SER D 159 29.55 43.53 16.31
C SER D 159 28.56 42.36 16.27
N GLN D 160 28.65 41.49 17.27
CA GLN D 160 27.66 40.46 17.50
C GLN D 160 26.96 40.86 18.79
N GLU D 161 25.94 41.71 18.65
CA GLU D 161 25.29 42.35 19.79
C GLU D 161 24.47 41.34 20.58
N SER D 162 24.06 41.76 21.78
CA SER D 162 23.24 40.89 22.59
C SER D 162 22.42 41.63 23.63
N VAL D 163 21.28 41.02 23.95
CA VAL D 163 20.53 41.29 25.17
C VAL D 163 19.74 40.01 25.43
N THR D 164 19.30 39.83 26.67
CA THR D 164 18.68 38.55 27.02
C THR D 164 17.21 38.77 27.38
N GLU D 165 16.57 37.65 27.72
CA GLU D 165 15.34 37.69 28.50
C GLU D 165 15.63 38.34 29.86
N GLN D 166 14.73 39.20 30.29
CA GLN D 166 14.93 39.88 31.56
C GLN D 166 14.70 38.96 32.74
N ASP D 167 15.77 38.43 33.32
CA ASP D 167 15.69 38.07 34.73
C ASP D 167 15.97 39.33 35.52
N SER D 168 15.13 39.59 36.52
CA SER D 168 15.00 40.91 37.11
C SER D 168 15.65 40.98 38.48
N LYS D 169 16.82 40.36 38.61
CA LYS D 169 17.61 40.55 39.82
C LYS D 169 18.08 42.00 39.92
N ASP D 170 18.62 42.55 38.85
CA ASP D 170 18.69 44.00 38.65
C ASP D 170 18.45 44.33 37.18
N SER D 171 17.40 43.71 36.61
CA SER D 171 17.12 43.65 35.17
C SER D 171 18.35 43.13 34.43
N THR D 172 18.67 41.87 34.73
CA THR D 172 19.91 41.27 34.25
C THR D 172 19.82 41.02 32.76
N TYR D 173 20.87 41.41 32.04
CA TYR D 173 21.05 41.03 30.64
C TYR D 173 22.50 40.65 30.43
N SER D 174 22.84 40.24 29.22
CA SER D 174 24.21 39.86 28.92
C SER D 174 24.49 40.26 27.47
N LEU D 175 25.29 41.30 27.29
CA LEU D 175 25.66 41.73 25.95
C LEU D 175 26.93 41.00 25.52
N SER D 176 27.09 40.86 24.21
CA SER D 176 28.18 40.09 23.63
C SER D 176 29.09 40.99 22.81
N SER D 177 30.40 40.76 22.93
CA SER D 177 31.41 41.57 22.24
C SER D 177 32.57 40.66 21.87
N THR D 178 32.71 40.36 20.59
CA THR D 178 33.59 39.29 20.13
C THR D 178 34.51 39.77 19.01
N LEU D 179 35.32 38.84 18.53
CA LEU D 179 36.30 39.06 17.48
C LEU D 179 36.47 37.76 16.70
N THR D 180 36.83 37.84 15.42
CA THR D 180 36.97 36.65 14.57
C THR D 180 37.96 36.91 13.44
N LEU D 181 39.01 36.10 13.37
CA LEU D 181 40.01 36.11 12.30
C LEU D 181 40.50 34.68 12.12
N SER D 182 41.69 34.54 11.51
CA SER D 182 42.39 33.26 11.43
C SER D 182 42.64 32.70 12.83
N LYS D 183 42.03 31.56 13.11
CA LYS D 183 41.88 31.05 14.47
C LYS D 183 43.18 30.45 15.00
N ALA D 184 44.18 30.24 14.14
CA ALA D 184 45.43 29.61 14.54
C ALA D 184 46.20 30.60 15.42
N ASP D 185 45.83 30.57 16.70
CA ASP D 185 46.21 31.61 17.64
C ASP D 185 46.72 31.08 18.97
N TYR D 186 46.89 29.77 19.12
CA TYR D 186 47.34 29.22 20.39
C TYR D 186 48.78 29.61 20.70
N GLU D 187 49.58 29.89 19.66
CA GLU D 187 50.95 30.32 19.85
C GLU D 187 51.14 31.81 19.67
N LYS D 188 50.22 32.51 19.02
CA LYS D 188 50.36 33.96 18.86
C LYS D 188 49.66 34.69 20.00
N HIS D 189 48.34 34.59 20.06
CA HIS D 189 47.52 35.31 21.05
C HIS D 189 46.31 34.43 21.32
N LYS D 190 46.41 33.58 22.34
CA LYS D 190 45.33 32.65 22.67
C LYS D 190 44.14 33.32 23.30
N VAL D 191 44.30 34.55 23.80
CA VAL D 191 43.19 35.34 24.33
C VAL D 191 42.95 36.51 23.39
N TYR D 192 41.92 37.29 23.70
CA TYR D 192 41.55 38.43 22.88
C TYR D 192 41.16 39.57 23.81
N ALA D 193 40.54 40.62 23.25
CA ALA D 193 40.18 41.79 24.02
C ALA D 193 38.69 42.05 23.93
N CYS D 194 38.13 42.53 25.04
CA CYS D 194 36.73 42.92 25.12
C CYS D 194 36.60 44.10 26.07
N GLU D 195 35.65 44.97 25.76
CA GLU D 195 35.07 45.90 26.70
C GLU D 195 33.75 46.38 26.12
N VAL D 196 32.74 46.49 26.98
CA VAL D 196 31.40 46.87 26.57
C VAL D 196 31.07 48.22 27.21
N THR D 197 30.59 49.17 26.39
CA THR D 197 30.30 50.53 26.84
C THR D 197 28.80 50.80 26.69
N HIS D 198 28.23 51.55 27.64
CA HIS D 198 26.80 51.76 27.75
C HIS D 198 26.58 53.18 28.31
N GLN D 199 25.31 53.52 28.58
CA GLN D 199 24.86 54.84 29.00
C GLN D 199 25.51 55.38 30.26
N GLY D 200 25.21 54.74 31.39
CA GLY D 200 25.53 55.29 32.68
C GLY D 200 26.43 54.42 33.52
N LEU D 201 27.46 53.85 32.88
CA LEU D 201 28.45 53.06 33.60
C LEU D 201 29.27 53.94 34.54
N SER D 202 29.05 53.76 35.84
CA SER D 202 30.00 54.18 36.85
C SER D 202 30.94 53.06 37.24
N SER D 203 31.02 52.01 36.43
CA SER D 203 31.91 50.88 36.68
C SER D 203 32.18 50.18 35.35
N PRO D 204 33.30 50.50 34.69
CA PRO D 204 33.65 49.86 33.41
C PRO D 204 34.18 48.46 33.65
N VAL D 205 33.42 47.45 33.22
CA VAL D 205 33.73 46.07 33.56
C VAL D 205 33.88 45.25 32.27
N THR D 206 34.92 44.42 32.23
CA THR D 206 35.13 43.42 31.19
C THR D 206 36.04 42.33 31.76
N LYS D 207 36.26 41.28 30.97
CA LYS D 207 37.18 40.22 31.39
C LYS D 207 37.76 39.48 30.18
N SER D 208 39.08 39.30 30.20
CA SER D 208 39.77 38.29 29.40
C SER D 208 41.12 38.05 30.06
N PHE D 209 41.46 36.78 30.30
CA PHE D 209 42.71 36.48 31.00
C PHE D 209 43.89 36.56 30.05
N ASN D 210 45.04 36.04 30.50
CA ASN D 210 46.30 36.21 29.79
C ASN D 210 46.90 34.85 29.46
N ARG D 211 48.01 34.87 28.71
CA ARG D 211 48.50 33.67 28.06
C ARG D 211 49.10 32.67 29.06
N GLY D 212 49.04 31.39 28.68
CA GLY D 212 49.64 30.32 29.45
C GLY D 212 48.70 29.54 30.34
N GLU D 213 47.40 29.77 30.26
CA GLU D 213 46.45 29.22 31.24
C GLU D 213 45.52 28.18 30.63
N CYS D 214 45.95 27.54 29.54
CA CYS D 214 45.23 26.46 28.83
C CYS D 214 43.79 26.80 28.44
N GLU E 1 -11.76 20.80 27.76
CA GLU E 1 -10.89 21.86 27.27
C GLU E 1 -10.64 21.74 25.77
N VAL E 2 -10.81 22.87 25.07
CA VAL E 2 -10.33 22.99 23.71
C VAL E 2 -8.80 22.89 23.71
N GLN E 3 -8.27 21.88 23.02
CA GLN E 3 -6.83 21.61 23.02
C GLN E 3 -6.41 21.14 21.65
N LEU E 4 -5.32 21.71 21.13
CA LEU E 4 -4.91 21.51 19.75
C LEU E 4 -3.47 21.01 19.71
N VAL E 5 -3.07 20.45 18.57
CA VAL E 5 -1.74 19.88 18.39
C VAL E 5 -1.19 20.33 17.05
N GLU E 6 -0.03 20.97 17.05
CA GLU E 6 0.65 21.38 15.83
C GLU E 6 1.96 20.60 15.73
N SER E 7 2.05 19.72 14.75
CA SER E 7 3.20 18.83 14.63
C SER E 7 3.62 18.68 13.18
N GLY E 8 4.89 18.35 12.98
CA GLY E 8 5.41 17.96 11.69
C GLY E 8 6.38 18.93 11.06
N GLY E 9 6.31 20.22 11.41
CA GLY E 9 7.14 21.22 10.76
C GLY E 9 8.60 21.12 11.17
N GLY E 10 9.42 21.88 10.46
CA GLY E 10 10.84 21.87 10.68
C GLY E 10 11.58 22.21 9.41
N LEU E 11 12.88 22.00 9.45
CA LEU E 11 13.75 22.31 8.32
C LEU E 11 13.49 21.38 7.16
N VAL E 12 13.01 21.94 6.05
CA VAL E 12 12.85 21.25 4.78
C VAL E 12 13.62 22.08 3.76
N GLN E 13 13.78 21.55 2.55
CA GLN E 13 14.34 22.31 1.44
C GLN E 13 13.37 23.43 1.05
N PRO E 14 13.87 24.60 0.64
CA PRO E 14 12.98 25.65 0.14
C PRO E 14 12.27 25.21 -1.14
N GLY E 15 10.94 25.26 -1.09
CA GLY E 15 10.12 24.67 -2.11
C GLY E 15 9.45 23.38 -1.72
N GLY E 16 9.53 23.00 -0.44
CA GLY E 16 8.99 21.73 0.01
C GLY E 16 7.47 21.74 0.07
N SER E 17 6.93 20.58 0.46
CA SER E 17 5.49 20.40 0.51
C SER E 17 5.13 19.47 1.66
N LEU E 18 4.13 19.85 2.45
CA LEU E 18 3.85 19.14 3.70
C LEU E 18 2.46 19.48 4.21
N ARG E 19 1.73 18.45 4.64
CA ARG E 19 0.43 18.59 5.29
C ARG E 19 0.67 18.62 6.80
N LEU E 20 0.29 19.71 7.45
CA LEU E 20 0.39 19.78 8.90
C LEU E 20 -0.91 19.27 9.53
N SER E 21 -1.08 19.46 10.83
CA SER E 21 -2.23 18.92 11.52
C SER E 21 -2.62 19.80 12.69
N CYS E 22 -3.88 19.65 13.11
CA CYS E 22 -4.44 20.38 14.25
C CYS E 22 -5.66 19.61 14.70
N ALA E 23 -5.59 19.00 15.88
CA ALA E 23 -6.59 18.04 16.34
C ALA E 23 -7.48 18.65 17.40
N ALA E 24 -8.79 18.39 17.29
CA ALA E 24 -9.75 18.99 18.21
C ALA E 24 -9.70 18.31 19.57
N SER E 25 -10.39 18.93 20.52
CA SER E 25 -10.53 18.38 21.87
C SER E 25 -11.78 18.99 22.49
N GLY E 26 -12.83 18.19 22.64
CA GLY E 26 -14.01 18.64 23.35
C GLY E 26 -14.87 19.62 22.60
N PHE E 27 -14.70 19.72 21.29
CA PHE E 27 -15.52 20.60 20.47
C PHE E 27 -15.57 20.02 19.07
N ASN E 28 -16.22 20.73 18.17
CA ASN E 28 -16.23 20.37 16.77
C ASN E 28 -15.98 21.60 15.91
N ILE E 29 -15.34 21.37 14.77
CA ILE E 29 -15.04 22.42 13.81
C ILE E 29 -16.17 22.52 12.80
N LYS E 30 -17.31 21.89 13.11
CA LYS E 30 -18.52 22.15 12.36
C LYS E 30 -18.98 23.59 12.54
N ASP E 31 -18.76 24.16 13.72
CA ASP E 31 -19.17 25.52 14.03
C ASP E 31 -17.98 26.32 14.55
N THR E 32 -16.84 26.23 13.87
CA THR E 32 -15.60 26.84 14.35
C THR E 32 -14.73 27.21 13.16
N TYR E 33 -14.14 28.40 13.20
CA TYR E 33 -13.17 28.82 12.20
C TYR E 33 -11.77 28.58 12.71
N ILE E 34 -10.93 28.04 11.85
CA ILE E 34 -9.57 27.67 12.21
C ILE E 34 -8.62 28.62 11.50
N HIS E 35 -7.46 28.87 12.08
CA HIS E 35 -6.53 29.87 11.55
C HIS E 35 -5.10 29.36 11.67
N TRP E 36 -4.19 30.07 11.02
CA TRP E 36 -2.76 29.91 11.26
C TRP E 36 -2.14 31.29 11.32
N VAL E 37 -1.23 31.49 12.26
CA VAL E 37 -0.50 32.75 12.38
C VAL E 37 0.98 32.44 12.46
N ARG E 38 1.73 32.91 11.48
CA ARG E 38 3.17 32.75 11.55
C ARG E 38 3.77 33.87 12.38
N GLN E 39 4.99 33.65 12.83
CA GLN E 39 5.77 34.70 13.47
C GLN E 39 7.24 34.40 13.26
N ALA E 40 7.94 35.35 12.66
CA ALA E 40 9.39 35.28 12.67
C ALA E 40 9.86 35.35 14.12
N PRO E 41 10.78 34.48 14.53
CA PRO E 41 11.09 34.31 15.95
C PRO E 41 11.69 35.55 16.62
N GLY E 42 10.95 36.10 17.56
CA GLY E 42 11.33 37.38 18.14
C GLY E 42 10.85 38.57 17.35
N LYS E 43 9.92 38.38 16.42
CA LYS E 43 9.43 39.48 15.59
C LYS E 43 7.91 39.55 15.66
N GLY E 44 7.29 40.33 14.78
CA GLY E 44 5.86 40.52 14.84
C GLY E 44 5.06 39.34 14.31
N LEU E 45 3.78 39.33 14.65
CA LEU E 45 2.83 38.30 14.26
C LEU E 45 2.21 38.59 12.91
N GLU E 46 1.62 37.55 12.32
CA GLU E 46 1.05 37.68 10.97
C GLU E 46 0.05 36.57 10.73
N TRP E 47 -1.21 36.94 10.55
CA TRP E 47 -2.25 35.99 10.18
C TRP E 47 -1.97 35.41 8.81
N VAL E 48 -2.36 34.16 8.62
CA VAL E 48 -2.09 33.51 7.34
C VAL E 48 -3.38 33.18 6.60
N ALA E 49 -4.20 32.29 7.14
CA ALA E 49 -5.31 31.74 6.39
C ALA E 49 -6.42 31.31 7.33
N ARG E 50 -7.59 31.02 6.76
CA ARG E 50 -8.73 30.60 7.56
C ARG E 50 -9.68 29.75 6.75
N ILE E 51 -10.42 28.89 7.46
CA ILE E 51 -11.28 27.89 6.86
C ILE E 51 -12.61 27.87 7.62
N TYR E 52 -13.67 27.55 6.90
CA TYR E 52 -14.88 27.04 7.52
C TYR E 52 -15.10 25.65 6.97
N PRO E 53 -14.88 24.61 7.78
CA PRO E 53 -14.71 23.27 7.23
C PRO E 53 -15.98 22.65 6.69
N THR E 54 -17.15 23.22 7.00
CA THR E 54 -18.39 22.75 6.41
C THR E 54 -18.41 23.05 4.92
N ASN E 55 -17.82 24.16 4.51
CA ASN E 55 -17.74 24.48 3.11
C ASN E 55 -16.33 24.75 2.61
N GLY E 56 -15.33 24.82 3.49
CA GLY E 56 -13.94 24.86 3.06
C GLY E 56 -13.52 26.13 2.36
N TYR E 57 -14.17 27.24 2.65
CA TYR E 57 -13.89 28.48 1.93
C TYR E 57 -12.67 29.12 2.55
N THR E 58 -11.76 29.61 1.72
CA THR E 58 -10.43 29.98 2.14
C THR E 58 -10.21 31.48 1.98
N ARG E 59 -9.46 32.06 2.92
CA ARG E 59 -8.90 33.38 2.75
C ARG E 59 -7.39 33.27 2.96
N TYR E 60 -6.67 34.27 2.48
CA TYR E 60 -5.22 34.19 2.53
C TYR E 60 -4.62 35.56 2.71
N ALA E 61 -3.38 35.57 3.19
CA ALA E 61 -2.54 36.74 3.07
C ALA E 61 -1.94 36.78 1.67
N ASP E 62 -1.62 37.99 1.21
CA ASP E 62 -1.12 38.14 -0.15
C ASP E 62 0.27 37.57 -0.31
N SER E 63 1.03 37.49 0.78
CA SER E 63 2.35 36.86 0.71
C SER E 63 2.24 35.36 0.49
N VAL E 64 1.13 34.75 0.91
CA VAL E 64 0.92 33.32 0.70
C VAL E 64 -0.31 33.12 -0.16
N LYS E 65 -0.61 34.10 -0.99
CA LYS E 65 -1.80 34.04 -1.82
C LYS E 65 -1.63 32.99 -2.90
N GLY E 66 -2.53 32.01 -2.92
CA GLY E 66 -2.55 31.00 -3.94
C GLY E 66 -1.60 29.84 -3.75
N ARG E 67 -0.56 30.00 -2.93
CA ARG E 67 0.41 28.92 -2.80
C ARG E 67 -0.04 27.91 -1.75
N PHE E 68 -0.32 28.36 -0.54
CA PHE E 68 -0.77 27.44 0.48
C PHE E 68 -2.24 27.09 0.28
N THR E 69 -2.62 25.96 0.86
CA THR E 69 -4.00 25.49 0.79
C THR E 69 -4.39 24.90 2.12
N ILE E 70 -5.35 25.51 2.77
CA ILE E 70 -5.85 25.01 4.05
C ILE E 70 -6.76 23.81 3.76
N SER E 71 -6.83 22.89 4.71
CA SER E 71 -7.58 21.67 4.54
C SER E 71 -7.94 21.13 5.90
N ALA E 72 -9.06 20.44 5.98
CA ALA E 72 -9.49 19.89 7.27
C ALA E 72 -10.31 18.63 7.04
N ASP E 73 -10.35 17.81 8.08
CA ASP E 73 -11.13 16.57 8.05
C ASP E 73 -12.02 16.61 9.28
N THR E 74 -13.24 17.10 9.11
CA THR E 74 -14.20 17.21 10.20
C THR E 74 -14.70 15.84 10.63
N SER E 75 -14.71 14.88 9.70
CA SER E 75 -14.96 13.49 10.06
C SER E 75 -13.90 12.97 11.01
N LYS E 76 -12.64 13.37 10.81
CA LYS E 76 -11.62 13.16 11.81
C LYS E 76 -11.61 14.23 12.88
N ASN E 77 -12.34 15.34 12.66
CA ASN E 77 -12.36 16.53 13.51
C ASN E 77 -10.94 17.00 13.77
N THR E 78 -10.14 17.03 12.70
CA THR E 78 -8.70 17.25 12.82
C THR E 78 -8.28 18.10 11.63
N ALA E 79 -8.14 19.39 11.86
CA ALA E 79 -7.76 20.31 10.80
C ALA E 79 -6.29 20.13 10.45
N TYR E 80 -5.94 20.54 9.24
CA TYR E 80 -4.64 20.26 8.65
C TYR E 80 -4.08 21.55 8.09
N LEU E 81 -2.89 21.45 7.50
CA LEU E 81 -2.34 22.57 6.75
C LEU E 81 -1.38 22.00 5.69
N GLN E 82 -1.89 21.84 4.48
CA GLN E 82 -1.01 21.48 3.38
C GLN E 82 -0.21 22.71 2.96
N MET E 83 1.11 22.63 3.10
CA MET E 83 2.00 23.70 2.71
C MET E 83 2.61 23.38 1.37
N ASN E 84 2.86 24.42 0.57
CA ASN E 84 3.29 24.24 -0.81
C ASN E 84 4.23 25.37 -1.20
N SER E 85 5.31 25.00 -1.89
CA SER E 85 6.28 25.92 -2.50
C SER E 85 6.88 26.88 -1.48
N LEU E 86 7.64 26.31 -0.57
CA LEU E 86 8.22 27.05 0.53
C LEU E 86 9.27 28.03 0.02
N ARG E 87 9.35 29.18 0.68
CA ARG E 87 10.01 30.36 0.15
C ARG E 87 11.22 30.73 1.01
N ALA E 88 11.78 31.90 0.73
CA ALA E 88 12.98 32.35 1.43
C ALA E 88 12.66 32.75 2.86
N GLU E 89 11.61 33.53 3.04
CA GLU E 89 11.25 34.05 4.36
C GLU E 89 10.04 33.33 4.95
N ASP E 90 9.96 32.03 4.72
CA ASP E 90 8.97 31.21 5.41
C ASP E 90 9.42 30.79 6.80
N THR E 91 10.62 31.17 7.20
CA THR E 91 11.19 30.74 8.48
C THR E 91 10.45 31.46 9.60
N ALA E 92 9.43 30.81 10.15
CA ALA E 92 8.56 31.48 11.11
C ALA E 92 7.93 30.46 12.04
N VAL E 93 7.35 30.97 13.13
CA VAL E 93 6.73 30.13 14.17
C VAL E 93 5.23 30.09 13.91
N TYR E 94 4.71 28.91 13.62
CA TYR E 94 3.29 28.73 13.33
C TYR E 94 2.51 28.43 14.60
N TYR E 95 1.20 28.65 14.53
CA TYR E 95 0.26 28.31 15.60
C TYR E 95 -1.13 28.09 15.01
N CYS E 96 -1.85 27.11 15.54
CA CYS E 96 -3.22 26.84 15.15
C CYS E 96 -4.18 27.43 16.19
N SER E 97 -5.33 27.90 15.74
CA SER E 97 -6.26 28.58 16.66
C SER E 97 -7.69 28.40 16.20
N ARG E 98 -8.59 29.10 16.87
CA ARG E 98 -10.03 28.84 16.81
C ARG E 98 -10.77 30.17 16.78
N TRP E 99 -11.98 30.13 16.22
CA TRP E 99 -12.96 31.19 16.45
C TRP E 99 -14.27 30.66 17.01
N GLY E 100 -14.19 29.81 18.03
CA GLY E 100 -15.34 29.20 18.65
C GLY E 100 -16.27 30.20 19.32
N GLY E 101 -17.41 30.43 18.70
CA GLY E 101 -18.33 31.46 19.15
C GLY E 101 -18.65 32.43 18.04
N ASP E 102 -19.93 32.55 17.71
CA ASP E 102 -20.37 33.41 16.63
C ASP E 102 -20.22 34.89 16.96
N GLY E 103 -20.09 35.23 18.23
CA GLY E 103 -19.67 36.57 18.59
C GLY E 103 -18.20 36.54 18.93
N PHE E 104 -17.75 35.41 19.46
CA PHE E 104 -16.37 35.27 19.91
C PHE E 104 -15.48 35.11 18.69
N TYR E 105 -15.11 36.24 18.11
CA TYR E 105 -14.18 36.24 17.00
C TYR E 105 -12.78 36.56 17.49
N ALA E 106 -12.29 35.67 18.34
CA ALA E 106 -10.99 35.84 18.97
C ALA E 106 -10.30 34.50 19.07
N MET E 107 -8.98 34.55 19.24
CA MET E 107 -8.13 33.36 19.27
C MET E 107 -7.37 33.39 20.59
N ASP E 108 -8.01 32.91 21.65
CA ASP E 108 -7.32 32.75 22.91
C ASP E 108 -6.92 31.32 23.19
N TYR E 109 -7.53 30.35 22.52
CA TYR E 109 -7.18 28.96 22.69
C TYR E 109 -6.41 28.50 21.48
N TRP E 110 -5.35 27.73 21.72
CA TRP E 110 -4.32 27.49 20.75
C TRP E 110 -3.91 26.03 20.86
N GLY E 111 -2.78 25.70 20.26
CA GLY E 111 -2.14 24.43 20.54
C GLY E 111 -0.78 24.67 21.15
N GLN E 112 0.28 24.32 20.42
CA GLN E 112 1.63 24.57 20.87
C GLN E 112 2.55 25.12 19.80
N GLY E 113 2.27 24.91 18.52
CA GLY E 113 3.14 25.35 17.47
C GLY E 113 4.34 24.46 17.25
N THR E 114 4.65 24.17 15.99
CA THR E 114 5.89 23.52 15.62
C THR E 114 6.63 24.46 14.68
N LEU E 115 7.88 24.77 15.03
CA LEU E 115 8.67 25.72 14.24
C LEU E 115 9.00 25.15 12.87
N VAL E 116 8.78 25.95 11.84
CA VAL E 116 9.03 25.55 10.47
C VAL E 116 10.12 26.48 9.97
N THR E 117 11.37 26.08 10.17
CA THR E 117 12.54 26.86 9.74
C THR E 117 13.13 26.32 8.43
N VAL E 118 12.29 26.29 7.39
CA VAL E 118 12.67 25.75 6.09
C VAL E 118 13.70 26.67 5.43
N SER E 119 14.86 26.10 5.08
CA SER E 119 15.93 26.81 4.41
C SER E 119 16.88 25.80 3.79
N SER E 120 18.06 26.28 3.37
CA SER E 120 18.99 25.53 2.55
C SER E 120 19.73 24.40 3.28
N ALA E 121 19.43 24.17 4.57
CA ALA E 121 19.92 23.04 5.37
C ALA E 121 21.45 23.03 5.47
N SER E 122 21.99 24.08 6.11
CA SER E 122 23.41 24.10 6.45
C SER E 122 23.71 23.03 7.49
N THR E 123 24.79 22.29 7.26
CA THR E 123 25.09 21.09 8.05
C THR E 123 26.34 21.36 8.86
N LYS E 124 26.15 21.96 10.04
CA LYS E 124 27.22 22.29 10.98
C LYS E 124 26.62 22.67 12.32
N GLY E 125 27.28 22.26 13.40
CA GLY E 125 26.89 22.66 14.74
C GLY E 125 28.04 23.24 15.54
N PRO E 126 27.85 23.34 16.87
CA PRO E 126 28.80 24.11 17.69
C PRO E 126 30.15 23.48 17.94
N SER E 127 30.93 24.13 18.79
CA SER E 127 32.30 23.72 19.08
C SER E 127 32.59 24.12 20.51
N VAL E 128 32.61 23.14 21.41
CA VAL E 128 32.68 23.38 22.84
C VAL E 128 33.99 22.80 23.35
N PHE E 129 34.86 23.66 23.89
CA PHE E 129 36.22 23.24 24.16
C PHE E 129 36.80 23.82 25.45
N PRO E 130 37.59 23.03 26.20
CA PRO E 130 37.84 23.34 27.61
C PRO E 130 38.88 24.41 27.90
N LEU E 131 39.14 24.62 29.18
CA LEU E 131 40.22 25.48 29.67
C LEU E 131 40.83 24.82 30.90
N ALA E 132 41.61 25.59 31.66
CA ALA E 132 42.12 25.12 32.95
C ALA E 132 41.38 25.82 34.08
N PRO E 133 40.48 25.14 34.79
CA PRO E 133 39.69 25.81 35.83
C PRO E 133 40.45 26.00 37.12
N SER E 134 40.29 27.19 37.71
CA SER E 134 40.87 27.54 38.99
C SER E 134 40.12 28.73 39.55
N SER E 135 40.66 29.32 40.61
CA SER E 135 40.09 30.53 41.19
C SER E 135 41.16 31.53 41.60
N LYS E 136 42.34 31.50 40.98
CA LYS E 136 43.45 32.32 41.43
C LYS E 136 43.33 33.76 40.94
N SER E 137 43.12 33.94 39.64
CA SER E 137 43.30 35.24 38.98
C SER E 137 41.99 35.92 38.65
N THR E 138 41.01 35.89 39.56
CA THR E 138 39.73 36.56 39.34
C THR E 138 39.94 38.07 39.32
N SER E 139 39.69 38.69 38.16
CA SER E 139 39.77 40.14 38.02
C SER E 139 38.48 40.76 38.57
N GLY E 140 38.43 40.82 39.89
CA GLY E 140 37.18 41.09 40.58
C GLY E 140 36.87 39.92 41.47
N GLY E 141 35.66 39.37 41.37
CA GLY E 141 35.31 38.22 42.18
C GLY E 141 34.43 37.20 41.49
N THR E 142 34.47 37.15 40.16
CA THR E 142 33.58 36.24 39.44
C THR E 142 34.29 35.65 38.24
N ALA E 143 34.25 34.34 38.13
CA ALA E 143 34.72 33.58 36.97
C ALA E 143 33.52 33.08 36.19
N ALA E 144 33.78 32.25 35.19
CA ALA E 144 32.78 31.90 34.20
C ALA E 144 32.66 30.39 34.05
N LEU E 145 31.47 29.92 33.68
CA LEU E 145 31.21 28.52 33.36
C LEU E 145 29.98 28.46 32.47
N GLY E 146 30.06 27.68 31.38
CA GLY E 146 28.97 27.67 30.42
C GLY E 146 29.33 26.91 29.17
N CYS E 147 28.40 26.94 28.21
CA CYS E 147 28.58 26.34 26.89
C CYS E 147 27.85 27.20 25.88
N LEU E 148 28.57 27.84 24.95
CA LEU E 148 27.91 28.69 23.96
C LEU E 148 27.71 27.94 22.65
N VAL E 149 26.61 28.27 21.97
CA VAL E 149 26.19 27.57 20.76
C VAL E 149 26.59 28.44 19.58
N LYS E 150 27.44 27.92 18.70
CA LYS E 150 27.93 28.65 17.54
C LYS E 150 27.77 27.74 16.31
N ASP E 151 28.05 28.29 15.12
CA ASP E 151 28.29 27.53 13.89
C ASP E 151 27.09 26.71 13.46
N TYR E 152 25.89 27.18 13.78
CA TYR E 152 24.70 26.35 13.64
C TYR E 152 23.65 27.08 12.81
N PHE E 153 23.00 26.35 11.95
CA PHE E 153 21.87 26.85 11.17
C PHE E 153 21.00 25.69 10.73
N PRO E 154 19.74 25.61 11.19
CA PRO E 154 18.98 26.44 12.15
C PRO E 154 19.34 26.19 13.60
N GLU E 155 18.42 26.48 14.50
CA GLU E 155 18.68 26.36 15.94
C GLU E 155 17.92 25.20 16.58
N PRO E 156 18.47 23.98 16.59
CA PRO E 156 18.19 23.06 17.71
C PRO E 156 19.26 23.19 18.77
N VAL E 157 18.86 23.23 20.04
CA VAL E 157 19.79 23.40 21.15
C VAL E 157 19.56 22.30 22.16
N THR E 158 20.61 21.56 22.50
CA THR E 158 20.62 20.66 23.64
C THR E 158 21.88 21.00 24.43
N VAL E 159 21.81 22.03 25.26
CA VAL E 159 22.92 22.39 26.15
C VAL E 159 22.50 22.04 27.56
N SER E 160 23.13 21.03 28.12
CA SER E 160 22.68 20.39 29.35
C SER E 160 23.40 20.97 30.55
N TRP E 161 22.71 21.04 31.68
CA TRP E 161 23.30 21.23 33.01
C TRP E 161 22.84 20.05 33.86
N ASN E 162 23.59 18.94 33.75
CA ASN E 162 23.26 17.63 34.30
C ASN E 162 21.85 17.19 33.85
N SER E 163 21.74 17.00 32.53
CA SER E 163 20.53 16.50 31.86
C SER E 163 19.32 17.41 32.10
N GLY E 164 19.55 18.72 32.06
CA GLY E 164 18.47 19.67 32.21
C GLY E 164 17.92 19.81 33.61
N ALA E 165 18.65 19.35 34.63
CA ALA E 165 18.19 19.49 36.01
C ALA E 165 18.44 20.87 36.59
N LEU E 166 19.14 21.75 35.87
CA LEU E 166 19.34 23.14 36.28
C LEU E 166 18.99 24.01 35.08
N THR E 167 17.71 24.40 34.99
CA THR E 167 17.21 25.27 33.93
C THR E 167 17.28 26.75 34.32
N SER E 168 18.21 27.11 35.19
CA SER E 168 18.29 28.47 35.70
C SER E 168 19.00 29.40 34.72
N GLY E 169 18.24 30.00 33.82
CA GLY E 169 18.74 31.12 33.03
C GLY E 169 19.73 30.82 31.92
N VAL E 170 19.29 30.09 30.90
CA VAL E 170 20.07 29.95 29.67
C VAL E 170 20.05 31.30 28.97
N HIS E 171 21.20 31.98 28.98
CA HIS E 171 21.24 33.35 28.48
C HIS E 171 21.28 33.37 26.96
N THR E 172 21.20 34.57 26.40
CA THR E 172 20.95 34.73 24.98
C THR E 172 21.87 35.80 24.41
N PHE E 173 22.62 35.44 23.37
CA PHE E 173 23.48 36.38 22.65
C PHE E 173 22.96 36.49 21.22
N PRO E 174 21.71 37.01 21.04
CA PRO E 174 20.84 36.66 19.89
C PRO E 174 21.47 36.45 18.52
N ALA E 175 21.09 35.32 17.89
CA ALA E 175 21.74 34.65 16.76
C ALA E 175 22.17 35.57 15.63
N VAL E 176 23.47 35.60 15.36
CA VAL E 176 24.05 36.56 14.44
C VAL E 176 24.29 35.88 13.10
N LEU E 177 24.60 36.66 12.08
CA LEU E 177 24.79 36.13 10.74
C LEU E 177 26.25 35.75 10.54
N GLN E 178 26.51 34.46 10.42
CA GLN E 178 27.82 33.97 10.02
C GLN E 178 27.80 33.78 8.49
N SER E 179 28.77 33.02 7.96
CA SER E 179 29.02 32.97 6.53
C SER E 179 27.85 32.32 5.78
N SER E 180 27.52 31.08 6.13
CA SER E 180 26.46 30.34 5.43
C SER E 180 25.13 30.47 6.14
N GLY E 181 24.88 31.62 6.74
CA GLY E 181 23.70 31.76 7.55
C GLY E 181 23.80 31.10 8.90
N LEU E 182 25.00 30.68 9.31
CA LEU E 182 25.16 30.06 10.62
C LEU E 182 24.96 31.10 11.72
N TYR E 183 24.65 30.61 12.90
CA TYR E 183 24.17 31.47 13.97
C TYR E 183 25.07 31.39 15.19
N SER E 184 24.82 32.32 16.12
CA SER E 184 25.50 32.33 17.40
C SER E 184 24.63 33.11 18.39
N LEU E 185 23.95 32.39 19.27
CA LEU E 185 23.43 33.00 20.49
C LEU E 185 23.88 32.18 21.69
N SER E 186 23.74 32.76 22.87
CA SER E 186 24.33 32.22 24.08
C SER E 186 23.61 30.97 24.56
N SER E 187 24.35 30.16 25.30
CA SER E 187 23.78 29.31 26.32
C SER E 187 24.78 29.31 27.47
N VAL E 188 25.80 30.14 27.36
CA VAL E 188 26.70 30.40 28.48
C VAL E 188 25.91 31.16 29.55
N VAL E 189 25.67 30.50 30.67
CA VAL E 189 24.92 31.10 31.76
C VAL E 189 25.83 32.01 32.57
N THR E 190 25.37 33.23 32.81
CA THR E 190 25.97 34.09 33.81
C THR E 190 25.84 33.42 35.18
N VAL E 191 26.97 33.21 35.85
CA VAL E 191 26.97 32.46 37.10
C VAL E 191 27.54 33.35 38.19
N PRO E 192 27.18 33.09 39.44
CA PRO E 192 27.94 33.66 40.57
C PRO E 192 29.24 32.91 40.78
N SER E 193 29.92 33.23 41.88
CA SER E 193 31.07 32.44 42.32
C SER E 193 30.66 31.29 43.23
N SER E 194 29.44 30.77 43.07
CA SER E 194 28.90 29.72 43.93
C SER E 194 28.75 28.37 43.25
N SER E 195 28.52 28.34 41.94
CA SER E 195 28.33 27.09 41.21
C SER E 195 29.61 26.60 40.52
N LEU E 196 30.77 27.16 40.88
CA LEU E 196 32.04 26.73 40.31
C LEU E 196 32.46 25.39 40.91
N GLY E 197 32.51 24.36 40.08
CA GLY E 197 32.98 23.05 40.50
C GLY E 197 31.99 22.21 41.28
N THR E 198 30.82 22.76 41.64
CA THR E 198 29.81 21.96 42.33
C THR E 198 29.13 21.00 41.36
N GLN E 199 28.77 21.48 40.18
CA GLN E 199 28.21 20.65 39.12
C GLN E 199 29.09 20.74 37.88
N THR E 200 29.19 19.63 37.18
CA THR E 200 29.98 19.58 35.95
C THR E 200 29.24 20.29 34.82
N TYR E 201 29.98 20.61 33.77
CA TYR E 201 29.52 21.58 32.78
C TYR E 201 29.11 20.88 31.49
N ILE E 202 28.76 19.60 31.61
CA ILE E 202 28.62 18.67 30.48
C ILE E 202 27.46 19.09 29.60
N CYS E 203 27.77 19.39 28.34
CA CYS E 203 26.81 19.84 27.34
C CYS E 203 27.05 19.10 26.03
N ASN E 204 26.01 18.48 25.50
CA ASN E 204 26.11 17.66 24.28
C ASN E 204 24.98 18.07 23.35
N VAL E 205 25.31 18.83 22.31
CA VAL E 205 24.31 19.50 21.48
C VAL E 205 23.81 18.53 20.41
N ASN E 206 22.54 18.16 20.50
CA ASN E 206 21.91 17.28 19.52
C ASN E 206 21.40 18.14 18.36
N HIS E 207 22.35 18.73 17.64
CA HIS E 207 22.06 19.69 16.57
C HIS E 207 21.58 18.94 15.34
N LYS E 208 20.26 18.81 15.23
CA LYS E 208 19.47 18.06 14.24
C LYS E 208 19.97 18.12 12.79
N PRO E 209 20.54 19.22 12.27
CA PRO E 209 21.25 19.11 10.99
C PRO E 209 22.52 18.28 11.04
N SER E 210 23.22 18.21 12.18
CA SER E 210 24.49 17.51 12.25
C SER E 210 24.66 16.60 13.46
N ASN E 211 23.90 16.81 14.54
CA ASN E 211 24.11 16.19 15.85
C ASN E 211 25.55 16.40 16.34
N THR E 212 25.90 17.68 16.51
CA THR E 212 27.26 18.05 16.90
C THR E 212 27.39 18.02 18.42
N LYS E 213 27.36 16.79 18.96
CA LYS E 213 27.63 16.59 20.39
C LYS E 213 29.13 16.52 20.56
N VAL E 214 29.77 17.67 20.74
CA VAL E 214 31.16 17.67 21.17
C VAL E 214 31.12 17.29 22.64
N ASP E 215 31.44 16.03 22.94
CA ASP E 215 31.33 15.50 24.30
C ASP E 215 32.41 16.11 25.17
N LYS E 216 32.21 17.37 25.54
CA LYS E 216 33.27 18.22 26.07
C LYS E 216 32.60 19.45 26.65
N LYS E 217 33.16 19.97 27.72
CA LYS E 217 32.65 21.15 28.38
C LYS E 217 33.71 22.23 28.38
N VAL E 218 33.27 23.49 28.36
CA VAL E 218 34.16 24.61 28.62
C VAL E 218 34.32 24.69 30.13
N GLU E 219 35.54 24.57 30.61
CA GLU E 219 35.74 24.55 32.06
C GLU E 219 36.69 25.64 32.55
N PRO E 220 36.19 26.87 32.75
CA PRO E 220 37.05 27.86 33.40
C PRO E 220 36.89 27.80 34.92
C1 NAG F . 12.90 -5.65 -31.37
C2 NAG F . 12.31 -5.56 -32.78
C3 NAG F . 11.77 -4.17 -33.07
C4 NAG F . 12.79 -3.07 -32.78
C5 NAG F . 13.60 -3.38 -31.53
C6 NAG F . 13.76 -2.19 -30.62
C7 NAG F . 13.60 -7.21 -34.06
C8 NAG F . 14.66 -7.40 -35.09
N2 NAG F . 13.31 -5.93 -33.77
O3 NAG F . 10.61 -3.95 -32.28
O4 NAG F . 13.66 -2.84 -33.88
O5 NAG F . 12.89 -4.37 -30.77
O6 NAG F . 13.26 -2.48 -29.31
O7 NAG F . 13.03 -8.14 -33.51
C1 NAG F . 12.93 -2.08 -34.86
C2 NAG F . 13.45 -0.63 -34.96
C3 NAG F . 12.71 0.13 -36.05
C4 NAG F . 12.76 -0.63 -37.38
C5 NAG F . 12.32 -2.08 -37.20
C6 NAG F . 12.54 -2.92 -38.44
C7 NAG F . 12.31 0.40 -32.96
C8 NAG F . 12.56 1.15 -31.70
N2 NAG F . 13.40 0.09 -33.69
O3 NAG F . 13.28 1.43 -36.18
O4 NAG F . 11.87 0.00 -38.29
O5 NAG F . 13.06 -2.71 -36.15
O6 NAG F . 13.92 -2.98 -38.76
O7 NAG F . 11.17 0.06 -33.30
C1 BMA F . 12.60 0.68 -39.33
C2 BMA F . 11.92 0.33 -40.64
C3 BMA F . 12.56 1.11 -41.81
C4 BMA F . 12.67 2.61 -41.48
C5 BMA F . 13.31 2.85 -40.12
C6 BMA F . 13.24 4.31 -39.72
O2 BMA F . 10.56 0.74 -40.59
O3 BMA F . 11.81 0.99 -43.02
O4 BMA F . 13.47 3.26 -42.46
O5 BMA F . 12.58 2.08 -39.13
O6 BMA F . 11.93 4.77 -39.99
C1 MAN F . 11.68 -0.35 -43.51
C2 MAN F . 12.00 -0.33 -44.99
C3 MAN F . 11.00 0.59 -45.71
C4 MAN F . 9.53 0.24 -45.37
C5 MAN F . 9.38 0.16 -43.83
C6 MAN F . 8.01 -0.28 -43.39
O2 MAN F . 11.83 -1.60 -45.59
O3 MAN F . 11.20 0.57 -47.13
O4 MAN F . 8.65 1.23 -45.87
O5 MAN F . 10.36 -0.77 -43.33
O6 MAN F . 7.11 0.79 -43.65
C1 NAG G . -17.05 -5.44 -56.49
C2 NAG G . -18.26 -4.61 -56.95
C3 NAG G . -18.83 -5.17 -58.25
C4 NAG G . -17.75 -5.29 -59.31
C5 NAG G . -16.58 -6.13 -58.77
C6 NAG G . -15.41 -6.20 -59.72
C7 NAG G . -20.11 -3.52 -55.74
C8 NAG G . -21.11 -3.65 -54.64
N2 NAG G . -19.30 -4.56 -55.92
O3 NAG G . -19.87 -4.33 -58.74
O4 NAG G . -18.29 -5.92 -60.46
O5 NAG G . -16.09 -5.53 -57.56
O6 NAG G . -14.32 -6.94 -59.15
O7 NAG G . -20.03 -2.51 -56.43
C1 NAG H . -14.08 -34.64 -49.05
C2 NAG H . -14.23 -35.10 -47.59
C3 NAG H . -15.70 -35.23 -47.22
C4 NAG H . -16.40 -36.23 -48.12
C5 NAG H . -16.03 -36.02 -49.59
C6 NAG H . -17.22 -35.99 -50.51
C7 NAG H . -12.23 -36.46 -47.14
C8 NAG H . -11.70 -37.85 -46.92
N2 NAG H . -13.53 -36.36 -47.36
O3 NAG H . -16.34 -33.97 -47.34
O4 NAG H . -16.05 -37.56 -47.73
O5 NAG H . -15.36 -34.76 -49.73
O6 NAG H . -18.18 -35.02 -50.08
O7 NAG H . -11.50 -35.48 -47.12
C1 NAG I . -31.51 52.14 -6.21
C2 NAG I . -31.79 52.08 -4.68
C3 NAG I . -33.27 51.75 -4.38
C4 NAG I . -34.21 52.61 -5.21
C5 NAG I . -33.83 52.56 -6.67
C6 NAG I . -34.67 53.45 -7.54
C7 NAG I . -30.49 49.98 -3.81
C8 NAG I . -31.19 48.98 -4.72
N2 NAG I . -30.83 51.30 -3.87
O3 NAG I . -33.53 51.94 -2.98
O4 NAG I . -35.55 52.15 -5.05
O5 NAG I . -32.48 52.99 -6.85
O6 NAG I . -33.92 53.97 -8.63
O7 NAG I . -29.64 49.60 -3.03
C1 NAG J . -12.99 26.27 -23.02
C2 NAG J . -11.80 25.53 -22.42
C3 NAG J . -10.81 26.53 -21.80
C4 NAG J . -10.44 27.63 -22.79
C5 NAG J . -11.71 28.29 -23.32
C6 NAG J . -11.43 29.34 -24.37
C7 NAG J . -12.31 23.26 -21.67
C8 NAG J . -12.79 22.41 -20.53
N2 NAG J . -12.23 24.57 -21.43
O3 NAG J . -9.64 25.83 -21.40
O4 NAG J . -9.64 28.62 -22.14
O5 NAG J . -12.54 27.30 -23.93
O6 NAG J . -10.95 30.54 -23.79
O7 NAG J . -12.01 22.78 -22.76
C1 NAG K . -21.42 35.60 33.20
C2 NAG K . -21.48 34.50 34.30
C3 NAG K . -21.42 33.11 33.67
C4 NAG K . -22.49 32.97 32.60
C5 NAG K . -22.35 34.07 31.56
C6 NAG K . -23.44 34.05 30.53
C7 NAG K . -20.48 34.25 36.54
C8 NAG K . -19.28 34.52 37.39
N2 NAG K . -20.42 34.68 35.27
O3 NAG K . -21.60 32.11 34.66
O4 NAG K . -22.37 31.71 31.95
O5 NAG K . -22.43 35.35 32.22
O6 NAG K . -24.36 35.12 30.72
O7 NAG K . -21.46 33.65 36.97
#